data_6H77
#
_entry.id   6H77
#
_cell.length_a   87.110
_cell.length_b   105.520
_cell.length_c   93.880
_cell.angle_alpha   90.00
_cell.angle_beta   102.29
_cell.angle_gamma   90.00
#
_symmetry.space_group_name_H-M   'P 1 21 1'
#
loop_
_entity.id
_entity.type
_entity.pdbx_description
1 polymer 'Ubiquitin-like modifier-activating enzyme 5'
2 polymer 'Ubiquitin-fold modifier 1'
3 non-polymer "ADENOSINE-5'-TRIPHOSPHATE"
4 non-polymer 'MAGNESIUM ION'
5 non-polymer 'ZINC ION'
6 non-polymer 1,2-ETHANEDIOL
7 non-polymer DI(HYDROXYETHYL)ETHER
8 water water
#
loop_
_entity_poly.entity_id
_entity_poly.type
_entity_poly.pdbx_seq_one_letter_code
_entity_poly.pdbx_strand_id
1 'polypeptide(L)'
;GRVRIEKMSSEVVDSNPYSRLMALKRMGIVSDYEKIRTFAVAIVGVGGVGSVTAEMLTRCGIGKLLLFDYDKVELANMNR
LFFQPHQAGLSKVQAAEHTLRNINPDVLFEVHNYNITTVENFQHFMDRISNGGLEEGKPVDLVLSCVDNFEARMTINTAC
NELGQTWMESGVSENAVSGHIQLIIPGESACFACAPPLVVAANIDEKTLKREGVCAASLPTTMGVVAGILVQNVLKFLLN
FGTVSFYLGYNAMQDFFPTMSMKPNPQCDDRNCRKQQEEYKKKVAALPKQEVIQEEEEIIHEDNEWGIELV
;
A,B,C,D
2 'polypeptide(L)' MSKVSFKITLTSDPRLPYKVLSVPESTPFTAVLKFAAEEFKVPAATSAIITNDGIGINPAQTAGNVFLKHGSELRIIP Q,R,S,T
#
loop_
_chem_comp.id
_chem_comp.type
_chem_comp.name
_chem_comp.formula
ATP non-polymer ADENOSINE-5'-TRIPHOSPHATE 'C10 H16 N5 O13 P3'
EDO non-polymer 1,2-ETHANEDIOL 'C2 H6 O2'
MG non-polymer 'MAGNESIUM ION' 'Mg 2'
PEG non-polymer DI(HYDROXYETHYL)ETHER 'C4 H10 O3'
ZN non-polymer 'ZINC ION' 'Zn 2'
#
# COMPACT_ATOMS: atom_id res chain seq x y z
N GLY A 1 2.29 -24.18 31.22
CA GLY A 1 2.11 -24.07 29.75
C GLY A 1 3.37 -23.55 29.05
N ARG A 2 3.53 -23.93 27.77
CA ARG A 2 4.65 -23.51 26.95
C ARG A 2 4.14 -22.56 25.87
N VAL A 3 5.05 -21.70 25.37
CA VAL A 3 4.83 -21.05 24.08
C VAL A 3 5.71 -21.72 23.01
N ARG A 4 5.11 -22.04 21.85
CA ARG A 4 5.86 -22.55 20.71
C ARG A 4 6.79 -21.45 20.21
N ILE A 5 7.98 -21.84 19.73
CA ILE A 5 8.98 -20.94 19.18
C ILE A 5 9.32 -21.44 17.78
N GLU A 6 9.04 -20.61 16.76
CA GLU A 6 9.18 -20.99 15.36
CA GLU A 6 9.18 -20.99 15.36
C GLU A 6 10.65 -20.92 14.94
N LYS A 7 10.97 -21.58 13.82
CA LYS A 7 12.36 -21.63 13.36
C LYS A 7 12.79 -20.61 12.30
N MET A 8 13.55 -19.64 12.79
CA MET A 8 14.18 -18.61 11.97
C MET A 8 15.27 -19.26 11.13
N SER A 9 15.23 -19.04 9.80
CA SER A 9 16.16 -19.67 8.87
CA SER A 9 16.16 -19.68 8.88
C SER A 9 17.34 -18.80 8.46
N SER A 10 18.52 -19.43 8.36
CA SER A 10 19.78 -18.84 7.95
C SER A 10 19.88 -18.77 6.43
N GLU A 11 18.92 -19.36 5.72
CA GLU A 11 19.07 -19.55 4.28
C GLU A 11 19.20 -18.20 3.57
N VAL A 12 20.30 -18.04 2.83
CA VAL A 12 20.55 -16.79 2.12
C VAL A 12 19.82 -16.82 0.78
N VAL A 13 18.52 -16.49 0.81
CA VAL A 13 17.69 -16.36 -0.38
C VAL A 13 16.90 -15.06 -0.30
N ASP A 14 16.47 -14.54 -1.45
CA ASP A 14 15.72 -13.29 -1.58
C ASP A 14 14.41 -13.29 -0.80
N SER A 15 13.90 -14.47 -0.46
CA SER A 15 12.56 -14.55 0.07
C SER A 15 12.60 -14.65 1.59
N ASN A 16 13.82 -14.71 2.16
CA ASN A 16 14.03 -14.92 3.59
C ASN A 16 14.31 -13.60 4.30
N PRO A 17 13.33 -13.02 5.04
CA PRO A 17 13.52 -11.72 5.70
C PRO A 17 14.49 -11.76 6.88
N TYR A 18 14.89 -12.97 7.29
CA TYR A 18 15.83 -13.10 8.39
C TYR A 18 17.25 -13.44 7.93
N SER A 19 17.46 -13.54 6.60
CA SER A 19 18.76 -13.92 6.09
C SER A 19 19.87 -12.96 6.53
N ARG A 20 19.64 -11.64 6.42
CA ARG A 20 20.67 -10.67 6.77
C ARG A 20 20.82 -10.51 8.29
N LEU A 21 19.87 -11.03 9.07
CA LEU A 21 19.93 -10.99 10.53
C LEU A 21 20.70 -12.21 11.02
N MET A 22 20.34 -13.38 10.52
CA MET A 22 20.99 -14.63 10.88
C MET A 22 22.47 -14.64 10.43
N ALA A 23 22.80 -13.80 9.45
CA ALA A 23 24.21 -13.67 9.05
C ALA A 23 25.08 -13.14 10.19
N LEU A 24 24.47 -12.72 11.30
CA LEU A 24 25.24 -12.22 12.44
C LEU A 24 25.98 -13.36 13.12
N LYS A 25 25.51 -14.61 12.94
CA LYS A 25 26.25 -15.76 13.45
C LYS A 25 27.54 -15.93 12.66
N ARG A 26 27.42 -16.19 11.35
CA ARG A 26 28.54 -16.30 10.45
C ARG A 26 29.55 -15.18 10.69
N MET A 27 29.08 -13.95 10.88
CA MET A 27 30.00 -12.84 11.06
C MET A 27 30.52 -12.79 12.50
N GLY A 28 30.15 -13.77 13.32
CA GLY A 28 30.60 -13.91 14.71
C GLY A 28 30.22 -12.75 15.64
N ILE A 29 29.09 -12.07 15.39
CA ILE A 29 28.68 -10.98 16.28
C ILE A 29 27.74 -11.53 17.34
N VAL A 30 26.74 -12.28 16.91
CA VAL A 30 25.73 -12.84 17.80
C VAL A 30 25.62 -14.31 17.45
N SER A 31 25.98 -15.18 18.39
CA SER A 31 25.98 -16.61 18.16
C SER A 31 24.56 -17.17 18.09
N ASP A 32 23.64 -16.63 18.91
CA ASP A 32 22.28 -17.15 19.00
C ASP A 32 21.23 -16.08 18.67
N TYR A 33 21.23 -15.62 17.42
CA TYR A 33 20.32 -14.54 17.04
C TYR A 33 18.85 -14.90 17.26
N GLU A 34 18.45 -16.13 16.87
CA GLU A 34 17.07 -16.58 16.89
C GLU A 34 16.42 -16.43 18.26
N LYS A 35 17.22 -16.32 19.32
CA LYS A 35 16.73 -16.08 20.67
C LYS A 35 15.87 -14.83 20.79
N ILE A 36 15.99 -13.88 19.85
CA ILE A 36 15.21 -12.64 19.81
C ILE A 36 13.70 -12.95 19.83
N ARG A 37 13.30 -14.10 19.23
CA ARG A 37 11.92 -14.54 19.12
C ARG A 37 11.34 -14.91 20.48
N THR A 38 12.21 -15.12 21.48
CA THR A 38 11.75 -15.57 22.78
C THR A 38 11.46 -14.39 23.71
N PHE A 39 11.65 -13.15 23.25
CA PHE A 39 11.50 -12.02 24.18
C PHE A 39 10.27 -11.18 23.87
N ALA A 40 9.73 -10.53 24.91
CA ALA A 40 8.63 -9.58 24.81
C ALA A 40 9.10 -8.23 25.37
N VAL A 41 8.75 -7.13 24.67
CA VAL A 41 9.16 -5.80 25.08
C VAL A 41 7.91 -4.91 25.12
N ALA A 42 7.77 -4.13 26.21
CA ALA A 42 6.70 -3.16 26.31
C ALA A 42 7.24 -1.78 25.96
N ILE A 43 6.49 -1.03 25.14
CA ILE A 43 6.88 0.32 24.76
C ILE A 43 5.78 1.26 25.18
N VAL A 44 6.14 2.23 26.02
CA VAL A 44 5.21 3.26 26.41
C VAL A 44 5.58 4.52 25.64
N GLY A 45 4.63 4.98 24.83
CA GLY A 45 4.80 6.14 23.99
C GLY A 45 5.23 5.66 22.59
N VAL A 46 4.30 5.74 21.64
CA VAL A 46 4.58 5.31 20.27
C VAL A 46 4.53 6.56 19.38
N GLY A 47 5.32 7.56 19.79
CA GLY A 47 5.48 8.81 19.08
C GLY A 47 6.77 8.77 18.26
N GLY A 48 7.47 9.91 18.23
CA GLY A 48 8.70 10.09 17.47
C GLY A 48 9.71 8.96 17.67
N VAL A 49 10.10 8.72 18.92
CA VAL A 49 11.08 7.70 19.21
C VAL A 49 10.42 6.32 19.25
N GLY A 50 9.25 6.23 19.89
CA GLY A 50 8.65 4.94 20.19
C GLY A 50 8.18 4.19 18.94
N SER A 51 7.67 4.94 17.95
CA SER A 51 7.20 4.31 16.72
C SER A 51 8.38 3.63 15.96
N VAL A 52 9.50 4.36 15.82
CA VAL A 52 10.67 3.84 15.14
C VAL A 52 11.26 2.67 15.93
N THR A 53 11.27 2.80 17.26
CA THR A 53 11.70 1.74 18.15
C THR A 53 10.90 0.44 17.91
N ALA A 54 9.58 0.57 17.83
CA ALA A 54 8.69 -0.56 17.60
C ALA A 54 8.97 -1.18 16.23
N GLU A 55 9.15 -0.34 15.21
CA GLU A 55 9.47 -0.86 13.88
C GLU A 55 10.80 -1.62 13.88
N MET A 56 11.83 -1.05 14.51
CA MET A 56 13.14 -1.69 14.49
C MET A 56 13.06 -3.05 15.18
N LEU A 57 12.32 -3.13 16.29
CA LEU A 57 12.19 -4.39 17.02
C LEU A 57 11.37 -5.39 16.22
N THR A 58 10.37 -4.89 15.50
CA THR A 58 9.50 -5.72 14.66
C THR A 58 10.33 -6.32 13.53
N ARG A 59 11.17 -5.49 12.90
CA ARG A 59 12.00 -5.97 11.80
C ARG A 59 13.06 -6.95 12.28
N CYS A 60 13.47 -6.85 13.55
CA CYS A 60 14.46 -7.76 14.10
C CYS A 60 13.85 -9.13 14.39
N GLY A 61 12.51 -9.19 14.53
CA GLY A 61 11.81 -10.44 14.82
C GLY A 61 11.63 -10.71 16.33
N ILE A 62 11.51 -9.65 17.13
CA ILE A 62 11.16 -9.75 18.55
C ILE A 62 9.92 -10.65 18.67
N GLY A 63 9.85 -11.43 19.76
CA GLY A 63 8.71 -12.31 19.98
C GLY A 63 7.38 -11.53 20.13
N LYS A 64 7.37 -10.50 20.97
CA LYS A 64 6.13 -9.77 21.20
C LYS A 64 6.43 -8.30 21.54
N LEU A 65 5.56 -7.40 21.06
CA LEU A 65 5.55 -6.01 21.51
C LEU A 65 4.23 -5.69 22.21
N LEU A 66 4.30 -4.96 23.33
CA LEU A 66 3.15 -4.34 23.99
C LEU A 66 3.27 -2.85 23.81
N LEU A 67 2.25 -2.22 23.24
CA LEU A 67 2.32 -0.80 22.95
C LEU A 67 1.30 -0.06 23.82
N PHE A 68 1.75 1.05 24.43
CA PHE A 68 0.88 1.89 25.22
C PHE A 68 0.99 3.31 24.70
N ASP A 69 -0.14 3.90 24.32
CA ASP A 69 -0.22 5.31 23.95
C ASP A 69 -1.72 5.61 23.93
N TYR A 70 -2.07 6.86 24.24
CA TYR A 70 -3.48 7.23 24.25
C TYR A 70 -3.74 8.25 23.17
N ASP A 71 -2.69 8.68 22.45
CA ASP A 71 -2.78 9.79 21.48
C ASP A 71 -3.20 9.29 20.10
N LYS A 72 -3.56 10.27 19.24
CA LYS A 72 -3.90 10.01 17.83
C LYS A 72 -2.85 10.59 16.89
N VAL A 73 -2.72 9.99 15.70
CA VAL A 73 -1.78 10.48 14.70
C VAL A 73 -2.30 11.83 14.20
N GLU A 74 -1.45 12.84 14.07
CA GLU A 74 -1.82 14.13 13.52
C GLU A 74 -0.84 14.48 12.40
N LEU A 75 -1.21 15.41 11.52
CA LEU A 75 -0.31 15.80 10.44
C LEU A 75 0.92 16.51 11.01
N ALA A 76 0.78 17.10 12.21
CA ALA A 76 1.89 17.80 12.84
C ALA A 76 2.99 16.79 13.24
N ASN A 77 2.65 15.50 13.28
CA ASN A 77 3.59 14.43 13.52
C ASN A 77 4.33 13.97 12.27
N MET A 78 4.00 14.54 11.10
CA MET A 78 4.51 14.05 9.82
C MET A 78 5.98 14.43 9.58
N ASN A 79 6.53 15.27 10.47
CA ASN A 79 7.95 15.62 10.40
C ASN A 79 8.80 14.49 10.95
N ARG A 80 8.14 13.51 11.59
CA ARG A 80 8.83 12.38 12.16
C ARG A 80 8.54 11.12 11.35
N LEU A 81 9.32 10.08 11.60
CA LEU A 81 9.25 8.87 10.81
C LEU A 81 8.03 8.04 11.18
N PHE A 82 7.85 6.95 10.43
CA PHE A 82 6.86 5.92 10.71
C PHE A 82 5.47 6.29 10.18
N PHE A 83 4.71 7.13 10.88
CA PHE A 83 3.31 7.32 10.50
C PHE A 83 3.20 8.10 9.18
N GLN A 84 2.15 7.77 8.41
CA GLN A 84 1.94 8.41 7.12
C GLN A 84 0.69 9.27 7.16
N PRO A 85 0.57 10.30 6.28
CA PRO A 85 -0.56 11.22 6.35
C PRO A 85 -1.95 10.57 6.34
N HIS A 86 -2.11 9.45 5.62
CA HIS A 86 -3.40 8.79 5.56
C HIS A 86 -3.81 8.20 6.91
N GLN A 87 -2.88 8.12 7.86
CA GLN A 87 -3.16 7.53 9.16
C GLN A 87 -3.63 8.59 10.16
N ALA A 88 -3.60 9.85 9.75
CA ALA A 88 -4.01 10.95 10.62
C ALA A 88 -5.42 10.70 11.16
N GLY A 89 -5.60 10.86 12.47
CA GLY A 89 -6.90 10.66 13.09
C GLY A 89 -7.01 9.28 13.72
N LEU A 90 -6.19 8.32 13.29
CA LEU A 90 -6.18 7.00 13.94
C LEU A 90 -5.45 7.08 15.28
N SER A 91 -5.73 6.14 16.18
CA SER A 91 -4.93 6.03 17.38
C SER A 91 -3.54 5.52 16.99
N LYS A 92 -2.51 6.08 17.64
CA LYS A 92 -1.12 5.71 17.37
C LYS A 92 -0.96 4.19 17.50
N VAL A 93 -1.58 3.56 18.50
CA VAL A 93 -1.34 2.14 18.73
C VAL A 93 -2.03 1.27 17.68
N GLN A 94 -3.18 1.73 17.17
CA GLN A 94 -3.92 0.95 16.19
C GLN A 94 -3.24 1.10 14.83
N ALA A 95 -2.86 2.32 14.48
CA ALA A 95 -2.05 2.61 13.29
C ALA A 95 -0.77 1.79 13.31
N ALA A 96 -0.06 1.78 14.46
CA ALA A 96 1.21 1.10 14.57
C ALA A 96 1.02 -0.40 14.42
N GLU A 97 0.03 -0.95 15.14
CA GLU A 97 -0.20 -2.38 15.09
C GLU A 97 -0.48 -2.85 13.67
N HIS A 98 -1.30 -2.07 12.93
CA HIS A 98 -1.63 -2.46 11.57
C HIS A 98 -0.38 -2.49 10.68
N THR A 99 0.41 -1.40 10.69
CA THR A 99 1.61 -1.31 9.87
C THR A 99 2.61 -2.41 10.28
N LEU A 100 2.78 -2.59 11.58
CA LEU A 100 3.81 -3.49 12.05
C LEU A 100 3.46 -4.95 11.74
N ARG A 101 2.17 -5.32 11.83
CA ARG A 101 1.76 -6.70 11.50
CA ARG A 101 1.78 -6.69 11.50
C ARG A 101 2.00 -6.97 10.01
N ASN A 102 1.77 -5.96 9.16
CA ASN A 102 2.08 -6.09 7.74
CA ASN A 102 2.08 -6.09 7.74
C ASN A 102 3.58 -6.30 7.56
N ILE A 103 4.39 -5.56 8.32
CA ILE A 103 5.83 -5.61 8.17
C ILE A 103 6.35 -7.00 8.56
N ASN A 104 5.89 -7.51 9.70
CA ASN A 104 6.37 -8.80 10.16
C ASN A 104 5.26 -9.55 10.90
N PRO A 105 4.49 -10.41 10.20
CA PRO A 105 3.44 -11.19 10.84
C PRO A 105 3.91 -12.23 11.87
N ASP A 106 5.22 -12.39 12.05
CA ASP A 106 5.71 -13.33 13.05
C ASP A 106 5.64 -12.74 14.47
N VAL A 107 5.50 -11.42 14.57
CA VAL A 107 5.59 -10.75 15.87
C VAL A 107 4.19 -10.68 16.49
N LEU A 108 4.07 -11.02 17.78
CA LEU A 108 2.79 -10.83 18.45
C LEU A 108 2.65 -9.37 18.92
N PHE A 109 1.44 -8.81 18.85
CA PHE A 109 1.21 -7.47 19.37
C PHE A 109 0.08 -7.48 20.40
N GLU A 110 0.23 -6.66 21.45
CA GLU A 110 -0.85 -6.33 22.36
C GLU A 110 -0.79 -4.82 22.55
N VAL A 111 -1.87 -4.12 22.22
CA VAL A 111 -1.80 -2.67 22.26
C VAL A 111 -2.85 -2.16 23.23
N HIS A 112 -2.60 -0.98 23.83
CA HIS A 112 -3.50 -0.38 24.78
C HIS A 112 -3.57 1.11 24.50
N ASN A 113 -4.78 1.55 24.20
CA ASN A 113 -5.03 2.91 23.83
C ASN A 113 -5.49 3.67 25.07
N TYR A 114 -4.57 3.87 26.03
CA TYR A 114 -4.92 4.59 27.25
C TYR A 114 -3.72 5.29 27.87
N ASN A 115 -4.02 6.20 28.79
CA ASN A 115 -3.05 6.97 29.54
C ASN A 115 -2.64 6.16 30.77
N ILE A 116 -1.37 5.78 30.86
CA ILE A 116 -0.90 4.82 31.85
C ILE A 116 -0.87 5.43 33.25
N THR A 117 -0.98 6.76 33.37
CA THR A 117 -0.73 7.41 34.64
C THR A 117 -2.00 7.47 35.53
N THR A 118 -3.18 7.29 34.96
CA THR A 118 -4.43 7.50 35.71
C THR A 118 -4.76 6.32 36.63
N VAL A 119 -5.60 6.59 37.64
CA VAL A 119 -5.97 5.64 38.67
C VAL A 119 -6.55 4.37 38.03
N GLU A 120 -7.48 4.57 37.09
CA GLU A 120 -8.13 3.49 36.36
CA GLU A 120 -8.13 3.49 36.36
C GLU A 120 -7.13 2.61 35.62
N ASN A 121 -6.10 3.21 35.01
CA ASN A 121 -5.23 2.46 34.10
C ASN A 121 -4.00 1.86 34.79
N PHE A 122 -3.55 2.53 35.86
CA PHE A 122 -2.21 2.25 36.36
C PHE A 122 -2.05 0.76 36.69
N GLN A 123 -3.08 0.18 37.30
CA GLN A 123 -2.96 -1.17 37.82
C GLN A 123 -3.00 -2.16 36.66
N HIS A 124 -3.79 -1.86 35.63
CA HIS A 124 -3.82 -2.67 34.42
C HIS A 124 -2.44 -2.67 33.77
N PHE A 125 -1.85 -1.46 33.66
CA PHE A 125 -0.50 -1.29 33.14
C PHE A 125 0.50 -2.23 33.84
N MET A 126 0.51 -2.19 35.19
CA MET A 126 1.42 -3.02 35.97
C MET A 126 1.13 -4.51 35.76
N ASP A 127 -0.16 -4.87 35.64
CA ASP A 127 -0.57 -6.24 35.39
C ASP A 127 0.01 -6.71 34.07
N ARG A 128 -0.02 -5.84 33.06
CA ARG A 128 0.47 -6.18 31.73
C ARG A 128 1.99 -6.31 31.72
N ILE A 129 2.71 -5.48 32.50
CA ILE A 129 4.15 -5.58 32.63
CA ILE A 129 4.15 -5.58 32.63
C ILE A 129 4.51 -6.94 33.25
N SER A 130 3.74 -7.35 34.27
CA SER A 130 3.98 -8.55 35.06
C SER A 130 3.51 -9.81 34.35
N ASN A 131 2.48 -9.73 33.49
CA ASN A 131 1.85 -10.93 32.96
C ASN A 131 1.82 -10.95 31.43
N GLY A 132 2.26 -9.85 30.81
CA GLY A 132 2.10 -9.65 29.38
C GLY A 132 3.29 -10.15 28.54
N GLY A 133 4.15 -10.97 29.16
CA GLY A 133 5.31 -11.51 28.49
C GLY A 133 4.90 -12.49 27.39
N LEU A 134 5.88 -13.10 26.75
CA LEU A 134 5.61 -13.94 25.60
C LEU A 134 4.67 -15.07 26.02
N GLU A 135 4.94 -15.69 27.17
CA GLU A 135 4.00 -16.59 27.80
C GLU A 135 3.14 -15.81 28.80
N GLU A 136 1.81 -15.87 28.63
CA GLU A 136 0.88 -15.17 29.52
C GLU A 136 1.18 -15.59 30.97
N GLY A 137 1.26 -14.60 31.86
CA GLY A 137 1.54 -14.84 33.26
C GLY A 137 3.01 -14.63 33.61
N LYS A 138 3.87 -14.54 32.59
CA LYS A 138 5.27 -14.20 32.80
C LYS A 138 5.46 -12.73 32.49
N PRO A 139 6.44 -12.04 33.12
CA PRO A 139 6.65 -10.61 32.84
C PRO A 139 7.32 -10.34 31.48
N VAL A 140 7.22 -9.11 31.01
CA VAL A 140 7.94 -8.68 29.84
C VAL A 140 9.44 -8.63 30.17
N ASP A 141 10.27 -8.82 29.16
CA ASP A 141 11.70 -8.84 29.37
C ASP A 141 12.23 -7.42 29.59
N LEU A 142 11.56 -6.40 29.03
CA LEU A 142 12.08 -5.05 29.13
C LEU A 142 10.92 -4.09 28.92
N VAL A 143 10.95 -2.95 29.63
CA VAL A 143 10.03 -1.89 29.32
C VAL A 143 10.85 -0.76 28.71
N LEU A 144 10.32 -0.13 27.66
CA LEU A 144 10.98 1.02 27.06
C LEU A 144 10.07 2.22 27.23
N SER A 145 10.64 3.27 27.80
CA SER A 145 9.91 4.49 28.01
C SER A 145 10.29 5.43 26.88
N CYS A 146 9.32 5.72 26.00
CA CYS A 146 9.50 6.68 24.92
C CYS A 146 8.44 7.79 25.05
N VAL A 147 8.21 8.28 26.26
CA VAL A 147 7.20 9.29 26.50
C VAL A 147 7.84 10.68 26.48
N ASP A 148 7.02 11.73 26.57
CA ASP A 148 7.52 13.10 26.38
C ASP A 148 7.24 13.97 27.62
N ASN A 149 7.00 13.38 28.79
CA ASN A 149 6.71 14.10 30.02
C ASN A 149 7.20 13.31 31.23
N PHE A 150 7.53 14.04 32.31
CA PHE A 150 8.05 13.46 33.54
C PHE A 150 7.01 12.65 34.32
N GLU A 151 5.73 13.06 34.24
CA GLU A 151 4.72 12.33 34.97
C GLU A 151 4.68 10.88 34.49
N ALA A 152 4.69 10.67 33.17
CA ALA A 152 4.65 9.32 32.63
C ALA A 152 5.93 8.55 32.99
N ARG A 153 7.09 9.23 32.92
CA ARG A 153 8.37 8.62 33.32
C ARG A 153 8.32 8.19 34.78
N MET A 154 7.83 9.07 35.68
CA MET A 154 7.73 8.74 37.09
CA MET A 154 7.73 8.74 37.09
C MET A 154 6.79 7.56 37.31
N THR A 155 5.72 7.47 36.51
CA THR A 155 4.79 6.37 36.62
C THR A 155 5.49 5.05 36.30
N ILE A 156 6.24 5.03 35.18
CA ILE A 156 6.93 3.80 34.80
C ILE A 156 7.97 3.46 35.88
N ASN A 157 8.67 4.51 36.35
CA ASN A 157 9.65 4.36 37.41
C ASN A 157 9.05 3.66 38.64
N THR A 158 7.90 4.17 39.11
CA THR A 158 7.24 3.65 40.31
C THR A 158 6.90 2.18 40.12
N ALA A 159 6.31 1.88 38.95
CA ALA A 159 5.88 0.54 38.63
C ALA A 159 7.05 -0.43 38.62
N CYS A 160 8.18 -0.02 38.00
CA CYS A 160 9.31 -0.91 37.80
C CYS A 160 10.11 -1.11 39.09
N ASN A 161 10.20 -0.06 39.91
CA ASN A 161 10.82 -0.18 41.22
C ASN A 161 10.05 -1.22 42.03
N GLU A 162 8.72 -1.14 42.00
CA GLU A 162 7.88 -2.08 42.72
C GLU A 162 8.07 -3.51 42.21
N LEU A 163 8.12 -3.70 40.88
CA LEU A 163 8.14 -5.05 40.35
C LEU A 163 9.56 -5.59 40.26
N GLY A 164 10.57 -4.73 40.45
CA GLY A 164 11.95 -5.12 40.17
C GLY A 164 12.16 -5.34 38.67
N GLN A 165 11.49 -4.53 37.83
CA GLN A 165 11.51 -4.70 36.39
C GLN A 165 12.59 -3.81 35.77
N THR A 166 13.49 -4.43 34.99
CA THR A 166 14.48 -3.67 34.25
C THR A 166 13.81 -2.91 33.10
N TRP A 167 14.24 -1.66 32.88
CA TRP A 167 13.68 -0.85 31.81
C TRP A 167 14.72 0.10 31.24
N MET A 168 14.46 0.61 30.04
CA MET A 168 15.31 1.63 29.46
C MET A 168 14.43 2.84 29.15
N GLU A 169 15.01 4.02 29.31
CA GLU A 169 14.29 5.28 29.15
C GLU A 169 14.99 6.05 28.03
N SER A 170 14.22 6.74 27.21
CA SER A 170 14.77 7.58 26.15
C SER A 170 14.13 8.96 26.25
N GLY A 171 14.86 9.97 25.78
CA GLY A 171 14.30 11.30 25.72
C GLY A 171 14.98 12.08 24.61
N VAL A 172 14.28 13.08 24.13
CA VAL A 172 14.80 14.01 23.14
CA VAL A 172 14.80 14.00 23.14
C VAL A 172 14.48 15.41 23.63
N SER A 173 15.39 16.36 23.42
CA SER A 173 15.21 17.71 23.94
C SER A 173 14.18 18.50 23.16
N GLU A 174 13.72 19.60 23.77
CA GLU A 174 12.69 20.47 23.23
CA GLU A 174 12.69 20.48 23.24
C GLU A 174 13.22 21.22 22.00
N ASN A 175 14.54 21.37 21.91
CA ASN A 175 15.15 22.09 20.80
C ASN A 175 15.58 21.12 19.69
N ALA A 176 15.24 19.82 19.84
CA ALA A 176 15.31 18.83 18.76
C ALA A 176 16.71 18.29 18.55
N VAL A 177 17.76 18.89 19.14
CA VAL A 177 19.12 18.60 18.73
C VAL A 177 19.91 17.84 19.79
N SER A 178 19.24 17.26 20.81
CA SER A 178 19.92 16.39 21.73
CA SER A 178 19.92 16.39 21.74
C SER A 178 18.96 15.31 22.21
N GLY A 179 19.53 14.20 22.71
CA GLY A 179 18.70 13.14 23.25
C GLY A 179 19.56 12.20 24.07
N HIS A 180 18.96 11.16 24.65
CA HIS A 180 19.72 10.23 25.48
C HIS A 180 18.94 8.93 25.65
N ILE A 181 19.63 7.88 26.08
CA ILE A 181 19.00 6.67 26.57
C ILE A 181 19.65 6.33 27.91
N GLN A 182 18.95 5.57 28.74
CA GLN A 182 19.42 5.22 30.06
C GLN A 182 18.90 3.83 30.40
N LEU A 183 19.72 3.00 31.03
CA LEU A 183 19.26 1.69 31.48
C LEU A 183 19.04 1.75 33.00
N ILE A 184 17.84 1.36 33.43
CA ILE A 184 17.48 1.35 34.85
C ILE A 184 17.27 -0.09 35.29
N ILE A 185 18.22 -0.60 36.08
CA ILE A 185 18.04 -1.89 36.75
C ILE A 185 17.77 -1.57 38.22
N PRO A 186 16.49 -1.61 38.69
CA PRO A 186 16.16 -1.11 40.03
C PRO A 186 17.06 -1.77 41.07
N GLY A 187 17.72 -0.95 41.88
CA GLY A 187 18.61 -1.42 42.92
C GLY A 187 20.09 -1.37 42.51
N GLU A 188 20.34 -1.60 41.22
CA GLU A 188 21.68 -1.66 40.67
C GLU A 188 22.10 -0.30 40.06
N SER A 189 21.27 0.31 39.21
CA SER A 189 21.59 1.64 38.70
C SER A 189 20.55 2.64 39.17
N ALA A 190 20.84 3.95 39.05
CA ALA A 190 19.92 5.00 39.44
C ALA A 190 18.54 4.81 38.80
N CYS A 191 17.50 4.99 39.61
CA CYS A 191 16.14 5.07 39.10
C CYS A 191 15.89 6.54 38.79
N PHE A 192 14.74 6.85 38.16
CA PHE A 192 14.43 8.22 37.74
CA PHE A 192 14.44 8.22 37.75
C PHE A 192 14.26 9.11 38.97
N ALA A 193 13.91 8.49 40.11
CA ALA A 193 13.69 9.25 41.34
C ALA A 193 15.00 9.49 42.09
N CYS A 194 16.00 8.62 41.91
CA CYS A 194 17.33 8.86 42.48
C CYS A 194 17.88 10.27 42.18
N ALA A 195 17.68 10.77 40.96
CA ALA A 195 18.21 12.07 40.59
C ALA A 195 17.17 12.80 39.78
N PRO A 196 16.10 13.32 40.42
CA PRO A 196 15.02 13.95 39.68
C PRO A 196 15.45 15.26 39.03
N PRO A 197 14.90 15.61 37.85
CA PRO A 197 15.13 16.91 37.22
C PRO A 197 14.55 18.00 38.11
N LEU A 198 14.96 19.25 37.85
CA LEU A 198 14.60 20.40 38.66
C LEU A 198 13.09 20.47 38.88
N VAL A 199 12.28 20.37 37.82
CA VAL A 199 10.83 20.55 37.90
C VAL A 199 10.20 19.52 38.83
N VAL A 200 10.61 18.24 38.72
CA VAL A 200 10.09 17.21 39.62
C VAL A 200 10.50 17.52 41.07
N ALA A 201 11.77 17.84 41.31
CA ALA A 201 12.31 18.13 42.63
C ALA A 201 11.59 19.32 43.28
N ALA A 202 11.36 20.40 42.51
CA ALA A 202 10.70 21.61 42.98
C ALA A 202 9.16 21.47 43.02
N ASN A 203 8.63 20.26 42.77
CA ASN A 203 7.20 19.97 42.78
C ASN A 203 6.38 20.93 41.91
N ILE A 204 6.95 21.37 40.78
CA ILE A 204 6.23 22.25 39.86
C ILE A 204 5.47 21.36 38.88
N ASP A 205 4.20 21.69 38.62
CA ASP A 205 3.40 21.03 37.61
C ASP A 205 4.02 21.34 36.24
N GLU A 206 4.45 20.30 35.51
CA GLU A 206 5.11 20.46 34.22
C GLU A 206 4.18 21.13 33.20
N LYS A 207 2.87 21.00 33.41
CA LYS A 207 1.85 21.63 32.58
C LYS A 207 2.03 23.14 32.54
N THR A 208 2.48 23.73 33.65
CA THR A 208 2.66 25.17 33.80
CA THR A 208 2.66 25.16 33.79
C THR A 208 3.76 25.68 32.86
N LEU A 209 4.65 24.78 32.42
CA LEU A 209 5.72 25.15 31.51
C LEU A 209 5.21 25.31 30.08
N LYS A 210 4.03 24.75 29.79
CA LYS A 210 3.52 24.72 28.41
C LYS A 210 2.67 25.95 28.10
N ARG A 211 3.20 26.81 27.21
CA ARG A 211 2.49 27.94 26.65
CA ARG A 211 2.49 27.95 26.64
C ARG A 211 1.70 27.49 25.42
N GLU A 212 0.42 27.87 25.34
CA GLU A 212 -0.45 27.49 24.22
CA GLU A 212 -0.43 27.48 24.22
C GLU A 212 0.04 28.17 22.93
N GLY A 213 -0.05 27.42 21.82
CA GLY A 213 0.41 27.91 20.52
C GLY A 213 1.93 27.84 20.34
N VAL A 214 2.64 27.13 21.24
CA VAL A 214 4.03 26.76 21.00
C VAL A 214 4.25 25.27 21.29
N CYS A 215 5.04 24.62 20.44
CA CYS A 215 5.32 23.20 20.55
C CYS A 215 6.83 23.01 20.69
N ALA A 216 7.25 21.84 21.16
CA ALA A 216 8.65 21.42 21.09
C ALA A 216 9.04 21.25 19.62
N ALA A 217 10.29 21.59 19.28
CA ALA A 217 10.84 21.25 17.97
C ALA A 217 11.19 19.77 17.93
N SER A 218 11.06 19.14 16.75
CA SER A 218 11.52 17.76 16.58
C SER A 218 12.04 17.54 15.15
N LEU A 219 13.00 16.63 15.00
CA LEU A 219 13.62 16.31 13.72
C LEU A 219 13.58 14.80 13.51
N PRO A 220 13.34 14.33 12.27
CA PRO A 220 13.33 12.90 11.98
C PRO A 220 14.71 12.27 12.18
N THR A 221 15.76 13.10 12.03
CA THR A 221 17.16 12.68 12.19
C THR A 221 17.43 12.26 13.63
N THR A 222 17.16 13.17 14.57
CA THR A 222 17.33 12.91 15.99
C THR A 222 16.52 11.69 16.47
N MET A 223 15.26 11.56 16.00
CA MET A 223 14.38 10.45 16.34
C MET A 223 15.05 9.14 15.93
N GLY A 224 15.54 9.13 14.69
CA GLY A 224 16.21 7.97 14.10
C GLY A 224 17.45 7.57 14.87
N VAL A 225 18.29 8.56 15.20
CA VAL A 225 19.46 8.30 16.01
C VAL A 225 19.09 7.72 17.38
N VAL A 226 18.19 8.41 18.08
CA VAL A 226 17.83 8.00 19.44
C VAL A 226 17.17 6.61 19.46
N ALA A 227 16.26 6.34 18.52
CA ALA A 227 15.60 5.05 18.43
C ALA A 227 16.63 3.97 18.13
N GLY A 228 17.53 4.30 17.21
CA GLY A 228 18.60 3.40 16.78
C GLY A 228 19.49 3.01 17.95
N ILE A 229 19.99 4.01 18.69
CA ILE A 229 20.82 3.67 19.84
C ILE A 229 20.01 2.96 20.93
N LEU A 230 18.73 3.33 21.12
CA LEU A 230 17.90 2.64 22.11
C LEU A 230 17.80 1.16 21.75
N VAL A 231 17.41 0.85 20.50
CA VAL A 231 17.16 -0.53 20.14
C VAL A 231 18.50 -1.30 20.05
N GLN A 232 19.57 -0.62 19.68
CA GLN A 232 20.89 -1.25 19.71
C GLN A 232 21.21 -1.72 21.13
N ASN A 233 20.96 -0.84 22.12
CA ASN A 233 21.14 -1.18 23.53
C ASN A 233 20.24 -2.38 23.91
N VAL A 234 19.02 -2.42 23.40
CA VAL A 234 18.09 -3.52 23.68
C VAL A 234 18.66 -4.84 23.16
N LEU A 235 19.22 -4.83 21.93
CA LEU A 235 19.73 -6.05 21.33
C LEU A 235 20.96 -6.53 22.09
N LYS A 236 21.85 -5.59 22.41
CA LYS A 236 23.05 -5.90 23.17
C LYS A 236 22.67 -6.52 24.52
N PHE A 237 21.63 -5.97 25.16
CA PHE A 237 21.17 -6.45 26.45
C PHE A 237 20.56 -7.84 26.33
N LEU A 238 19.61 -8.02 25.39
CA LEU A 238 18.85 -9.26 25.33
C LEU A 238 19.69 -10.39 24.74
N LEU A 239 20.57 -10.07 23.79
CA LEU A 239 21.29 -11.10 23.04
C LEU A 239 22.75 -11.21 23.47
N ASN A 240 23.14 -10.46 24.51
CA ASN A 240 24.44 -10.56 25.15
CA ASN A 240 24.44 -10.56 25.16
C ASN A 240 25.56 -10.43 24.13
N PHE A 241 25.71 -9.24 23.55
CA PHE A 241 26.86 -8.99 22.70
C PHE A 241 27.21 -7.53 22.89
N GLY A 242 28.47 -7.17 22.62
CA GLY A 242 28.95 -5.80 22.79
C GLY A 242 28.81 -5.35 24.24
N THR A 243 28.98 -4.04 24.44
CA THR A 243 28.89 -3.44 25.76
C THR A 243 27.57 -2.70 25.87
N VAL A 244 26.73 -3.12 26.83
CA VAL A 244 25.50 -2.40 27.16
C VAL A 244 25.85 -1.05 27.79
N SER A 245 25.19 0.02 27.35
CA SER A 245 25.37 1.32 27.96
CA SER A 245 25.36 1.33 27.96
C SER A 245 24.30 1.52 29.05
N PHE A 246 24.72 2.11 30.17
CA PHE A 246 23.81 2.48 31.25
C PHE A 246 23.27 3.90 31.01
N TYR A 247 24.03 4.73 30.31
CA TYR A 247 23.56 6.01 29.84
C TYR A 247 24.37 6.35 28.59
N LEU A 248 23.68 6.76 27.53
CA LEU A 248 24.33 7.25 26.31
C LEU A 248 23.58 8.47 25.83
N GLY A 249 24.27 9.60 25.80
CA GLY A 249 23.73 10.83 25.27
C GLY A 249 24.05 11.06 23.80
N TYR A 250 23.35 12.02 23.22
CA TYR A 250 23.56 12.43 21.86
C TYR A 250 23.39 13.94 21.78
N ASN A 251 24.46 14.62 21.39
CA ASN A 251 24.47 16.05 21.15
CA ASN A 251 24.47 16.06 21.15
C ASN A 251 24.77 16.27 19.68
N ALA A 252 23.72 16.60 18.93
CA ALA A 252 23.78 16.68 17.49
C ALA A 252 24.60 17.87 17.02
N MET A 253 24.66 18.92 17.83
CA MET A 253 25.28 20.16 17.39
C MET A 253 26.77 19.94 17.15
N GLN A 254 27.39 19.11 17.99
CA GLN A 254 28.82 18.93 17.96
C GLN A 254 29.17 17.44 17.85
N ASP A 255 28.18 16.58 17.60
CA ASP A 255 28.38 15.15 17.38
C ASP A 255 29.09 14.50 18.57
N PHE A 256 28.63 14.84 19.78
CA PHE A 256 29.22 14.31 21.00
C PHE A 256 28.26 13.29 21.60
N PHE A 257 28.78 12.12 21.95
CA PHE A 257 27.93 11.04 22.41
C PHE A 257 28.46 10.55 23.75
N PRO A 258 28.24 11.28 24.87
CA PRO A 258 28.79 10.85 26.17
C PRO A 258 28.16 9.59 26.74
N THR A 259 29.01 8.67 27.23
CA THR A 259 28.56 7.54 28.02
CA THR A 259 28.57 7.53 28.03
C THR A 259 28.81 7.84 29.50
N MET A 260 27.94 7.32 30.37
CA MET A 260 28.01 7.52 31.81
C MET A 260 27.35 6.31 32.47
N SER A 261 27.44 6.27 33.79
CA SER A 261 26.79 5.24 34.58
C SER A 261 26.22 5.94 35.80
N MET A 262 24.91 5.90 35.96
CA MET A 262 24.27 6.59 37.08
C MET A 262 24.04 5.57 38.18
N LYS A 263 24.49 5.91 39.38
CA LYS A 263 24.41 5.01 40.53
C LYS A 263 23.28 5.43 41.46
N PRO A 264 22.65 4.45 42.16
CA PRO A 264 21.51 4.73 43.02
C PRO A 264 21.86 5.69 44.16
N ASN A 265 20.88 6.51 44.49
CA ASN A 265 20.86 7.38 45.65
C ASN A 265 20.41 6.55 46.85
N PRO A 266 21.22 6.40 47.91
CA PRO A 266 20.86 5.51 49.02
C PRO A 266 19.65 6.05 49.80
N GLN A 267 19.42 7.35 49.68
CA GLN A 267 18.27 7.99 50.32
C GLN A 267 17.25 8.39 49.26
N CYS A 268 17.13 7.59 48.20
CA CYS A 268 16.16 7.89 47.15
C CYS A 268 14.76 8.00 47.72
N ASP A 269 14.03 9.02 47.25
CA ASP A 269 12.67 9.27 47.62
C ASP A 269 11.75 8.05 47.42
N ASP A 270 12.07 7.14 46.50
CA ASP A 270 11.21 5.99 46.25
C ASP A 270 11.69 4.85 47.13
N ARG A 271 10.82 4.43 48.06
CA ARG A 271 11.13 3.41 49.05
C ARG A 271 11.47 2.06 48.40
N ASN A 272 10.80 1.75 47.28
CA ASN A 272 11.06 0.51 46.58
C ASN A 272 12.45 0.49 45.97
N CYS A 273 12.91 1.67 45.49
CA CYS A 273 14.26 1.80 45.00
C CYS A 273 15.22 1.45 46.14
N ARG A 274 15.01 2.08 47.31
CA ARG A 274 15.81 1.81 48.51
C ARG A 274 15.81 0.31 48.83
N LYS A 275 14.62 -0.29 48.85
CA LYS A 275 14.51 -1.73 49.10
C LYS A 275 15.31 -2.52 48.07
N GLN A 276 15.20 -2.14 46.79
CA GLN A 276 15.89 -2.85 45.72
C GLN A 276 17.41 -2.72 45.89
N GLN A 277 17.88 -1.52 46.28
CA GLN A 277 19.30 -1.31 46.57
C GLN A 277 19.76 -2.29 47.66
N GLU A 278 18.96 -2.44 48.73
CA GLU A 278 19.25 -3.37 49.82
C GLU A 278 19.40 -4.81 49.30
N GLU A 279 18.42 -5.27 48.51
CA GLU A 279 18.47 -6.63 48.00
C GLU A 279 19.69 -6.81 47.12
N TYR A 280 20.07 -5.75 46.41
CA TYR A 280 21.13 -5.86 45.42
C TYR A 280 22.48 -6.02 46.12
N LYS A 281 22.75 -5.16 47.11
CA LYS A 281 23.97 -5.17 47.90
C LYS A 281 24.16 -6.50 48.64
N LYS A 282 23.05 -7.11 49.08
CA LYS A 282 23.07 -8.43 49.69
C LYS A 282 23.48 -9.50 48.69
N LYS A 283 22.83 -9.50 47.51
CA LYS A 283 23.10 -10.47 46.46
C LYS A 283 24.52 -10.33 45.92
N VAL A 284 25.11 -9.14 46.04
CA VAL A 284 26.46 -8.85 45.56
C VAL A 284 27.50 -9.44 46.52
N ALA A 285 27.28 -9.23 47.83
CA ALA A 285 28.17 -9.71 48.88
C ALA A 285 28.16 -11.24 48.96
N ALA A 286 27.17 -11.87 48.31
CA ALA A 286 27.01 -13.32 48.29
C ALA A 286 27.42 -13.92 46.93
N GLU A 297 44.52 -15.01 22.68
CA GLU A 297 44.65 -15.15 21.23
C GLU A 297 46.08 -14.90 20.76
N GLU A 298 46.41 -15.49 19.62
CA GLU A 298 47.61 -15.14 18.88
C GLU A 298 47.22 -15.07 17.41
N ILE A 299 47.47 -13.92 16.75
CA ILE A 299 46.91 -13.61 15.43
C ILE A 299 47.59 -14.40 14.32
N ILE A 300 46.77 -14.94 13.40
CA ILE A 300 47.28 -15.70 12.27
C ILE A 300 47.17 -14.88 10.99
N HIS A 301 48.31 -14.80 10.28
CA HIS A 301 48.42 -14.15 8.98
C HIS A 301 48.61 -15.22 7.90
N GLU A 302 47.59 -15.38 7.05
CA GLU A 302 47.59 -16.40 6.01
C GLU A 302 48.65 -16.07 4.95
N ASP A 303 48.80 -14.77 4.65
CA ASP A 303 49.77 -14.29 3.70
C ASP A 303 50.72 -13.33 4.42
N ASN A 304 51.97 -13.78 4.61
CA ASN A 304 53.07 -12.91 5.02
C ASN A 304 54.34 -13.28 4.26
N GLU A 305 54.32 -13.04 2.96
CA GLU A 305 55.44 -13.43 2.10
C GLU A 305 56.50 -12.33 2.05
N TRP A 306 56.19 -11.14 2.60
CA TRP A 306 57.12 -10.02 2.55
C TRP A 306 57.91 -9.88 3.84
N GLY A 307 57.65 -10.79 4.80
CA GLY A 307 58.38 -10.85 6.06
C GLY A 307 58.19 -9.59 6.90
N ILE A 308 56.95 -9.10 6.97
CA ILE A 308 56.63 -8.01 7.89
C ILE A 308 56.59 -8.61 9.29
N GLU A 309 57.16 -7.90 10.27
CA GLU A 309 57.09 -8.38 11.65
C GLU A 309 56.66 -7.28 12.63
N LEU A 310 55.92 -7.73 13.65
CA LEU A 310 55.36 -6.90 14.71
C LEU A 310 56.39 -6.74 15.84
N VAL A 311 56.77 -5.48 16.10
CA VAL A 311 57.70 -5.15 17.17
C VAL A 311 57.04 -5.35 18.55
N GLY B 1 -4.92 12.38 4.94
CA GLY B 1 -4.28 12.80 3.65
C GLY B 1 -3.67 14.20 3.75
N ARG B 2 -2.60 14.45 2.96
CA ARG B 2 -1.89 15.71 3.02
C ARG B 2 -2.17 16.54 1.76
N VAL B 3 -2.23 17.85 1.94
CA VAL B 3 -2.37 18.77 0.82
C VAL B 3 -1.06 19.55 0.67
N ARG B 4 -0.77 19.99 -0.56
CA ARG B 4 0.38 20.82 -0.86
C ARG B 4 0.31 22.15 -0.10
N ILE B 5 1.49 22.65 0.32
CA ILE B 5 1.64 23.87 1.08
C ILE B 5 2.64 24.77 0.34
N GLU B 6 2.18 25.97 -0.01
CA GLU B 6 2.98 26.91 -0.77
C GLU B 6 4.02 27.60 0.11
N LYS B 7 3.59 28.16 1.24
CA LYS B 7 4.51 28.84 2.16
C LYS B 7 4.58 28.02 3.44
N MET B 8 5.79 27.64 3.83
CA MET B 8 6.00 26.86 5.06
C MET B 8 5.66 27.71 6.28
N SER B 9 4.74 27.24 7.12
CA SER B 9 4.17 28.04 8.21
C SER B 9 4.61 27.54 9.59
N SER B 10 4.80 28.48 10.53
CA SER B 10 5.16 28.26 11.92
C SER B 10 3.94 27.90 12.77
N GLU B 11 2.74 27.99 12.20
CA GLU B 11 1.51 27.92 12.97
C GLU B 11 1.41 26.58 13.69
N VAL B 12 1.26 26.65 15.01
CA VAL B 12 1.22 25.44 15.82
C VAL B 12 -0.23 24.94 15.84
N VAL B 13 -0.59 24.17 14.80
CA VAL B 13 -1.88 23.50 14.71
C VAL B 13 -1.62 22.06 14.26
N ASP B 14 -2.55 21.17 14.61
CA ASP B 14 -2.46 19.74 14.34
C ASP B 14 -2.34 19.42 12.84
N SER B 15 -2.74 20.36 11.99
CA SER B 15 -2.87 20.07 10.58
C SER B 15 -1.63 20.53 9.82
N ASN B 16 -0.69 21.17 10.53
CA ASN B 16 0.52 21.75 9.94
C ASN B 16 1.72 20.82 10.10
N PRO B 17 2.13 20.12 9.01
CA PRO B 17 3.23 19.14 9.09
C PRO B 17 4.60 19.78 9.30
N TYR B 18 4.67 21.12 9.18
CA TYR B 18 5.94 21.80 9.36
C TYR B 18 6.02 22.50 10.71
N SER B 19 4.97 22.39 11.54
CA SER B 19 4.94 23.12 12.80
C SER B 19 6.14 22.78 13.71
N ARG B 20 6.44 21.49 13.88
CA ARG B 20 7.52 21.09 14.79
C ARG B 20 8.90 21.31 14.17
N LEU B 21 8.97 21.56 12.85
CA LEU B 21 10.23 21.87 12.18
C LEU B 21 10.50 23.37 12.27
N MET B 22 9.48 24.17 11.93
CA MET B 22 9.59 25.62 11.98
C MET B 22 9.78 26.10 13.42
N ALA B 23 9.44 25.28 14.42
CA ALA B 23 9.71 25.63 15.81
C ALA B 23 11.23 25.80 16.05
N LEU B 24 12.06 25.37 15.10
CA LEU B 24 13.49 25.47 15.26
C LEU B 24 13.93 26.94 15.15
N LYS B 25 13.13 27.78 14.47
CA LYS B 25 13.38 29.22 14.43
C LYS B 25 13.16 29.82 15.80
N ARG B 26 11.92 29.72 16.30
CA ARG B 26 11.55 30.20 17.63
C ARG B 26 12.60 29.76 18.66
N MET B 27 13.06 28.51 18.59
CA MET B 27 14.00 28.02 19.59
C MET B 27 15.43 28.47 19.26
N GLY B 28 15.59 29.27 18.19
CA GLY B 28 16.88 29.81 17.76
C GLY B 28 17.94 28.77 17.38
N ILE B 29 17.55 27.60 16.87
CA ILE B 29 18.52 26.61 16.41
C ILE B 29 18.85 26.84 14.95
N VAL B 30 17.80 27.02 14.13
CA VAL B 30 17.97 27.33 12.72
C VAL B 30 17.12 28.57 12.45
N SER B 31 17.77 29.67 12.09
CA SER B 31 17.07 30.93 11.91
C SER B 31 16.22 30.92 10.64
N ASP B 32 16.69 30.25 9.58
CA ASP B 32 15.98 30.20 8.31
C ASP B 32 15.66 28.76 7.89
N TYR B 33 14.77 28.10 8.64
CA TYR B 33 14.46 26.71 8.35
C TYR B 33 13.88 26.53 6.94
N GLU B 34 12.96 27.43 6.53
CA GLU B 34 12.22 27.33 5.27
C GLU B 34 13.15 27.20 4.07
N LYS B 35 14.42 27.61 4.22
CA LYS B 35 15.42 27.51 3.17
C LYS B 35 15.60 26.08 2.67
N ILE B 36 15.23 25.07 3.48
CA ILE B 36 15.31 23.66 3.12
C ILE B 36 14.60 23.38 1.79
N ARG B 37 13.52 24.13 1.51
CA ARG B 37 12.69 23.99 0.33
C ARG B 37 13.44 24.40 -0.94
N THR B 38 14.54 25.13 -0.78
CA THR B 38 15.26 25.67 -1.93
C THR B 38 16.36 24.72 -2.39
N PHE B 39 16.53 23.58 -1.72
CA PHE B 39 17.65 22.71 -2.07
C PHE B 39 17.19 21.43 -2.76
N ALA B 40 18.08 20.87 -3.60
CA ALA B 40 17.90 19.57 -4.22
C ALA B 40 19.06 18.66 -3.80
N VAL B 41 18.77 17.39 -3.50
CA VAL B 41 19.78 16.43 -3.09
C VAL B 41 19.62 15.18 -3.95
N ALA B 42 20.74 14.67 -4.46
CA ALA B 42 20.76 13.39 -5.18
C ALA B 42 21.22 12.29 -4.23
N ILE B 43 20.51 11.16 -4.26
CA ILE B 43 20.85 10.01 -3.45
C ILE B 43 21.11 8.85 -4.38
N VAL B 44 22.31 8.30 -4.28
CA VAL B 44 22.66 7.12 -5.04
C VAL B 44 22.63 5.96 -4.06
N GLY B 45 21.75 5.01 -4.34
CA GLY B 45 21.53 3.83 -3.51
C GLY B 45 20.37 4.10 -2.55
N VAL B 46 19.23 3.47 -2.81
CA VAL B 46 18.05 3.65 -1.97
C VAL B 46 17.77 2.33 -1.25
N GLY B 47 18.80 1.81 -0.59
CA GLY B 47 18.70 0.58 0.18
C GLY B 47 18.58 0.91 1.66
N GLY B 48 19.30 0.14 2.49
CA GLY B 48 19.26 0.26 3.95
C GLY B 48 19.40 1.71 4.43
N VAL B 49 20.52 2.34 4.08
CA VAL B 49 20.77 3.72 4.51
C VAL B 49 20.01 4.70 3.63
N GLY B 50 20.03 4.49 2.31
CA GLY B 50 19.53 5.47 1.37
C GLY B 50 18.02 5.70 1.46
N SER B 51 17.26 4.62 1.72
CA SER B 51 15.81 4.74 1.83
C SER B 51 15.41 5.62 3.04
N VAL B 52 16.02 5.36 4.20
CA VAL B 52 15.77 6.14 5.41
C VAL B 52 16.23 7.59 5.22
N THR B 53 17.39 7.76 4.57
CA THR B 53 17.91 9.08 4.23
C THR B 53 16.90 9.88 3.41
N ALA B 54 16.34 9.24 2.38
CA ALA B 54 15.35 9.87 1.51
C ALA B 54 14.10 10.24 2.32
N GLU B 55 13.65 9.33 3.18
CA GLU B 55 12.48 9.61 4.02
C GLU B 55 12.74 10.80 4.95
N MET B 56 13.91 10.81 5.61
CA MET B 56 14.17 11.87 6.57
C MET B 56 14.20 13.23 5.85
N LEU B 57 14.80 13.27 4.65
CA LEU B 57 14.90 14.52 3.92
C LEU B 57 13.52 14.94 3.40
N THR B 58 12.68 13.94 3.03
CA THR B 58 11.34 14.19 2.53
C THR B 58 10.51 14.78 3.67
N ARG B 59 10.64 14.21 4.87
CA ARG B 59 9.87 14.70 6.00
C ARG B 59 10.30 16.10 6.42
N CYS B 60 11.56 16.45 6.16
CA CYS B 60 12.08 17.76 6.51
C CYS B 60 11.56 18.83 5.54
N GLY B 61 11.12 18.41 4.35
CA GLY B 61 10.62 19.32 3.33
C GLY B 61 11.69 19.82 2.36
N ILE B 62 12.70 18.98 2.07
CA ILE B 62 13.70 19.27 1.04
C ILE B 62 12.96 19.63 -0.25
N GLY B 63 13.53 20.55 -1.03
CA GLY B 63 12.91 20.95 -2.28
C GLY B 63 12.77 19.82 -3.30
N LYS B 64 13.86 19.06 -3.51
CA LYS B 64 13.82 18.00 -4.50
C LYS B 64 14.79 16.87 -4.11
N LEU B 65 14.37 15.63 -4.40
CA LEU B 65 15.25 14.47 -4.31
C LEU B 65 15.40 13.83 -5.69
N LEU B 66 16.64 13.46 -6.04
CA LEU B 66 16.95 12.62 -7.19
C LEU B 66 17.40 11.28 -6.67
N LEU B 67 16.74 10.21 -7.08
CA LEU B 67 17.09 8.90 -6.58
C LEU B 67 17.67 8.06 -7.71
N PHE B 68 18.77 7.37 -7.41
CA PHE B 68 19.39 6.45 -8.36
C PHE B 68 19.55 5.10 -7.69
N ASP B 69 19.00 4.06 -8.30
CA ASP B 69 19.19 2.68 -7.84
C ASP B 69 18.66 1.84 -9.01
N TYR B 70 19.22 0.65 -9.19
CA TYR B 70 18.80 -0.20 -10.29
C TYR B 70 18.19 -1.48 -9.72
N ASP B 71 18.19 -1.63 -8.39
CA ASP B 71 17.77 -2.85 -7.71
C ASP B 71 16.25 -2.85 -7.45
N LYS B 72 15.76 -4.05 -7.09
CA LYS B 72 14.36 -4.27 -6.75
C LYS B 72 14.24 -4.60 -5.27
N VAL B 73 13.08 -4.27 -4.68
CA VAL B 73 12.81 -4.60 -3.29
C VAL B 73 12.68 -6.11 -3.19
N GLU B 74 13.32 -6.73 -2.18
CA GLU B 74 13.15 -8.16 -1.92
CA GLU B 74 13.17 -8.15 -1.92
C GLU B 74 12.75 -8.32 -0.47
N LEU B 75 12.19 -9.49 -0.11
CA LEU B 75 11.81 -9.74 1.26
C LEU B 75 13.04 -9.78 2.17
N ALA B 76 14.21 -10.10 1.58
CA ALA B 76 15.46 -10.19 2.30
C ALA B 76 15.87 -8.80 2.81
N ASN B 77 15.28 -7.75 2.24
CA ASN B 77 15.47 -6.37 2.67
C ASN B 77 14.54 -5.98 3.82
N MET B 78 13.65 -6.87 4.26
CA MET B 78 12.62 -6.53 5.24
C MET B 78 13.17 -6.39 6.65
N ASN B 79 14.46 -6.74 6.86
CA ASN B 79 15.09 -6.55 8.15
C ASN B 79 15.49 -5.08 8.31
N ARG B 80 15.39 -4.31 7.24
CA ARG B 80 15.72 -2.89 7.27
C ARG B 80 14.44 -2.05 7.16
N LEU B 81 14.55 -0.76 7.42
CA LEU B 81 13.39 0.11 7.52
C LEU B 81 12.86 0.47 6.13
N PHE B 82 11.77 1.22 6.14
CA PHE B 82 11.21 1.86 4.95
C PHE B 82 10.32 0.92 4.12
N PHE B 83 10.91 0.02 3.32
CA PHE B 83 10.09 -0.77 2.39
C PHE B 83 9.22 -1.78 3.14
N GLN B 84 8.05 -2.06 2.56
CA GLN B 84 7.12 -3.01 3.13
C GLN B 84 7.02 -4.26 2.28
N PRO B 85 6.60 -5.41 2.86
CA PRO B 85 6.56 -6.66 2.10
C PRO B 85 5.78 -6.61 0.78
N HIS B 86 4.69 -5.82 0.73
CA HIS B 86 3.89 -5.77 -0.50
C HIS B 86 4.66 -5.11 -1.63
N GLN B 87 5.77 -4.43 -1.33
CA GLN B 87 6.52 -3.72 -2.34
C GLN B 87 7.59 -4.61 -2.96
N ALA B 88 7.75 -5.83 -2.44
CA ALA B 88 8.72 -6.77 -2.99
C ALA B 88 8.47 -6.95 -4.48
N GLY B 89 9.54 -6.87 -5.28
CA GLY B 89 9.42 -7.05 -6.71
C GLY B 89 9.39 -5.71 -7.45
N LEU B 90 8.99 -4.63 -6.77
CA LEU B 90 9.04 -3.29 -7.38
C LEU B 90 10.49 -2.78 -7.41
N SER B 91 10.76 -1.82 -8.29
CA SER B 91 12.06 -1.18 -8.25
C SER B 91 12.13 -0.29 -7.01
N LYS B 92 13.29 -0.26 -6.36
CA LYS B 92 13.48 0.53 -5.14
C LYS B 92 13.09 1.98 -5.38
N VAL B 93 13.43 2.55 -6.54
CA VAL B 93 13.20 3.98 -6.77
C VAL B 93 11.73 4.27 -7.02
N GLN B 94 11.01 3.30 -7.62
CA GLN B 94 9.60 3.47 -7.94
CA GLN B 94 9.60 3.45 -7.95
C GLN B 94 8.80 3.32 -6.65
N ALA B 95 9.12 2.28 -5.87
CA ALA B 95 8.53 2.05 -4.55
C ALA B 95 8.76 3.27 -3.65
N ALA B 96 10.00 3.78 -3.64
CA ALA B 96 10.36 4.89 -2.78
C ALA B 96 9.60 6.14 -3.20
N GLU B 97 9.59 6.43 -4.50
CA GLU B 97 8.93 7.63 -4.98
C GLU B 97 7.46 7.61 -4.58
N HIS B 98 6.80 6.46 -4.73
CA HIS B 98 5.39 6.36 -4.41
C HIS B 98 5.13 6.65 -2.94
N THR B 99 5.86 5.96 -2.04
CA THR B 99 5.71 6.17 -0.60
C THR B 99 6.06 7.62 -0.23
N LEU B 100 7.16 8.13 -0.78
CA LEU B 100 7.64 9.45 -0.36
C LEU B 100 6.69 10.55 -0.81
N ARG B 101 6.08 10.44 -2.01
CA ARG B 101 5.12 11.41 -2.47
C ARG B 101 3.89 11.44 -1.58
N ASN B 102 3.47 10.26 -1.10
CA ASN B 102 2.37 10.17 -0.16
CA ASN B 102 2.37 10.16 -0.15
C ASN B 102 2.77 10.87 1.14
N ILE B 103 4.01 10.69 1.58
CA ILE B 103 4.47 11.25 2.84
C ILE B 103 4.50 12.77 2.78
N ASN B 104 5.05 13.33 1.70
CA ASN B 104 5.13 14.78 1.58
C ASN B 104 4.99 15.20 0.11
N PRO B 105 3.76 15.54 -0.34
CA PRO B 105 3.53 15.96 -1.72
C PRO B 105 4.18 17.30 -2.10
N ASP B 106 4.83 17.98 -1.16
CA ASP B 106 5.54 19.21 -1.49
C ASP B 106 6.88 18.95 -2.18
N VAL B 107 7.43 17.74 -2.05
CA VAL B 107 8.80 17.47 -2.47
C VAL B 107 8.79 17.02 -3.93
N LEU B 108 9.68 17.58 -4.76
CA LEU B 108 9.79 17.09 -6.14
C LEU B 108 10.67 15.84 -6.18
N PHE B 109 10.33 14.89 -7.04
CA PHE B 109 11.16 13.70 -7.21
C PHE B 109 11.55 13.52 -8.67
N GLU B 110 12.79 13.06 -8.87
CA GLU B 110 13.23 12.56 -10.16
C GLU B 110 13.98 11.27 -9.87
N VAL B 111 13.52 10.14 -10.42
CA VAL B 111 14.13 8.88 -10.05
C VAL B 111 14.69 8.23 -11.32
N HIS B 112 15.73 7.42 -11.15
CA HIS B 112 16.40 6.75 -12.26
C HIS B 112 16.71 5.33 -11.83
N ASN B 113 16.11 4.41 -12.58
CA ASN B 113 16.21 3.00 -12.30
C ASN B 113 17.34 2.44 -13.16
N TYR B 114 18.59 2.80 -12.85
CA TYR B 114 19.72 2.31 -13.61
C TYR B 114 20.99 2.25 -12.77
N ASN B 115 21.95 1.52 -13.29
CA ASN B 115 23.28 1.36 -12.70
C ASN B 115 24.16 2.51 -13.18
N ILE B 116 24.63 3.35 -12.25
CA ILE B 116 25.28 4.62 -12.58
C ILE B 116 26.69 4.39 -13.14
N THR B 117 27.22 3.16 -13.00
CA THR B 117 28.62 2.92 -13.29
C THR B 117 28.84 2.54 -14.76
N THR B 118 27.79 2.14 -15.48
CA THR B 118 27.93 1.68 -16.85
C THR B 118 28.15 2.85 -17.81
N VAL B 119 28.81 2.53 -18.93
CA VAL B 119 29.27 3.52 -19.89
C VAL B 119 28.06 4.33 -20.38
N GLU B 120 26.97 3.61 -20.71
CA GLU B 120 25.73 4.22 -21.17
CA GLU B 120 25.72 4.20 -21.17
C GLU B 120 25.17 5.21 -20.15
N ASN B 121 25.23 4.89 -18.85
CA ASN B 121 24.51 5.67 -17.85
C ASN B 121 25.34 6.82 -17.29
N PHE B 122 26.67 6.62 -17.27
CA PHE B 122 27.54 7.54 -16.55
C PHE B 122 27.30 8.99 -16.98
N GLN B 123 27.13 9.22 -18.28
CA GLN B 123 27.04 10.57 -18.81
C GLN B 123 25.71 11.21 -18.40
N HIS B 124 24.64 10.39 -18.41
CA HIS B 124 23.33 10.83 -17.99
C HIS B 124 23.38 11.23 -16.51
N PHE B 125 24.00 10.34 -15.72
CA PHE B 125 24.22 10.59 -14.29
C PHE B 125 24.86 11.96 -14.06
N MET B 126 25.96 12.24 -14.75
CA MET B 126 26.66 13.51 -14.60
C MET B 126 25.78 14.69 -15.03
N ASP B 127 25.01 14.49 -16.10
CA ASP B 127 24.10 15.52 -16.61
CA ASP B 127 24.10 15.52 -16.61
C ASP B 127 23.08 15.87 -15.53
N ARG B 128 22.57 14.81 -14.85
CA ARG B 128 21.54 15.00 -13.84
C ARG B 128 22.11 15.68 -12.59
N ILE B 129 23.37 15.38 -12.22
CA ILE B 129 24.03 16.04 -11.09
CA ILE B 129 24.03 16.04 -11.09
C ILE B 129 24.16 17.54 -11.40
N SER B 130 24.54 17.86 -12.65
CA SER B 130 24.84 19.20 -13.11
C SER B 130 23.58 20.01 -13.40
N ASN B 131 22.48 19.36 -13.82
CA ASN B 131 21.32 20.09 -14.33
C ASN B 131 20.03 19.74 -13.59
N GLY B 132 20.10 18.77 -12.68
CA GLY B 132 18.92 18.19 -12.04
C GLY B 132 18.56 18.89 -10.72
N GLY B 133 19.12 20.07 -10.49
CA GLY B 133 18.83 20.85 -9.30
C GLY B 133 17.39 21.33 -9.29
N LEU B 134 17.04 22.12 -8.28
CA LEU B 134 15.66 22.54 -8.09
C LEU B 134 15.17 23.27 -9.34
N GLU B 135 16.00 24.19 -9.87
CA GLU B 135 15.77 24.78 -11.17
C GLU B 135 16.55 23.96 -12.21
N GLU B 136 15.84 23.48 -13.24
CA GLU B 136 16.48 22.76 -14.34
C GLU B 136 17.64 23.58 -14.89
N GLY B 137 18.79 22.93 -15.06
CA GLY B 137 19.99 23.58 -15.56
C GLY B 137 20.95 24.02 -14.46
N LYS B 138 20.48 24.02 -13.21
CA LYS B 138 21.34 24.27 -12.06
C LYS B 138 21.73 22.93 -11.45
N PRO B 139 22.91 22.82 -10.80
CA PRO B 139 23.31 21.55 -10.18
C PRO B 139 22.56 21.25 -8.88
N VAL B 140 22.62 19.99 -8.46
CA VAL B 140 22.10 19.61 -7.16
C VAL B 140 23.02 20.20 -6.10
N ASP B 141 22.45 20.47 -4.91
CA ASP B 141 23.21 21.04 -3.82
C ASP B 141 24.14 20.02 -3.20
N LEU B 142 23.78 18.74 -3.24
CA LEU B 142 24.58 17.73 -2.56
C LEU B 142 24.32 16.39 -3.21
N VAL B 143 25.35 15.56 -3.29
CA VAL B 143 25.14 14.17 -3.68
C VAL B 143 25.38 13.34 -2.43
N LEU B 144 24.54 12.33 -2.21
CA LEU B 144 24.74 11.44 -1.08
C LEU B 144 24.95 10.05 -1.65
N SER B 145 26.04 9.44 -1.22
CA SER B 145 26.38 8.11 -1.67
C SER B 145 25.96 7.16 -0.57
N CYS B 146 24.93 6.35 -0.86
CA CYS B 146 24.47 5.33 0.06
C CYS B 146 24.54 3.96 -0.64
N VAL B 147 25.64 3.70 -1.35
CA VAL B 147 25.79 2.45 -2.08
C VAL B 147 26.57 1.46 -1.23
N ASP B 148 26.71 0.22 -1.72
CA ASP B 148 27.29 -0.86 -0.94
C ASP B 148 28.53 -1.47 -1.63
N ASN B 149 29.18 -0.74 -2.55
CA ASN B 149 30.36 -1.24 -3.28
C ASN B 149 31.27 -0.07 -3.68
N PHE B 150 32.56 -0.35 -3.83
CA PHE B 150 33.59 0.64 -4.15
C PHE B 150 33.48 1.14 -5.58
N GLU B 151 33.06 0.29 -6.51
CA GLU B 151 32.95 0.73 -7.89
C GLU B 151 31.98 1.91 -7.99
N ALA B 152 30.83 1.79 -7.33
CA ALA B 152 29.85 2.86 -7.36
C ALA B 152 30.38 4.12 -6.66
N ARG B 153 31.06 3.92 -5.51
CA ARG B 153 31.68 5.04 -4.80
C ARG B 153 32.71 5.75 -5.69
N MET B 154 33.58 4.97 -6.36
CA MET B 154 34.60 5.55 -7.24
CA MET B 154 34.60 5.54 -7.24
C MET B 154 33.95 6.30 -8.39
N THR B 155 32.82 5.79 -8.90
CA THR B 155 32.11 6.48 -9.96
C THR B 155 31.64 7.85 -9.50
N ILE B 156 31.03 7.92 -8.29
CA ILE B 156 30.51 9.19 -7.79
C ILE B 156 31.70 10.12 -7.56
N ASN B 157 32.77 9.55 -6.98
CA ASN B 157 34.01 10.28 -6.74
C ASN B 157 34.51 10.98 -8.01
N THR B 158 34.61 10.19 -9.11
CA THR B 158 35.16 10.68 -10.36
C THR B 158 34.31 11.83 -10.88
N ALA B 159 32.99 11.61 -10.83
CA ALA B 159 32.04 12.59 -11.35
C ALA B 159 32.15 13.89 -10.57
N CYS B 160 32.24 13.81 -9.23
CA CYS B 160 32.19 14.97 -8.37
C CYS B 160 33.51 15.75 -8.41
N ASN B 161 34.63 15.04 -8.51
CA ASN B 161 35.92 15.70 -8.68
C ASN B 161 35.90 16.51 -9.97
N GLU B 162 35.36 15.93 -11.04
CA GLU B 162 35.25 16.61 -12.31
C GLU B 162 34.35 17.84 -12.22
N LEU B 163 33.21 17.73 -11.54
CA LEU B 163 32.26 18.83 -11.55
C LEU B 163 32.55 19.84 -10.44
N GLY B 164 33.45 19.50 -9.51
CA GLY B 164 33.63 20.30 -8.31
C GLY B 164 32.38 20.23 -7.42
N GLN B 165 31.74 19.07 -7.37
CA GLN B 165 30.48 18.88 -6.65
C GLN B 165 30.76 18.34 -5.24
N THR B 166 30.25 19.06 -4.23
CA THR B 166 30.33 18.59 -2.86
C THR B 166 29.40 17.39 -2.66
N TRP B 167 29.86 16.38 -1.92
CA TRP B 167 29.06 15.20 -1.65
C TRP B 167 29.37 14.62 -0.29
N MET B 168 28.47 13.76 0.20
CA MET B 168 28.72 13.03 1.44
C MET B 168 28.56 11.55 1.15
N GLU B 169 29.38 10.75 1.80
CA GLU B 169 29.41 9.31 1.57
C GLU B 169 29.07 8.63 2.89
N SER B 170 28.33 7.52 2.82
CA SER B 170 28.00 6.74 4.00
C SER B 170 28.34 5.29 3.72
N GLY B 171 28.62 4.54 4.78
CA GLY B 171 28.83 3.11 4.63
C GLY B 171 28.47 2.43 5.94
N VAL B 172 28.13 1.14 5.82
CA VAL B 172 27.91 0.30 6.98
C VAL B 172 28.73 -0.97 6.76
N SER B 173 29.30 -1.53 7.84
CA SER B 173 30.17 -2.70 7.72
C SER B 173 29.36 -3.98 7.45
N GLU B 174 30.08 -5.01 6.98
CA GLU B 174 29.52 -6.30 6.60
C GLU B 174 29.02 -7.05 7.84
N ASN B 175 29.55 -6.70 9.02
CA ASN B 175 29.15 -7.35 10.25
C ASN B 175 28.04 -6.56 10.97
N ALA B 176 27.54 -5.49 10.31
CA ALA B 176 26.31 -4.80 10.70
C ALA B 176 26.50 -3.83 11.86
N VAL B 177 27.65 -3.87 12.56
CA VAL B 177 27.76 -3.17 13.83
C VAL B 177 28.67 -1.95 13.77
N SER B 178 29.02 -1.47 12.57
CA SER B 178 29.77 -0.23 12.46
CA SER B 178 29.79 -0.24 12.46
C SER B 178 29.39 0.49 11.18
N GLY B 179 29.61 1.81 11.15
CA GLY B 179 29.25 2.58 9.98
C GLY B 179 29.95 3.93 10.07
N HIS B 180 29.81 4.75 9.03
CA HIS B 180 30.45 6.06 9.05
C HIS B 180 29.79 6.97 8.03
N ILE B 181 30.05 8.28 8.16
CA ILE B 181 29.73 9.23 7.11
C ILE B 181 30.97 10.09 6.89
N GLN B 182 31.06 10.71 5.72
CA GLN B 182 32.23 11.51 5.38
C GLN B 182 31.78 12.64 4.46
N LEU B 183 32.34 13.83 4.62
CA LEU B 183 32.03 14.94 3.73
C LEU B 183 33.21 15.15 2.78
N ILE B 184 32.93 15.13 1.47
CA ILE B 184 33.94 15.33 0.44
C ILE B 184 33.68 16.65 -0.26
N ILE B 185 34.54 17.64 0.01
CA ILE B 185 34.53 18.88 -0.75
C ILE B 185 35.77 18.82 -1.66
N PRO B 186 35.61 18.52 -2.97
CA PRO B 186 36.79 18.26 -3.82
C PRO B 186 37.75 19.43 -3.72
N GLY B 187 39.02 19.13 -3.40
CA GLY B 187 40.06 20.13 -3.27
C GLY B 187 40.33 20.50 -1.82
N GLU B 188 39.27 20.51 -1.01
CA GLU B 188 39.34 20.93 0.38
C GLU B 188 39.52 19.73 1.32
N SER B 189 38.70 18.68 1.19
CA SER B 189 38.91 17.49 2.02
C SER B 189 39.25 16.30 1.13
N ALA B 190 39.75 15.21 1.74
CA ALA B 190 40.10 14.00 0.99
C ALA B 190 38.95 13.52 0.10
N CYS B 191 39.28 13.20 -1.16
CA CYS B 191 38.33 12.50 -2.03
C CYS B 191 38.50 11.01 -1.76
N PHE B 192 37.63 10.16 -2.33
CA PHE B 192 37.68 8.73 -2.07
CA PHE B 192 37.69 8.73 -2.08
C PHE B 192 38.96 8.13 -2.65
N ALA B 193 39.53 8.81 -3.67
CA ALA B 193 40.76 8.34 -4.29
C ALA B 193 41.99 8.81 -3.52
N CYS B 194 41.93 9.94 -2.81
CA CYS B 194 43.01 10.33 -1.91
C CYS B 194 43.52 9.21 -0.98
N ALA B 195 42.61 8.41 -0.42
CA ALA B 195 43.03 7.36 0.49
C ALA B 195 42.22 6.12 0.20
N PRO B 196 42.51 5.40 -0.91
CA PRO B 196 41.67 4.28 -1.31
C PRO B 196 41.80 3.09 -0.37
N PRO B 197 40.71 2.31 -0.16
CA PRO B 197 40.80 1.07 0.60
C PRO B 197 41.68 0.07 -0.15
N LEU B 198 42.11 -0.96 0.58
CA LEU B 198 43.02 -1.98 0.08
C LEU B 198 42.59 -2.52 -1.30
N VAL B 199 41.33 -2.95 -1.46
CA VAL B 199 40.88 -3.59 -2.69
C VAL B 199 41.03 -2.65 -3.89
N VAL B 200 40.62 -1.38 -3.73
CA VAL B 200 40.78 -0.41 -4.80
C VAL B 200 42.26 -0.22 -5.15
N ALA B 201 43.11 -0.02 -4.12
CA ALA B 201 44.53 0.21 -4.30
C ALA B 201 45.21 -0.97 -5.00
N ALA B 202 44.89 -2.21 -4.57
CA ALA B 202 45.45 -3.43 -5.12
C ALA B 202 44.80 -3.85 -6.45
N ASN B 203 43.92 -3.01 -7.02
CA ASN B 203 43.23 -3.24 -8.29
C ASN B 203 42.55 -4.61 -8.35
N ILE B 204 41.99 -5.06 -7.23
CA ILE B 204 41.28 -6.33 -7.18
C ILE B 204 39.81 -6.05 -7.53
N ASP B 205 39.23 -6.87 -8.42
CA ASP B 205 37.81 -6.79 -8.72
C ASP B 205 37.03 -7.21 -7.46
N GLU B 206 36.23 -6.29 -6.91
CA GLU B 206 35.52 -6.55 -5.66
C GLU B 206 34.52 -7.70 -5.81
N LYS B 207 34.07 -7.95 -7.06
CA LYS B 207 33.19 -9.06 -7.39
C LYS B 207 33.77 -10.39 -6.93
N THR B 208 35.10 -10.51 -7.04
CA THR B 208 35.84 -11.73 -6.73
C THR B 208 35.73 -12.06 -5.24
N LEU B 209 35.44 -11.07 -4.40
CA LEU B 209 35.31 -11.28 -2.97
C LEU B 209 33.96 -11.92 -2.63
N LYS B 210 32.99 -11.84 -3.54
CA LYS B 210 31.61 -12.16 -3.20
C LYS B 210 31.28 -13.61 -3.52
N ARG B 211 31.06 -14.40 -2.46
CA ARG B 211 30.65 -15.80 -2.55
CA ARG B 211 30.66 -15.80 -2.55
C ARG B 211 29.12 -15.88 -2.60
N GLU B 212 28.57 -16.62 -3.57
CA GLU B 212 27.12 -16.72 -3.69
C GLU B 212 26.54 -17.56 -2.55
N GLY B 213 25.36 -17.17 -2.05
CA GLY B 213 24.75 -17.82 -0.89
C GLY B 213 25.35 -17.37 0.44
N VAL B 214 26.13 -16.25 0.43
CA VAL B 214 26.43 -15.50 1.64
C VAL B 214 26.16 -14.01 1.41
N CYS B 215 25.58 -13.36 2.42
CA CYS B 215 25.20 -11.96 2.34
C CYS B 215 25.90 -11.23 3.49
N ALA B 216 25.97 -9.89 3.39
CA ALA B 216 26.39 -9.07 4.52
C ALA B 216 25.30 -9.13 5.58
N ALA B 217 25.68 -9.07 6.87
CA ALA B 217 24.70 -8.86 7.93
C ALA B 217 24.26 -7.40 7.94
N SER B 218 22.99 -7.15 8.31
CA SER B 218 22.51 -5.79 8.46
C SER B 218 21.46 -5.71 9.56
N LEU B 219 21.40 -4.55 10.24
CA LEU B 219 20.48 -4.31 11.34
C LEU B 219 19.73 -3.01 11.08
N PRO B 220 18.41 -2.96 11.40
CA PRO B 220 17.64 -1.73 11.22
C PRO B 220 18.12 -0.61 12.15
N THR B 221 18.76 -0.99 13.26
CA THR B 221 19.29 -0.06 14.25
C THR B 221 20.44 0.74 13.66
N THR B 222 21.45 0.02 13.14
CA THR B 222 22.59 0.64 12.48
C THR B 222 22.18 1.55 11.32
N MET B 223 21.23 1.09 10.48
CA MET B 223 20.73 1.84 9.33
C MET B 223 20.16 3.17 9.82
N GLY B 224 19.32 3.10 10.86
CA GLY B 224 18.68 4.25 11.45
C GLY B 224 19.69 5.26 12.01
N VAL B 225 20.67 4.75 12.76
CA VAL B 225 21.73 5.61 13.27
C VAL B 225 22.49 6.28 12.13
N VAL B 226 22.97 5.47 11.17
CA VAL B 226 23.82 6.01 10.10
C VAL B 226 23.05 7.02 9.25
N ALA B 227 21.79 6.70 8.90
CA ALA B 227 20.97 7.62 8.10
C ALA B 227 20.74 8.90 8.88
N GLY B 228 20.47 8.74 10.19
CA GLY B 228 20.21 9.85 11.08
C GLY B 228 21.39 10.80 11.14
N ILE B 229 22.59 10.25 11.40
CA ILE B 229 23.78 11.12 11.41
C ILE B 229 24.08 11.69 10.03
N LEU B 230 23.85 10.91 8.96
CA LEU B 230 24.08 11.43 7.61
C LEU B 230 23.18 12.64 7.37
N VAL B 231 21.88 12.50 7.62
CA VAL B 231 20.96 13.58 7.28
C VAL B 231 21.14 14.75 8.26
N GLN B 232 21.53 14.45 9.51
CA GLN B 232 21.88 15.52 10.44
C GLN B 232 22.99 16.38 9.87
N ASN B 233 24.05 15.74 9.36
CA ASN B 233 25.16 16.41 8.70
C ASN B 233 24.66 17.23 7.49
N VAL B 234 23.71 16.69 6.72
CA VAL B 234 23.16 17.39 5.57
C VAL B 234 22.46 18.68 6.01
N LEU B 235 21.66 18.60 7.08
CA LEU B 235 20.90 19.76 7.55
C LEU B 235 21.87 20.82 8.08
N LYS B 236 22.85 20.38 8.88
CA LYS B 236 23.87 21.28 9.41
C LYS B 236 24.59 21.99 8.28
N PHE B 237 24.90 21.25 7.21
CA PHE B 237 25.61 21.79 6.06
C PHE B 237 24.73 22.78 5.30
N LEU B 238 23.51 22.38 4.95
CA LEU B 238 22.67 23.19 4.07
C LEU B 238 22.11 24.39 4.81
N LEU B 239 21.80 24.23 6.10
CA LEU B 239 21.09 25.26 6.85
C LEU B 239 22.01 26.02 7.79
N ASN B 240 23.32 25.71 7.77
CA ASN B 240 24.34 26.43 8.51
CA ASN B 240 24.34 26.43 8.51
C ASN B 240 23.99 26.51 9.99
N PHE B 241 23.98 25.38 10.68
CA PHE B 241 23.85 25.41 12.12
C PHE B 241 24.71 24.28 12.66
N GLY B 242 25.14 24.38 13.92
CA GLY B 242 26.00 23.39 14.54
C GLY B 242 27.31 23.24 13.76
N THR B 243 28.05 22.18 14.10
CA THR B 243 29.33 21.90 13.48
C THR B 243 29.18 20.74 12.51
N VAL B 244 29.45 20.99 11.23
CA VAL B 244 29.47 19.96 10.21
C VAL B 244 30.65 19.02 10.47
N SER B 245 30.43 17.70 10.39
CA SER B 245 31.51 16.74 10.51
CA SER B 245 31.51 16.74 10.51
C SER B 245 32.05 16.39 9.13
N PHE B 246 33.39 16.28 9.02
CA PHE B 246 34.05 15.85 7.81
C PHE B 246 34.18 14.33 7.77
N TYR B 247 34.22 13.70 8.95
CA TYR B 247 34.09 12.26 9.08
C TYR B 247 33.52 11.99 10.46
N LEU B 248 32.52 11.12 10.53
CA LEU B 248 31.95 10.68 11.81
C LEU B 248 31.69 9.18 11.70
N GLY B 249 32.38 8.42 12.55
CA GLY B 249 32.19 6.98 12.63
C GLY B 249 31.17 6.58 13.69
N TYR B 250 30.78 5.31 13.62
CA TYR B 250 29.87 4.72 14.58
C TYR B 250 30.29 3.28 14.79
N ASN B 251 30.67 2.97 16.03
CA ASN B 251 31.03 1.63 16.46
CA ASN B 251 31.02 1.63 16.45
C ASN B 251 30.01 1.23 17.52
N ALA B 252 29.09 0.37 17.12
CA ALA B 252 27.95 0.00 17.93
C ALA B 252 28.36 -0.87 19.11
N MET B 253 29.45 -1.64 18.96
CA MET B 253 29.80 -2.61 19.97
C MET B 253 30.14 -1.90 21.29
N GLN B 254 30.78 -0.73 21.17
CA GLN B 254 31.30 -0.03 22.33
C GLN B 254 30.79 1.40 22.37
N ASP B 255 29.83 1.75 21.48
CA ASP B 255 29.19 3.06 21.48
C ASP B 255 30.22 4.17 21.32
N PHE B 256 31.14 3.99 20.38
CA PHE B 256 32.21 4.94 20.12
C PHE B 256 31.91 5.64 18.80
N PHE B 257 32.01 6.97 18.81
CA PHE B 257 31.63 7.72 17.64
C PHE B 257 32.77 8.66 17.25
N PRO B 258 33.87 8.18 16.66
CA PRO B 258 35.02 9.05 16.38
C PRO B 258 34.78 10.07 15.29
N THR B 259 35.18 11.32 15.53
CA THR B 259 35.23 12.36 14.50
CA THR B 259 35.23 12.35 14.50
C THR B 259 36.67 12.48 14.02
N MET B 260 36.85 12.81 12.74
CA MET B 260 38.15 12.99 12.11
C MET B 260 37.98 13.98 10.97
N SER B 261 39.11 14.38 10.41
CA SER B 261 39.12 15.26 9.26
C SER B 261 40.13 14.69 8.28
N MET B 262 39.66 14.28 7.10
CA MET B 262 40.55 13.65 6.12
C MET B 262 41.02 14.73 5.16
N LYS B 263 42.34 14.83 5.00
CA LYS B 263 42.93 15.87 4.16
CA LYS B 263 42.93 15.87 4.17
C LYS B 263 43.35 15.30 2.82
N PRO B 264 43.28 16.12 1.74
CA PRO B 264 43.61 15.65 0.41
C PRO B 264 45.06 15.19 0.31
N ASN B 265 45.26 14.17 -0.52
CA ASN B 265 46.53 13.64 -0.93
C ASN B 265 47.04 14.50 -2.08
N PRO B 266 48.21 15.16 -1.97
CA PRO B 266 48.65 16.09 -3.01
C PRO B 266 49.01 15.34 -4.29
N GLN B 267 49.32 14.05 -4.15
CA GLN B 267 49.61 13.19 -5.29
C GLN B 267 48.46 12.20 -5.52
N CYS B 268 47.24 12.65 -5.28
CA CYS B 268 46.07 11.80 -5.48
C CYS B 268 46.03 11.30 -6.93
N ASP B 269 45.70 10.02 -7.07
CA ASP B 269 45.54 9.38 -8.35
C ASP B 269 44.57 10.11 -9.27
N ASP B 270 43.58 10.84 -8.73
CA ASP B 270 42.61 11.50 -9.58
C ASP B 270 43.10 12.92 -9.86
N ARG B 271 43.36 13.19 -11.14
CA ARG B 271 43.94 14.44 -11.59
C ARG B 271 43.02 15.63 -11.31
N ASN B 272 41.70 15.41 -11.37
CA ASN B 272 40.74 16.47 -11.07
C ASN B 272 40.81 16.85 -9.59
N CYS B 273 41.02 15.86 -8.72
CA CYS B 273 41.21 16.11 -7.31
C CYS B 273 42.41 17.04 -7.15
N ARG B 274 43.55 16.66 -7.78
CA ARG B 274 44.77 17.46 -7.77
C ARG B 274 44.47 18.89 -8.25
N LYS B 275 43.80 19.02 -9.40
CA LYS B 275 43.41 20.33 -9.89
C LYS B 275 42.58 21.11 -8.87
N GLN B 276 41.60 20.43 -8.24
CA GLN B 276 40.73 21.07 -7.27
C GLN B 276 41.54 21.54 -6.06
N GLN B 277 42.50 20.71 -5.60
CA GLN B 277 43.41 21.08 -4.51
C GLN B 277 44.15 22.37 -4.85
N GLU B 278 44.67 22.46 -6.09
CA GLU B 278 45.38 23.64 -6.55
C GLU B 278 44.49 24.88 -6.49
N GLU B 279 43.27 24.78 -7.03
CA GLU B 279 42.36 25.93 -7.02
C GLU B 279 42.06 26.34 -5.59
N TYR B 280 41.98 25.35 -4.70
CA TYR B 280 41.54 25.60 -3.34
C TYR B 280 42.62 26.39 -2.57
N LYS B 281 43.87 25.90 -2.65
CA LYS B 281 45.02 26.51 -2.01
C LYS B 281 45.25 27.95 -2.48
N LYS B 282 44.97 28.20 -3.77
CA LYS B 282 45.04 29.54 -4.35
C LYS B 282 43.97 30.44 -3.75
N LYS B 283 42.72 29.97 -3.73
CA LYS B 283 41.59 30.72 -3.23
C LYS B 283 41.72 31.01 -1.73
N VAL B 284 42.47 30.16 -1.00
CA VAL B 284 42.69 30.30 0.43
C VAL B 284 43.71 31.42 0.69
N ALA B 285 44.81 31.41 -0.06
CA ALA B 285 45.88 32.39 0.08
C ALA B 285 45.42 33.78 -0.33
N ALA B 286 44.26 33.86 -1.00
CA ALA B 286 43.69 35.12 -1.50
C ALA B 286 42.46 35.55 -0.69
N LEU B 287 42.28 35.04 0.54
CA LEU B 287 41.05 35.34 1.28
C LEU B 287 41.30 36.31 2.45
N PRO B 288 40.45 37.36 2.58
CA PRO B 288 40.44 38.22 3.76
C PRO B 288 39.55 37.65 4.86
N GLU B 298 28.18 38.13 28.76
CA GLU B 298 28.09 37.08 29.75
C GLU B 298 26.63 36.85 30.20
N ILE B 299 26.44 35.88 31.08
CA ILE B 299 25.13 35.28 31.35
C ILE B 299 24.33 36.13 32.33
N ILE B 300 23.05 36.35 31.99
CA ILE B 300 22.12 37.10 32.84
C ILE B 300 21.13 36.13 33.50
N HIS B 301 21.04 36.27 34.83
CA HIS B 301 20.10 35.52 35.66
C HIS B 301 18.98 36.46 36.14
N GLU B 302 17.77 36.19 35.66
CA GLU B 302 16.59 36.99 35.99
C GLU B 302 16.26 36.85 37.47
N ASP B 303 16.41 35.64 38.01
CA ASP B 303 16.13 35.36 39.41
C ASP B 303 17.41 34.87 40.09
N ASN B 304 17.99 35.71 40.95
CA ASN B 304 19.06 35.30 41.85
C ASN B 304 18.84 35.94 43.22
N GLU B 305 17.80 35.46 43.92
CA GLU B 305 17.42 36.03 45.20
C GLU B 305 18.21 35.37 46.34
N TRP B 306 18.95 34.29 46.06
CA TRP B 306 19.69 33.57 47.08
C TRP B 306 21.15 33.99 47.14
N GLY B 307 21.53 34.93 46.28
CA GLY B 307 22.87 35.50 46.26
C GLY B 307 23.94 34.46 45.94
N ILE B 308 23.66 33.60 44.95
CA ILE B 308 24.65 32.66 44.46
C ILE B 308 25.60 33.49 43.60
N GLU B 309 26.91 33.22 43.73
CA GLU B 309 27.90 33.90 42.91
C GLU B 309 28.87 32.90 42.28
N LEU B 310 29.29 33.23 41.05
CA LEU B 310 30.21 32.44 40.26
C LEU B 310 31.64 32.88 40.56
N VAL B 311 32.46 31.95 41.07
CA VAL B 311 33.87 32.19 41.37
C VAL B 311 34.67 32.34 40.06
N GLY C 1 1.91 9.24 -10.75
CA GLY C 1 0.91 9.94 -9.86
C GLY C 1 -0.02 10.86 -10.65
N ARG C 2 -1.21 11.12 -10.10
CA ARG C 2 -2.19 11.97 -10.77
C ARG C 2 -2.23 13.35 -10.11
N VAL C 3 -2.44 14.37 -10.94
CA VAL C 3 -2.65 15.72 -10.44
C VAL C 3 -4.11 16.09 -10.65
N ARG C 4 -4.61 16.98 -9.77
CA ARG C 4 -5.97 17.50 -9.85
C ARG C 4 -6.19 18.25 -11.16
N ILE C 5 -7.41 18.13 -11.71
CA ILE C 5 -7.84 18.74 -12.96
C ILE C 5 -9.07 19.59 -12.68
N GLU C 6 -8.97 20.89 -13.00
CA GLU C 6 -10.01 21.85 -12.66
C GLU C 6 -11.19 21.75 -13.62
N LYS C 7 -10.89 21.82 -14.93
CA LYS C 7 -11.88 21.67 -15.98
C LYS C 7 -11.61 20.34 -16.68
N MET C 8 -12.63 19.49 -16.74
CA MET C 8 -12.54 18.19 -17.40
C MET C 8 -12.33 18.40 -18.90
N SER C 9 -11.24 17.83 -19.44
CA SER C 9 -10.83 18.12 -20.81
C SER C 9 -11.07 16.93 -21.76
N SER C 10 -11.44 17.25 -23.00
CA SER C 10 -11.68 16.31 -24.09
C SER C 10 -10.37 15.91 -24.78
N GLU C 11 -9.26 16.55 -24.41
CA GLU C 11 -8.03 16.41 -25.16
C GLU C 11 -7.55 14.95 -25.17
N VAL C 12 -7.36 14.40 -26.37
CA VAL C 12 -6.99 13.01 -26.51
C VAL C 12 -5.47 12.89 -26.39
N VAL C 13 -4.98 12.85 -25.15
CA VAL C 13 -3.56 12.65 -24.85
C VAL C 13 -3.43 11.61 -23.74
N ASP C 14 -2.28 10.94 -23.69
CA ASP C 14 -2.00 9.86 -22.73
C ASP C 14 -2.08 10.32 -21.28
N SER C 15 -2.00 11.63 -21.05
CA SER C 15 -1.89 12.11 -19.68
C SER C 15 -3.25 12.55 -19.14
N ASN C 16 -4.29 12.48 -19.99
CA ASN C 16 -5.65 12.92 -19.67
C ASN C 16 -6.54 11.73 -19.26
N PRO C 17 -6.82 11.55 -17.96
CA PRO C 17 -7.63 10.42 -17.48
C PRO C 17 -9.11 10.53 -17.86
N TYR C 18 -9.53 11.69 -18.39
CA TYR C 18 -10.91 11.87 -18.78
C TYR C 18 -11.10 11.79 -20.29
N SER C 19 -10.01 11.55 -21.04
CA SER C 19 -10.11 11.55 -22.50
C SER C 19 -11.13 10.54 -23.03
N ARG C 20 -11.08 9.28 -22.53
CA ARG C 20 -11.97 8.25 -23.05
C ARG C 20 -13.40 8.39 -22.50
N LEU C 21 -13.58 9.22 -21.46
CA LEU C 21 -14.92 9.48 -20.92
C LEU C 21 -15.56 10.62 -21.70
N MET C 22 -14.81 11.72 -21.89
CA MET C 22 -15.29 12.87 -22.63
C MET C 22 -15.55 12.51 -24.09
N ALA C 23 -14.92 11.45 -24.59
CA ALA C 23 -15.21 10.98 -25.95
C ALA C 23 -16.69 10.61 -26.11
N LEU C 24 -17.43 10.48 -25.02
CA LEU C 24 -18.83 10.11 -25.10
C LEU C 24 -19.65 11.25 -25.68
N LYS C 25 -19.18 12.50 -25.55
CA LYS C 25 -19.80 13.66 -26.19
C LYS C 25 -19.68 13.54 -27.70
N ARG C 26 -18.43 13.58 -28.17
CA ARG C 26 -18.05 13.42 -29.56
C ARG C 26 -18.87 12.29 -30.19
N MET C 27 -18.97 11.14 -29.50
CA MET C 27 -19.64 9.98 -30.09
C MET C 27 -21.16 10.10 -29.91
N GLY C 28 -21.64 11.24 -29.39
CA GLY C 28 -23.06 11.53 -29.22
C GLY C 28 -23.83 10.57 -28.30
N ILE C 29 -23.19 9.99 -27.28
CA ILE C 29 -23.90 9.14 -26.34
C ILE C 29 -24.40 9.98 -25.17
N VAL C 30 -23.51 10.82 -24.63
CA VAL C 30 -23.84 11.72 -23.55
C VAL C 30 -23.35 13.10 -23.96
N SER C 31 -24.27 14.04 -24.11
CA SER C 31 -23.92 15.37 -24.60
C SER C 31 -23.16 16.17 -23.56
N ASP C 32 -23.50 16.00 -22.27
CA ASP C 32 -22.90 16.78 -21.19
C ASP C 32 -22.23 15.86 -20.15
N TYR C 33 -21.16 15.16 -20.53
CA TYR C 33 -20.50 14.24 -19.63
C TYR C 33 -19.99 14.94 -18.36
N GLU C 34 -19.37 16.12 -18.50
CA GLU C 34 -18.71 16.85 -17.41
C GLU C 34 -19.66 17.09 -16.24
N LYS C 35 -20.98 17.04 -16.49
CA LYS C 35 -21.99 17.21 -15.46
C LYS C 35 -21.84 16.21 -14.32
N ILE C 36 -21.15 15.08 -14.55
CA ILE C 36 -20.89 14.05 -13.55
C ILE C 36 -20.21 14.65 -12.30
N ARG C 37 -19.39 15.70 -12.51
CA ARG C 37 -18.65 16.40 -11.47
C ARG C 37 -19.59 17.14 -10.51
N THR C 38 -20.83 17.37 -10.93
CA THR C 38 -21.76 18.18 -10.14
C THR C 38 -22.58 17.31 -9.19
N PHE C 39 -22.39 15.99 -9.21
CA PHE C 39 -23.25 15.14 -8.41
C PHE C 39 -22.52 14.53 -7.21
N ALA C 40 -23.29 14.24 -6.15
CA ALA C 40 -22.82 13.53 -4.97
C ALA C 40 -23.66 12.27 -4.80
N VAL C 41 -23.03 11.15 -4.44
CA VAL C 41 -23.71 9.88 -4.26
C VAL C 41 -23.28 9.29 -2.92
N ALA C 42 -24.26 8.82 -2.13
CA ALA C 42 -23.99 8.13 -0.88
C ALA C 42 -24.08 6.63 -1.13
N ILE C 43 -23.10 5.88 -0.59
CA ILE C 43 -23.07 4.44 -0.72
C ILE C 43 -23.08 3.88 0.69
N VAL C 44 -24.10 3.05 0.96
CA VAL C 44 -24.15 2.34 2.20
C VAL C 44 -23.74 0.90 1.91
N GLY C 45 -22.66 0.49 2.57
CA GLY C 45 -22.10 -0.84 2.40
C GLY C 45 -20.99 -0.79 1.36
N VAL C 46 -19.74 -0.86 1.82
CA VAL C 46 -18.59 -0.81 0.93
C VAL C 46 -17.91 -2.18 0.95
N GLY C 47 -18.72 -3.21 0.70
CA GLY C 47 -18.26 -4.59 0.63
C GLY C 47 -18.14 -5.00 -0.83
N GLY C 48 -18.57 -6.22 -1.13
CA GLY C 48 -18.42 -6.84 -2.45
C GLY C 48 -18.92 -5.93 -3.57
N VAL C 49 -20.19 -5.51 -3.50
CA VAL C 49 -20.76 -4.66 -4.52
C VAL C 49 -20.37 -3.21 -4.31
N GLY C 50 -20.41 -2.74 -3.05
CA GLY C 50 -20.25 -1.33 -2.76
C GLY C 50 -18.86 -0.77 -3.06
N SER C 51 -17.83 -1.60 -2.81
CA SER C 51 -16.46 -1.18 -3.10
C SER C 51 -16.24 -0.93 -4.59
N VAL C 52 -16.69 -1.89 -5.43
CA VAL C 52 -16.56 -1.78 -6.88
C VAL C 52 -17.39 -0.61 -7.40
N THR C 53 -18.58 -0.44 -6.84
CA THR C 53 -19.47 0.67 -7.15
C THR C 53 -18.76 2.01 -6.93
N ALA C 54 -18.13 2.14 -5.75
CA ALA C 54 -17.41 3.35 -5.39
C ALA C 54 -16.26 3.61 -6.37
N GLU C 55 -15.51 2.54 -6.68
CA GLU C 55 -14.40 2.68 -7.64
C GLU C 55 -14.90 3.14 -9.01
N MET C 56 -15.98 2.52 -9.51
CA MET C 56 -16.46 2.85 -10.85
C MET C 56 -16.88 4.32 -10.89
N LEU C 57 -17.56 4.79 -9.83
CA LEU C 57 -18.02 6.18 -9.79
C LEU C 57 -16.83 7.12 -9.66
N THR C 58 -15.79 6.71 -8.92
CA THR C 58 -14.58 7.50 -8.72
C THR C 58 -13.86 7.64 -10.06
N ARG C 59 -13.76 6.54 -10.80
CA ARG C 59 -13.08 6.58 -12.08
C ARG C 59 -13.85 7.42 -13.11
N CYS C 60 -15.16 7.53 -12.94
CA CYS C 60 -15.98 8.32 -13.85
C CYS C 60 -15.82 9.81 -13.57
N GLY C 61 -15.35 10.16 -12.36
CA GLY C 61 -15.19 11.56 -11.98
C GLY C 61 -16.40 12.18 -11.28
N ILE C 62 -17.19 11.35 -10.56
CA ILE C 62 -18.29 11.82 -9.74
C ILE C 62 -17.78 12.96 -8.85
N GLY C 63 -18.63 13.95 -8.56
CA GLY C 63 -18.22 15.07 -7.73
C GLY C 63 -17.88 14.66 -6.29
N LYS C 64 -18.73 13.83 -5.67
CA LYS C 64 -18.49 13.45 -4.29
C LYS C 64 -19.09 12.08 -4.01
N LEU C 65 -18.40 11.31 -3.17
CA LEU C 65 -18.92 10.07 -2.61
C LEU C 65 -18.99 10.18 -1.08
N LEU C 66 -20.10 9.68 -0.51
CA LEU C 66 -20.25 9.49 0.92
C LEU C 66 -20.29 7.99 1.17
N LEU C 67 -19.40 7.49 2.02
CA LEU C 67 -19.34 6.05 2.24
C LEU C 67 -19.76 5.76 3.67
N PHE C 68 -20.62 4.76 3.84
CA PHE C 68 -21.04 4.31 5.15
C PHE C 68 -20.81 2.82 5.26
N ASP C 69 -20.03 2.40 6.26
CA ASP C 69 -19.83 0.99 6.58
C ASP C 69 -19.18 1.01 7.96
N TYR C 70 -19.39 -0.04 8.75
CA TYR C 70 -18.82 -0.09 10.09
C TYR C 70 -17.86 -1.27 10.17
N ASP C 71 -17.71 -2.03 9.09
CA ASP C 71 -16.96 -3.28 9.07
C ASP C 71 -15.49 -3.03 8.73
N LYS C 72 -14.68 -4.08 8.97
CA LYS C 72 -13.25 -4.07 8.68
C LYS C 72 -12.95 -5.05 7.54
N VAL C 73 -11.88 -4.75 6.78
CA VAL C 73 -11.45 -5.63 5.71
C VAL C 73 -10.90 -6.91 6.36
N GLU C 74 -11.25 -8.08 5.82
CA GLU C 74 -10.71 -9.35 6.28
C GLU C 74 -10.16 -10.10 5.08
N LEU C 75 -9.30 -11.10 5.32
CA LEU C 75 -8.76 -11.90 4.23
C LEU C 75 -9.88 -12.71 3.56
N ALA C 76 -10.95 -12.99 4.31
CA ALA C 76 -12.08 -13.76 3.83
C ALA C 76 -12.81 -12.97 2.74
N ASN C 77 -12.56 -11.64 2.68
CA ASN C 77 -13.09 -10.78 1.64
C ASN C 77 -12.24 -10.78 0.37
N MET C 78 -11.10 -11.50 0.36
CA MET C 78 -10.14 -11.41 -0.73
C MET C 78 -10.62 -12.16 -1.99
N ASN C 79 -11.75 -12.87 -1.89
CA ASN C 79 -12.34 -13.51 -3.05
C ASN C 79 -13.09 -12.48 -3.89
N ARG C 80 -13.26 -11.28 -3.33
CA ARG C 80 -13.95 -10.21 -4.04
CA ARG C 80 -13.95 -10.21 -4.04
C ARG C 80 -12.97 -9.11 -4.44
N LEU C 81 -13.42 -8.20 -5.29
CA LEU C 81 -12.55 -7.21 -5.90
C LEU C 81 -12.23 -6.09 -4.92
N PHE C 82 -11.38 -5.17 -5.38
CA PHE C 82 -11.09 -3.91 -4.71
C PHE C 82 -10.05 -4.05 -3.60
N PHE C 83 -10.42 -4.55 -2.40
CA PHE C 83 -9.49 -4.55 -1.28
C PHE C 83 -8.32 -5.51 -1.49
N GLN C 84 -7.16 -5.13 -0.97
CA GLN C 84 -5.96 -5.96 -1.08
C GLN C 84 -5.59 -6.57 0.26
N PRO C 85 -4.86 -7.71 0.30
CA PRO C 85 -4.55 -8.37 1.57
C PRO C 85 -3.89 -7.47 2.63
N HIS C 86 -3.06 -6.51 2.21
CA HIS C 86 -2.39 -5.67 3.20
C HIS C 86 -3.37 -4.75 3.92
N GLN C 87 -4.60 -4.64 3.39
CA GLN C 87 -5.59 -3.73 3.97
C GLN C 87 -6.42 -4.45 5.02
N ALA C 88 -6.23 -5.77 5.16
CA ALA C 88 -6.93 -6.53 6.17
C ALA C 88 -6.72 -5.89 7.54
N GLY C 89 -7.81 -5.70 8.29
CA GLY C 89 -7.72 -5.11 9.60
C GLY C 89 -8.11 -3.64 9.59
N LEU C 90 -7.97 -2.96 8.44
CA LEU C 90 -8.43 -1.57 8.33
C LEU C 90 -9.96 -1.50 8.20
N SER C 91 -10.53 -0.34 8.52
CA SER C 91 -11.95 -0.16 8.27
C SER C 91 -12.16 -0.04 6.76
N LYS C 92 -13.24 -0.67 6.27
CA LYS C 92 -13.58 -0.65 4.85
C LYS C 92 -13.60 0.79 4.31
N VAL C 93 -14.16 1.74 5.08
CA VAL C 93 -14.33 3.10 4.56
C VAL C 93 -13.00 3.85 4.52
N GLN C 94 -12.10 3.53 5.45
CA GLN C 94 -10.80 4.20 5.55
CA GLN C 94 -10.82 4.20 5.54
C GLN C 94 -9.92 3.67 4.43
N ALA C 95 -9.88 2.33 4.29
CA ALA C 95 -9.18 1.64 3.21
C ALA C 95 -9.66 2.15 1.85
N ALA C 96 -10.99 2.25 1.68
CA ALA C 96 -11.57 2.65 0.41
C ALA C 96 -11.19 4.10 0.11
N GLU C 97 -11.35 4.98 1.08
CA GLU C 97 -11.06 6.39 0.85
C GLU C 97 -9.61 6.56 0.42
N HIS C 98 -8.69 5.84 1.07
CA HIS C 98 -7.28 5.99 0.73
C HIS C 98 -7.01 5.56 -0.71
N THR C 99 -7.45 4.35 -1.09
CA THR C 99 -7.30 3.85 -2.45
C THR C 99 -7.97 4.78 -3.46
N LEU C 100 -9.20 5.19 -3.17
CA LEU C 100 -9.98 5.95 -4.13
C LEU C 100 -9.38 7.33 -4.37
N ARG C 101 -8.84 7.98 -3.32
CA ARG C 101 -8.21 9.27 -3.48
C ARG C 101 -6.96 9.17 -4.37
N ASN C 102 -6.23 8.06 -4.23
CA ASN C 102 -5.09 7.81 -5.08
CA ASN C 102 -5.08 7.79 -5.09
C ASN C 102 -5.57 7.65 -6.54
N ILE C 103 -6.70 6.95 -6.72
CA ILE C 103 -7.20 6.66 -8.05
C ILE C 103 -7.63 7.95 -8.76
N ASN C 104 -8.36 8.81 -8.05
CA ASN C 104 -8.82 10.05 -8.66
C ASN C 104 -8.89 11.16 -7.61
N PRO C 105 -7.82 11.98 -7.48
CA PRO C 105 -7.81 13.08 -6.51
C PRO C 105 -8.82 14.19 -6.74
N ASP C 106 -9.57 14.14 -7.86
CA ASP C 106 -10.58 15.15 -8.14
C ASP C 106 -11.86 14.92 -7.33
N VAL C 107 -12.05 13.71 -6.79
CA VAL C 107 -13.33 13.34 -6.20
C VAL C 107 -13.33 13.69 -4.71
N LEU C 108 -14.38 14.33 -4.20
CA LEU C 108 -14.46 14.57 -2.76
C LEU C 108 -15.00 13.33 -2.04
N PHE C 109 -14.48 13.04 -0.85
CA PHE C 109 -14.97 11.92 -0.06
C PHE C 109 -15.37 12.37 1.33
N GLU C 110 -16.45 11.78 1.85
CA GLU C 110 -16.82 11.89 3.24
C GLU C 110 -17.18 10.47 3.68
N VAL C 111 -16.50 9.95 4.69
CA VAL C 111 -16.73 8.56 5.06
C VAL C 111 -17.21 8.50 6.49
N HIS C 112 -17.97 7.47 6.83
CA HIS C 112 -18.51 7.29 8.17
C HIS C 112 -18.40 5.82 8.53
N ASN C 113 -17.65 5.58 9.61
CA ASN C 113 -17.35 4.24 10.06
C ASN C 113 -18.33 3.88 11.16
N TYR C 114 -19.61 3.73 10.80
CA TYR C 114 -20.61 3.40 11.79
C TYR C 114 -21.76 2.59 11.19
N ASN C 115 -22.54 2.01 12.09
CA ASN C 115 -23.72 1.23 11.78
C ASN C 115 -24.91 2.18 11.68
N ILE C 116 -25.52 2.27 10.48
CA ILE C 116 -26.50 3.30 10.18
C ILE C 116 -27.83 3.01 10.89
N THR C 117 -28.02 1.80 11.43
CA THR C 117 -29.33 1.39 11.89
C THR C 117 -29.57 1.75 13.37
N THR C 118 -28.51 2.10 14.14
CA THR C 118 -28.69 2.42 15.55
C THR C 118 -29.26 3.83 15.74
N VAL C 119 -29.92 4.06 16.89
CA VAL C 119 -30.69 5.26 17.12
C VAL C 119 -29.79 6.49 16.99
N GLU C 120 -28.61 6.40 17.63
CA GLU C 120 -27.62 7.47 17.60
C GLU C 120 -27.16 7.79 16.17
N ASN C 121 -26.99 6.78 15.32
CA ASN C 121 -26.41 7.03 14.01
C ASN C 121 -27.45 7.35 12.95
N PHE C 122 -28.65 6.79 13.10
CA PHE C 122 -29.72 6.99 12.14
C PHE C 122 -29.94 8.47 11.84
N GLN C 123 -29.92 9.33 12.87
CA GLN C 123 -30.26 10.73 12.67
C GLN C 123 -29.12 11.42 11.92
N HIS C 124 -27.88 11.03 12.25
CA HIS C 124 -26.70 11.56 11.60
C HIS C 124 -26.74 11.18 10.12
N PHE C 125 -27.02 9.90 9.87
CA PHE C 125 -27.20 9.35 8.53
C PHE C 125 -28.17 10.21 7.72
N MET C 126 -29.37 10.48 8.26
CA MET C 126 -30.36 11.28 7.57
C MET C 126 -29.87 12.70 7.33
N ASP C 127 -29.14 13.26 8.30
CA ASP C 127 -28.59 14.61 8.20
CA ASP C 127 -28.59 14.60 8.20
C ASP C 127 -27.62 14.64 7.03
N ARG C 128 -26.80 13.59 6.89
CA ARG C 128 -25.79 13.52 5.84
C ARG C 128 -26.44 13.34 4.48
N ILE C 129 -27.54 12.58 4.39
CA ILE C 129 -28.27 12.41 3.14
CA ILE C 129 -28.28 12.40 3.14
C ILE C 129 -28.83 13.75 2.69
N SER C 130 -29.36 14.52 3.65
CA SER C 130 -30.03 15.80 3.43
C SER C 130 -29.04 16.95 3.19
N ASN C 131 -27.84 16.88 3.79
CA ASN C 131 -26.94 18.04 3.80
C ASN C 131 -25.56 17.73 3.24
N GLY C 132 -25.32 16.45 2.92
CA GLY C 132 -23.99 15.98 2.55
C GLY C 132 -23.72 16.02 1.05
N GLY C 133 -24.55 16.74 0.31
CA GLY C 133 -24.40 16.88 -1.13
C GLY C 133 -23.15 17.68 -1.47
N LEU C 134 -22.96 17.93 -2.76
CA LEU C 134 -21.71 18.53 -3.22
C LEU C 134 -21.51 19.87 -2.52
N GLU C 135 -22.57 20.67 -2.45
CA GLU C 135 -22.59 21.87 -1.63
C GLU C 135 -23.20 21.50 -0.27
N GLU C 136 -22.46 21.79 0.82
CA GLU C 136 -22.96 21.52 2.16
C GLU C 136 -24.33 22.18 2.34
N GLY C 137 -25.27 21.42 2.89
CA GLY C 137 -26.63 21.90 3.10
C GLY C 137 -27.60 21.47 2.00
N LYS C 138 -27.06 21.00 0.87
CA LYS C 138 -27.88 20.42 -0.19
C LYS C 138 -27.87 18.91 -0.06
N PRO C 139 -28.93 18.19 -0.50
CA PRO C 139 -28.95 16.72 -0.38
C PRO C 139 -28.07 16.02 -1.42
N VAL C 140 -27.76 14.75 -1.15
CA VAL C 140 -27.09 13.93 -2.13
C VAL C 140 -28.04 13.66 -3.28
N ASP C 141 -27.49 13.45 -4.47
CA ASP C 141 -28.29 13.19 -5.65
C ASP C 141 -28.86 11.77 -5.63
N LEU C 142 -28.16 10.82 -4.99
CA LEU C 142 -28.62 9.43 -5.02
C LEU C 142 -28.06 8.72 -3.80
N VAL C 143 -28.84 7.77 -3.26
CA VAL C 143 -28.30 6.88 -2.26
C VAL C 143 -28.22 5.51 -2.90
N LEU C 144 -27.13 4.78 -2.67
CA LEU C 144 -27.01 3.43 -3.18
C LEU C 144 -26.89 2.49 -2.00
N SER C 145 -27.77 1.49 -1.98
CA SER C 145 -27.76 0.52 -0.91
C SER C 145 -27.02 -0.71 -1.43
N CYS C 146 -25.83 -0.95 -0.87
CA CYS C 146 -25.05 -2.13 -1.18
C CYS C 146 -24.81 -2.94 0.09
N VAL C 147 -25.86 -3.10 0.91
CA VAL C 147 -25.74 -3.82 2.17
C VAL C 147 -26.15 -5.27 1.96
N ASP C 148 -25.98 -6.10 2.99
CA ASP C 148 -26.19 -7.54 2.88
C ASP C 148 -27.25 -8.06 3.87
N ASN C 149 -28.14 -7.18 4.36
CA ASN C 149 -29.19 -7.55 5.32
C ASN C 149 -30.40 -6.62 5.17
N PHE C 150 -31.58 -7.16 5.52
CA PHE C 150 -32.84 -6.44 5.41
C PHE C 150 -32.99 -5.29 6.41
N GLU C 151 -32.41 -5.44 7.60
CA GLU C 151 -32.52 -4.37 8.57
C GLU C 151 -31.95 -3.07 8.02
N ALA C 152 -30.74 -3.17 7.42
CA ALA C 152 -30.11 -1.99 6.86
C ALA C 152 -30.91 -1.44 5.66
N ARG C 153 -31.43 -2.35 4.81
CA ARG C 153 -32.27 -1.94 3.68
C ARG C 153 -33.52 -1.21 4.18
N MET C 154 -34.19 -1.77 5.19
CA MET C 154 -35.38 -1.13 5.75
C MET C 154 -35.07 0.25 6.31
N THR C 155 -33.88 0.37 6.94
CA THR C 155 -33.47 1.66 7.48
C THR C 155 -33.33 2.69 6.36
N ILE C 156 -32.65 2.32 5.25
CA ILE C 156 -32.45 3.27 4.15
C ILE C 156 -33.83 3.61 3.56
N ASN C 157 -34.66 2.57 3.42
CA ASN C 157 -36.01 2.72 2.90
C ASN C 157 -36.77 3.79 3.70
N THR C 158 -36.77 3.64 5.04
CA THR C 158 -37.52 4.51 5.93
C THR C 158 -37.02 5.95 5.77
N ALA C 159 -35.69 6.10 5.76
CA ALA C 159 -35.07 7.40 5.65
C ALA C 159 -35.46 8.09 4.36
N CYS C 160 -35.44 7.33 3.24
CA CYS C 160 -35.62 7.92 1.92
C CYS C 160 -37.10 8.23 1.65
N ASN C 161 -38.00 7.38 2.17
CA ASN C 161 -39.42 7.67 2.08
C ASN C 161 -39.72 8.98 2.81
N GLU C 162 -39.12 9.16 4.01
CA GLU C 162 -39.28 10.38 4.76
C GLU C 162 -38.75 11.59 4.00
N LEU C 163 -37.56 11.49 3.40
CA LEU C 163 -36.93 12.66 2.81
C LEU C 163 -37.40 12.88 1.37
N GLY C 164 -38.10 11.90 0.79
CA GLY C 164 -38.40 11.92 -0.63
C GLY C 164 -37.12 11.78 -1.47
N GLN C 165 -36.19 10.95 -0.98
CA GLN C 165 -34.89 10.78 -1.62
C GLN C 165 -34.92 9.59 -2.57
N THR C 166 -34.55 9.84 -3.84
CA THR C 166 -34.38 8.75 -4.80
C THR C 166 -33.15 7.90 -4.42
N TRP C 167 -33.29 6.57 -4.54
CA TRP C 167 -32.18 5.68 -4.24
C TRP C 167 -32.23 4.44 -5.12
N MET C 168 -31.10 3.73 -5.20
CA MET C 168 -31.07 2.45 -5.87
C MET C 168 -30.55 1.41 -4.90
N GLU C 169 -31.10 0.20 -4.99
CA GLU C 169 -30.77 -0.89 -4.09
C GLU C 169 -30.17 -2.02 -4.92
N SER C 170 -29.18 -2.72 -4.37
CA SER C 170 -28.57 -3.86 -5.05
C SER C 170 -28.53 -5.02 -4.07
N GLY C 171 -28.53 -6.23 -4.59
CA GLY C 171 -28.37 -7.40 -3.75
C GLY C 171 -27.75 -8.52 -4.56
N VAL C 172 -27.10 -9.44 -3.86
CA VAL C 172 -26.57 -10.65 -4.45
C VAL C 172 -27.00 -11.80 -3.57
N SER C 173 -27.32 -12.96 -4.18
CA SER C 173 -27.85 -14.09 -3.44
C SER C 173 -26.77 -14.80 -2.63
N GLU C 174 -27.22 -15.64 -1.69
CA GLU C 174 -26.39 -16.39 -0.77
C GLU C 174 -25.60 -17.46 -1.50
N ASN C 175 -26.10 -17.90 -2.65
CA ASN C 175 -25.46 -18.94 -3.43
C ASN C 175 -24.55 -18.32 -4.52
N ALA C 176 -24.41 -16.99 -4.52
CA ALA C 176 -23.39 -16.26 -5.28
C ALA C 176 -23.73 -16.09 -6.76
N VAL C 177 -24.77 -16.78 -7.26
CA VAL C 177 -24.99 -16.85 -8.70
C VAL C 177 -26.20 -16.05 -9.17
N SER C 178 -26.76 -15.17 -8.34
CA SER C 178 -27.82 -14.28 -8.82
CA SER C 178 -27.83 -14.29 -8.80
C SER C 178 -27.74 -12.95 -8.09
N GLY C 179 -28.32 -11.92 -8.69
CA GLY C 179 -28.27 -10.59 -8.08
C GLY C 179 -29.30 -9.71 -8.75
N HIS C 180 -29.45 -8.47 -8.27
CA HIS C 180 -30.42 -7.57 -8.89
C HIS C 180 -30.08 -6.14 -8.51
N ILE C 181 -30.66 -5.18 -9.25
CA ILE C 181 -30.68 -3.78 -8.84
C ILE C 181 -32.11 -3.29 -8.98
N GLN C 182 -32.43 -2.20 -8.26
CA GLN C 182 -33.79 -1.69 -8.27
C GLN C 182 -33.71 -0.19 -8.07
N LEU C 183 -34.54 0.57 -8.80
CA LEU C 183 -34.59 2.02 -8.59
C LEU C 183 -35.85 2.35 -7.79
N ILE C 184 -35.68 3.07 -6.67
CA ILE C 184 -36.77 3.48 -5.82
C ILE C 184 -36.91 5.00 -5.88
N ILE C 185 -37.95 5.47 -6.58
CA ILE C 185 -38.33 6.87 -6.50
C ILE C 185 -39.57 6.94 -5.61
N PRO C 186 -39.46 7.35 -4.32
CA PRO C 186 -40.57 7.23 -3.38
C PRO C 186 -41.81 7.91 -3.96
N GLY C 187 -42.91 7.16 -4.03
CA GLY C 187 -44.17 7.66 -4.56
C GLY C 187 -44.42 7.21 -5.99
N GLU C 188 -43.34 7.10 -6.77
CA GLU C 188 -43.42 6.77 -8.18
C GLU C 188 -43.20 5.26 -8.42
N SER C 189 -42.17 4.65 -7.82
CA SER C 189 -42.00 3.20 -7.95
C SER C 189 -42.09 2.55 -6.57
N ALA C 190 -42.24 1.22 -6.53
CA ALA C 190 -42.30 0.49 -5.27
C ALA C 190 -41.13 0.82 -4.35
N CYS C 191 -41.43 1.06 -3.06
CA CYS C 191 -40.40 1.16 -2.04
C CYS C 191 -40.16 -0.25 -1.52
N PHE C 192 -39.13 -0.44 -0.69
CA PHE C 192 -38.78 -1.77 -0.21
CA PHE C 192 -38.79 -1.77 -0.20
C PHE C 192 -39.91 -2.33 0.67
N ALA C 193 -40.71 -1.44 1.26
CA ALA C 193 -41.81 -1.85 2.11
C ALA C 193 -43.06 -2.19 1.31
N CYS C 194 -43.23 -1.59 0.12
CA CYS C 194 -44.33 -1.99 -0.77
C CYS C 194 -44.45 -3.51 -0.99
N ALA C 195 -43.32 -4.21 -1.14
CA ALA C 195 -43.39 -5.66 -1.36
C ALA C 195 -42.30 -6.31 -0.54
N PRO C 196 -42.47 -6.44 0.79
CA PRO C 196 -41.40 -6.93 1.65
C PRO C 196 -41.13 -8.41 1.42
N PRO C 197 -39.86 -8.86 1.56
CA PRO C 197 -39.54 -10.29 1.49
C PRO C 197 -40.16 -11.00 2.70
N LEU C 198 -40.21 -12.33 2.61
CA LEU C 198 -40.87 -13.16 3.60
C LEU C 198 -40.39 -12.82 5.03
N VAL C 199 -39.07 -12.75 5.26
CA VAL C 199 -38.53 -12.55 6.61
C VAL C 199 -39.01 -11.24 7.20
N VAL C 200 -38.97 -10.15 6.41
CA VAL C 200 -39.46 -8.85 6.90
C VAL C 200 -40.95 -8.93 7.22
N ALA C 201 -41.74 -9.49 6.31
CA ALA C 201 -43.19 -9.60 6.44
C ALA C 201 -43.57 -10.42 7.68
N ALA C 202 -42.90 -11.56 7.89
CA ALA C 202 -43.17 -12.46 9.00
C ALA C 202 -42.50 -11.99 10.31
N ASN C 203 -41.90 -10.79 10.31
CA ASN C 203 -41.26 -10.18 11.48
CA ASN C 203 -41.26 -10.18 11.47
C ASN C 203 -40.25 -11.12 12.13
N ILE C 204 -39.54 -11.94 11.33
CA ILE C 204 -38.53 -12.86 11.87
C ILE C 204 -37.21 -12.11 11.94
N ASP C 205 -36.52 -12.25 13.08
CA ASP C 205 -35.18 -11.68 13.26
C ASP C 205 -34.24 -12.42 12.32
N GLU C 206 -33.63 -11.67 11.37
CA GLU C 206 -32.81 -12.29 10.33
C GLU C 206 -31.57 -12.93 10.96
N LYS C 207 -31.17 -12.44 12.15
CA LYS C 207 -30.06 -13.00 12.91
C LYS C 207 -30.27 -14.48 13.19
N THR C 208 -31.51 -14.90 13.39
CA THR C 208 -31.88 -16.27 13.71
C THR C 208 -31.54 -17.22 12.56
N LEU C 209 -31.43 -16.67 11.34
CA LEU C 209 -31.10 -17.47 10.16
C LEU C 209 -29.60 -17.80 10.12
N LYS C 210 -28.78 -17.05 10.88
CA LYS C 210 -27.34 -17.16 10.75
C LYS C 210 -26.77 -18.18 11.73
N ARG C 211 -26.26 -19.31 11.20
CA ARG C 211 -25.48 -20.28 11.94
CA ARG C 211 -25.48 -20.29 11.93
C ARG C 211 -24.00 -19.88 11.89
N GLU C 212 -23.33 -19.89 13.07
CA GLU C 212 -21.90 -19.61 13.13
C GLU C 212 -21.09 -20.70 12.42
N GLY C 213 -20.03 -20.27 11.73
CA GLY C 213 -19.20 -21.16 10.94
C GLY C 213 -19.82 -21.54 9.58
N VAL C 214 -20.85 -20.80 9.15
CA VAL C 214 -21.30 -20.81 7.76
C VAL C 214 -21.45 -19.38 7.26
N CYS C 215 -21.03 -19.15 6.02
CA CYS C 215 -21.05 -17.84 5.39
C CYS C 215 -21.86 -17.96 4.09
N ALA C 216 -22.28 -16.82 3.55
CA ALA C 216 -22.80 -16.78 2.18
C ALA C 216 -21.66 -17.06 1.21
N ALA C 217 -21.93 -17.75 0.10
CA ALA C 217 -20.97 -17.84 -1.01
C ALA C 217 -20.93 -16.50 -1.76
N SER C 218 -19.75 -16.13 -2.28
CA SER C 218 -19.65 -14.96 -3.15
C SER C 218 -18.59 -15.16 -4.23
N LEU C 219 -18.80 -14.53 -5.38
CA LEU C 219 -17.89 -14.62 -6.52
C LEU C 219 -17.53 -13.21 -6.98
N PRO C 220 -16.25 -12.96 -7.36
CA PRO C 220 -15.85 -11.64 -7.86
C PRO C 220 -16.55 -11.30 -9.18
N THR C 221 -16.96 -12.34 -9.93
CA THR C 221 -17.69 -12.20 -11.20
C THR C 221 -19.03 -11.53 -10.98
N THR C 222 -19.86 -12.14 -10.13
CA THR C 222 -21.17 -11.61 -9.79
C THR C 222 -21.10 -10.18 -9.23
N MET C 223 -20.12 -9.90 -8.35
CA MET C 223 -19.92 -8.58 -7.75
C MET C 223 -19.70 -7.56 -8.87
N GLY C 224 -18.81 -7.91 -9.80
CA GLY C 224 -18.45 -7.07 -10.93
C GLY C 224 -19.64 -6.79 -11.83
N VAL C 225 -20.40 -7.85 -12.15
CA VAL C 225 -21.60 -7.66 -12.96
C VAL C 225 -22.60 -6.75 -12.24
N VAL C 226 -22.91 -7.06 -10.97
CA VAL C 226 -23.94 -6.32 -10.25
C VAL C 226 -23.53 -4.85 -10.06
N ALA C 227 -22.26 -4.60 -9.69
CA ALA C 227 -21.79 -3.24 -9.52
C ALA C 227 -21.84 -2.51 -10.87
N GLY C 228 -21.45 -3.22 -11.93
CA GLY C 228 -21.42 -2.68 -13.27
C GLY C 228 -22.81 -2.23 -13.70
N ILE C 229 -23.80 -3.12 -13.56
CA ILE C 229 -25.17 -2.73 -13.93
C ILE C 229 -25.70 -1.65 -12.99
N LEU C 230 -25.36 -1.69 -11.69
CA LEU C 230 -25.79 -0.65 -10.77
C LEU C 230 -25.27 0.71 -11.22
N VAL C 231 -23.95 0.81 -11.48
CA VAL C 231 -23.37 2.11 -11.79
C VAL C 231 -23.78 2.55 -13.21
N GLN C 232 -24.01 1.57 -14.10
CA GLN C 232 -24.53 1.92 -15.41
C GLN C 232 -25.89 2.62 -15.26
N ASN C 233 -26.76 2.04 -14.42
CA ASN C 233 -28.06 2.64 -14.10
C ASN C 233 -27.89 4.04 -13.51
N VAL C 234 -26.88 4.22 -12.64
CA VAL C 234 -26.60 5.51 -12.04
C VAL C 234 -26.25 6.55 -13.11
N LEU C 235 -25.39 6.17 -14.07
CA LEU C 235 -24.93 7.10 -15.09
C LEU C 235 -26.09 7.48 -16.00
N LYS C 236 -26.86 6.46 -16.41
CA LYS C 236 -28.03 6.69 -17.25
C LYS C 236 -29.00 7.65 -16.55
N PHE C 237 -29.18 7.48 -15.24
CA PHE C 237 -30.08 8.30 -14.45
C PHE C 237 -29.55 9.73 -14.33
N LEU C 238 -28.28 9.89 -13.93
CA LEU C 238 -27.76 11.21 -13.62
C LEU C 238 -27.47 12.00 -14.91
N LEU C 239 -27.05 11.31 -15.98
CA LEU C 239 -26.58 11.98 -17.18
C LEU C 239 -27.60 11.90 -18.31
N ASN C 240 -28.78 11.32 -18.03
CA ASN C 240 -29.91 11.29 -18.95
CA ASN C 240 -29.92 11.29 -18.95
C ASN C 240 -29.51 10.73 -20.31
N PHE C 241 -29.18 9.44 -20.36
CA PHE C 241 -28.96 8.79 -21.64
C PHE C 241 -29.45 7.36 -21.46
N GLY C 242 -29.81 6.71 -22.57
CA GLY C 242 -30.37 5.37 -22.55
C GLY C 242 -31.63 5.29 -21.71
N THR C 243 -32.06 4.07 -21.42
CA THR C 243 -33.25 3.80 -20.66
C THR C 243 -32.84 3.31 -19.27
N VAL C 244 -33.22 4.06 -18.24
CA VAL C 244 -33.01 3.65 -16.86
C VAL C 244 -33.88 2.44 -16.54
N SER C 245 -33.32 1.45 -15.85
CA SER C 245 -34.10 0.30 -15.40
C SER C 245 -34.62 0.55 -13.99
N PHE C 246 -35.88 0.14 -13.74
CA PHE C 246 -36.49 0.22 -12.42
C PHE C 246 -36.21 -1.05 -11.63
N TYR C 247 -36.04 -2.17 -12.33
CA TYR C 247 -35.55 -3.40 -11.75
C TYR C 247 -34.82 -4.16 -12.84
N LEU C 248 -33.62 -4.65 -12.54
CA LEU C 248 -32.87 -5.49 -13.45
C LEU C 248 -32.24 -6.62 -12.63
N GLY C 249 -32.62 -7.85 -12.95
CA GLY C 249 -32.06 -9.02 -12.31
C GLY C 249 -30.90 -9.62 -13.11
N TYR C 250 -30.20 -10.54 -12.46
CA TYR C 250 -29.11 -11.25 -13.06
C TYR C 250 -29.11 -12.68 -12.52
N ASN C 251 -29.30 -13.63 -13.42
CA ASN C 251 -29.25 -15.06 -13.11
CA ASN C 251 -29.24 -15.05 -13.10
C ASN C 251 -28.09 -15.65 -13.89
N ALA C 252 -26.99 -15.88 -13.19
CA ALA C 252 -25.73 -16.29 -13.80
C ALA C 252 -25.81 -17.71 -14.34
N MET C 253 -26.67 -18.55 -13.75
CA MET C 253 -26.67 -19.96 -14.12
C MET C 253 -27.10 -20.11 -15.57
N GLN C 254 -28.04 -19.26 -16.00
CA GLN C 254 -28.65 -19.40 -17.32
C GLN C 254 -28.52 -18.10 -18.12
N ASP C 255 -27.78 -17.12 -17.59
CA ASP C 255 -27.53 -15.85 -18.28
C ASP C 255 -28.84 -15.15 -18.61
N PHE C 256 -29.73 -15.07 -17.62
CA PHE C 256 -31.02 -14.44 -17.79
C PHE C 256 -31.02 -13.13 -17.02
N PHE C 257 -31.45 -12.06 -17.67
CA PHE C 257 -31.36 -10.74 -17.06
C PHE C 257 -32.73 -10.07 -17.13
N PRO C 258 -33.71 -10.48 -16.31
CA PRO C 258 -35.06 -9.90 -16.40
C PRO C 258 -35.16 -8.44 -15.98
N THR C 259 -35.86 -7.63 -16.78
CA THR C 259 -36.26 -6.29 -16.39
CA THR C 259 -36.26 -6.28 -16.40
C THR C 259 -37.71 -6.32 -15.94
N MET C 260 -38.08 -5.45 -14.99
CA MET C 260 -39.42 -5.29 -14.49
C MET C 260 -39.58 -3.85 -14.04
N SER C 261 -40.83 -3.51 -13.76
CA SER C 261 -41.15 -2.25 -13.13
C SER C 261 -42.02 -2.57 -11.92
N MET C 262 -41.52 -2.25 -10.72
CA MET C 262 -42.29 -2.47 -9.52
C MET C 262 -43.07 -1.20 -9.20
N LYS C 263 -44.38 -1.37 -9.03
CA LYS C 263 -45.28 -0.25 -8.80
C LYS C 263 -45.64 -0.18 -7.33
N PRO C 264 -45.86 1.05 -6.81
CA PRO C 264 -46.17 1.23 -5.40
C PRO C 264 -47.43 0.48 -4.98
N ASN C 265 -47.38 -0.02 -3.76
CA ASN C 265 -48.50 -0.63 -3.07
C ASN C 265 -49.30 0.52 -2.44
N PRO C 266 -50.59 0.70 -2.80
CA PRO C 266 -51.34 1.86 -2.31
C PRO C 266 -51.56 1.76 -0.79
N GLN C 267 -51.51 0.53 -0.28
CA GLN C 267 -51.65 0.27 1.15
C GLN C 267 -50.31 -0.14 1.74
N CYS C 268 -49.22 0.45 1.25
CA CYS C 268 -47.90 0.14 1.76
C CYS C 268 -47.85 0.46 3.25
N ASP C 269 -47.22 -0.45 3.98
CA ASP C 269 -47.02 -0.33 5.41
C ASP C 269 -46.33 0.98 5.80
N ASP C 270 -45.54 1.59 4.93
CA ASP C 270 -44.83 2.81 5.29
C ASP C 270 -45.70 4.00 4.88
N ARG C 271 -46.13 4.78 5.88
CA ARG C 271 -47.04 5.89 5.69
C ARG C 271 -46.45 6.99 4.81
N ASN C 272 -45.13 7.18 4.88
CA ASN C 272 -44.46 8.18 4.05
C ASN C 272 -44.50 7.79 2.58
N CYS C 273 -44.39 6.47 2.31
CA CYS C 273 -44.53 5.96 0.96
C CYS C 273 -45.92 6.33 0.46
N ARG C 274 -46.95 6.02 1.26
CA ARG C 274 -48.33 6.35 0.95
C ARG C 274 -48.48 7.85 0.66
N LYS C 275 -47.94 8.70 1.54
CA LYS C 275 -47.96 10.13 1.32
C LYS C 275 -47.30 10.50 0.00
N GLN C 276 -46.13 9.90 -0.28
CA GLN C 276 -45.39 10.21 -1.50
C GLN C 276 -46.20 9.79 -2.73
N GLN C 277 -46.87 8.62 -2.66
CA GLN C 277 -47.75 8.16 -3.73
C GLN C 277 -48.84 9.19 -4.01
N GLU C 278 -49.46 9.73 -2.95
CA GLU C 278 -50.49 10.74 -3.06
C GLU C 278 -49.97 11.98 -3.79
N GLU C 279 -48.81 12.50 -3.36
CA GLU C 279 -48.24 13.69 -3.97
C GLU C 279 -47.95 13.42 -5.44
N TYR C 280 -47.54 12.19 -5.74
CA TYR C 280 -47.09 11.85 -7.09
C TYR C 280 -48.27 11.84 -8.05
N LYS C 281 -49.35 11.14 -7.67
CA LYS C 281 -50.57 11.03 -8.46
C LYS C 281 -51.22 12.39 -8.73
N LYS C 282 -51.12 13.31 -7.75
CA LYS C 282 -51.60 14.68 -7.90
C LYS C 282 -50.76 15.42 -8.93
N LYS C 283 -49.43 15.35 -8.79
CA LYS C 283 -48.50 16.05 -9.68
C LYS C 283 -48.58 15.50 -11.11
N VAL C 284 -49.02 14.24 -11.27
CA VAL C 284 -49.17 13.59 -12.56
C VAL C 284 -50.41 14.11 -13.28
N ALA C 285 -51.53 14.19 -12.56
CA ALA C 285 -52.80 14.66 -13.10
C ALA C 285 -52.74 16.14 -13.47
N ALA C 286 -51.70 16.84 -13.01
CA ALA C 286 -51.49 18.26 -13.25
C ALA C 286 -50.37 18.53 -14.26
N LEU C 287 -49.93 17.53 -15.05
CA LEU C 287 -48.83 17.71 -15.99
C LEU C 287 -49.39 17.66 -17.42
N GLU C 298 -34.39 10.65 -40.82
CA GLU C 298 -34.24 9.20 -40.64
C GLU C 298 -32.81 8.78 -41.02
N ILE C 299 -32.71 7.67 -41.77
CA ILE C 299 -31.44 7.04 -42.09
C ILE C 299 -30.76 7.75 -43.27
N ILE C 300 -29.46 8.01 -43.14
CA ILE C 300 -28.64 8.60 -44.17
C ILE C 300 -27.76 7.54 -44.84
N HIS C 301 -27.87 7.34 -46.16
CA HIS C 301 -26.85 6.62 -46.92
C HIS C 301 -26.11 7.60 -47.81
N GLU C 302 -24.84 7.90 -47.48
CA GLU C 302 -24.01 8.70 -48.38
C GLU C 302 -23.66 7.90 -49.63
N ASP C 303 -23.44 6.59 -49.45
CA ASP C 303 -22.98 5.71 -50.51
C ASP C 303 -23.98 4.58 -50.71
N ASN C 304 -24.71 4.61 -51.83
CA ASN C 304 -25.53 3.50 -52.29
C ASN C 304 -25.39 3.39 -53.80
N GLU C 305 -24.22 2.91 -54.25
CA GLU C 305 -23.91 2.89 -55.67
C GLU C 305 -24.41 1.61 -56.33
N TRP C 306 -24.85 0.62 -55.52
CA TRP C 306 -25.30 -0.66 -56.07
C TRP C 306 -26.81 -0.72 -56.18
N GLY C 307 -27.48 0.38 -55.83
CA GLY C 307 -28.93 0.51 -55.99
C GLY C 307 -29.71 -0.49 -55.14
N ILE C 308 -29.28 -0.67 -53.88
CA ILE C 308 -30.03 -1.48 -52.94
C ILE C 308 -31.23 -0.64 -52.52
N GLU C 309 -32.41 -1.26 -52.39
CA GLU C 309 -33.58 -0.54 -51.90
C GLU C 309 -34.29 -1.27 -50.76
N LEU C 310 -34.84 -0.48 -49.84
CA LEU C 310 -35.62 -0.96 -48.70
C LEU C 310 -37.10 -1.09 -49.12
N VAL C 311 -37.63 -2.31 -49.08
CA VAL C 311 -38.97 -2.58 -49.60
C VAL C 311 -40.02 -2.08 -48.59
N GLY D 1 -0.55 -8.96 5.00
CA GLY D 1 -0.40 -9.66 3.69
C GLY D 1 -0.97 -11.08 3.68
N ARG D 2 -0.84 -11.75 2.54
CA ARG D 2 -1.36 -13.10 2.36
CA ARG D 2 -1.36 -13.09 2.37
C ARG D 2 -0.20 -14.08 2.28
N VAL D 3 -0.44 -15.30 2.77
CA VAL D 3 0.53 -16.38 2.73
C VAL D 3 -0.01 -17.44 1.77
N ARG D 4 0.90 -18.23 1.18
CA ARG D 4 0.53 -19.34 0.30
CA ARG D 4 0.54 -19.35 0.30
C ARG D 4 -0.25 -20.39 1.09
N ILE D 5 -1.21 -21.02 0.41
CA ILE D 5 -2.09 -22.05 0.97
C ILE D 5 -1.98 -23.29 0.08
N GLU D 6 -1.56 -24.40 0.69
CA GLU D 6 -1.29 -25.64 -0.04
C GLU D 6 -2.60 -26.35 -0.38
N LYS D 7 -3.47 -26.55 0.63
CA LYS D 7 -4.76 -27.19 0.39
C LYS D 7 -5.84 -26.14 0.59
N MET D 8 -6.68 -25.93 -0.42
CA MET D 8 -7.78 -24.98 -0.34
C MET D 8 -8.80 -25.47 0.68
N SER D 9 -9.10 -24.65 1.70
CA SER D 9 -9.90 -25.06 2.84
C SER D 9 -11.28 -24.41 2.86
N SER D 10 -12.28 -25.18 3.31
CA SER D 10 -13.67 -24.78 3.48
C SER D 10 -13.89 -23.97 4.76
N GLU D 11 -12.86 -23.91 5.61
CA GLU D 11 -13.04 -23.43 6.97
C GLU D 11 -13.51 -21.97 6.95
N VAL D 12 -14.64 -21.72 7.61
CA VAL D 12 -15.21 -20.39 7.63
C VAL D 12 -14.57 -19.59 8.75
N VAL D 13 -13.40 -19.00 8.47
CA VAL D 13 -12.71 -18.09 9.37
C VAL D 13 -12.28 -16.85 8.59
N ASP D 14 -12.09 -15.74 9.32
CA ASP D 14 -11.72 -14.45 8.75
C ASP D 14 -10.40 -14.47 7.99
N SER D 15 -9.58 -15.48 8.22
CA SER D 15 -8.23 -15.47 7.69
C SER D 15 -8.15 -16.29 6.39
N ASN D 16 -9.27 -16.94 6.02
CA ASN D 16 -9.32 -17.89 4.92
C ASN D 16 -9.89 -17.23 3.66
N PRO D 17 -9.04 -16.85 2.68
CA PRO D 17 -9.51 -16.14 1.48
C PRO D 17 -10.35 -17.02 0.55
N TYR D 18 -10.39 -18.32 0.80
CA TYR D 18 -11.18 -19.21 -0.03
C TYR D 18 -12.48 -19.64 0.65
N SER D 19 -12.75 -19.13 1.85
CA SER D 19 -13.94 -19.55 2.60
C SER D 19 -15.23 -19.28 1.81
N ARG D 20 -15.40 -18.08 1.25
CA ARG D 20 -16.63 -17.74 0.57
C ARG D 20 -16.71 -18.40 -0.82
N LEU D 21 -15.59 -18.92 -1.32
CA LEU D 21 -15.56 -19.62 -2.60
C LEU D 21 -15.91 -21.09 -2.39
N MET D 22 -15.26 -21.72 -1.41
CA MET D 22 -15.54 -23.11 -1.06
C MET D 22 -16.97 -23.29 -0.55
N ALA D 23 -17.60 -22.20 -0.07
CA ALA D 23 -18.99 -22.26 0.34
C ALA D 23 -19.91 -22.64 -0.83
N LEU D 24 -19.36 -22.66 -2.06
CA LEU D 24 -20.17 -23.02 -3.21
C LEU D 24 -20.53 -24.51 -3.17
N LYS D 25 -19.75 -25.33 -2.45
CA LYS D 25 -20.10 -26.72 -2.22
C LYS D 25 -21.37 -26.82 -1.37
N ARG D 26 -21.27 -26.35 -0.13
CA ARG D 26 -22.39 -26.29 0.80
C ARG D 26 -23.65 -25.74 0.10
N MET D 27 -23.50 -24.70 -0.71
CA MET D 27 -24.66 -24.11 -1.36
C MET D 27 -25.09 -24.92 -2.59
N GLY D 28 -24.41 -26.06 -2.83
CA GLY D 28 -24.72 -26.97 -3.91
C GLY D 28 -24.58 -26.40 -5.33
N ILE D 29 -23.71 -25.40 -5.54
CA ILE D 29 -23.55 -24.82 -6.87
C ILE D 29 -22.42 -25.54 -7.60
N VAL D 30 -21.27 -25.68 -6.93
CA VAL D 30 -20.11 -26.33 -7.50
C VAL D 30 -19.63 -27.35 -6.48
N SER D 31 -19.66 -28.62 -6.85
CA SER D 31 -19.25 -29.69 -5.95
C SER D 31 -17.74 -29.73 -5.75
N ASP D 32 -16.96 -29.42 -6.80
CA ASP D 32 -15.51 -29.53 -6.77
C ASP D 32 -14.83 -28.19 -7.08
N TYR D 33 -15.02 -27.20 -6.21
CA TYR D 33 -14.47 -25.87 -6.46
C TYR D 33 -12.94 -25.89 -6.61
N GLU D 34 -12.25 -26.62 -5.71
CA GLU D 34 -10.79 -26.64 -5.64
C GLU D 34 -10.13 -26.99 -6.98
N LYS D 35 -10.89 -27.63 -7.88
CA LYS D 35 -10.42 -27.95 -9.21
C LYS D 35 -9.92 -26.74 -9.99
N ILE D 36 -10.35 -25.52 -9.61
CA ILE D 36 -9.94 -24.26 -10.23
C ILE D 36 -8.41 -24.13 -10.24
N ARG D 37 -7.74 -24.70 -9.23
CA ARG D 37 -6.30 -24.63 -9.04
C ARG D 37 -5.58 -25.46 -10.10
N THR D 38 -6.29 -26.35 -10.80
CA THR D 38 -5.66 -27.24 -11.76
C THR D 38 -5.66 -26.64 -13.16
N PHE D 39 -6.21 -25.44 -13.34
CA PHE D 39 -6.34 -24.90 -14.69
C PHE D 39 -5.39 -23.73 -14.94
N ALA D 40 -4.98 -23.57 -16.20
CA ALA D 40 -4.20 -22.42 -16.66
C ALA D 40 -4.99 -21.70 -17.76
N VAL D 41 -4.97 -20.36 -17.73
CA VAL D 41 -5.70 -19.55 -18.71
C VAL D 41 -4.74 -18.52 -19.27
N ALA D 42 -4.74 -18.36 -20.60
CA ALA D 42 -3.97 -17.32 -21.26
C ALA D 42 -4.91 -16.16 -21.58
N ILE D 43 -4.44 -14.94 -21.30
CA ILE D 43 -5.21 -13.73 -21.57
C ILE D 43 -4.37 -12.87 -22.49
N VAL D 44 -4.94 -12.59 -23.67
CA VAL D 44 -4.31 -11.67 -24.59
C VAL D 44 -5.05 -10.35 -24.49
N GLY D 45 -4.29 -9.32 -24.08
CA GLY D 45 -4.83 -7.99 -23.90
C GLY D 45 -5.21 -7.80 -22.43
N VAL D 46 -4.39 -7.01 -21.71
CA VAL D 46 -4.63 -6.77 -20.30
C VAL D 46 -4.99 -5.30 -20.13
N GLY D 47 -5.97 -4.87 -20.91
CA GLY D 47 -6.51 -3.53 -20.87
C GLY D 47 -7.80 -3.52 -20.06
N GLY D 48 -8.78 -2.74 -20.54
CA GLY D 48 -10.05 -2.54 -19.87
C GLY D 48 -10.71 -3.83 -19.40
N VAL D 49 -10.96 -4.75 -20.33
CA VAL D 49 -11.60 -6.00 -20.00
C VAL D 49 -10.59 -6.98 -19.41
N GLY D 50 -9.40 -7.06 -20.03
CA GLY D 50 -8.45 -8.12 -19.70
C GLY D 50 -7.87 -8.00 -18.30
N SER D 51 -7.65 -6.76 -17.84
CA SER D 51 -7.10 -6.54 -16.50
C SER D 51 -8.07 -7.05 -15.42
N VAL D 52 -9.35 -6.67 -15.55
CA VAL D 52 -10.40 -7.09 -14.60
C VAL D 52 -10.59 -8.61 -14.67
N THR D 53 -10.55 -9.16 -15.89
CA THR D 53 -10.63 -10.59 -16.12
C THR D 53 -9.53 -11.33 -15.35
N ALA D 54 -8.29 -10.84 -15.47
CA ALA D 54 -7.15 -11.43 -14.78
C ALA D 54 -7.34 -11.35 -13.26
N GLU D 55 -7.81 -10.20 -12.77
CA GLU D 55 -8.07 -10.06 -11.34
C GLU D 55 -9.13 -11.04 -10.85
N MET D 56 -10.25 -11.16 -11.59
CA MET D 56 -11.32 -12.03 -11.16
C MET D 56 -10.83 -13.48 -11.09
N LEU D 57 -10.05 -13.89 -12.09
CA LEU D 57 -9.53 -15.26 -12.12
C LEU D 57 -8.51 -15.49 -11.00
N THR D 58 -7.73 -14.44 -10.69
CA THR D 58 -6.72 -14.48 -9.63
C THR D 58 -7.42 -14.65 -8.29
N ARG D 59 -8.47 -13.87 -8.08
CA ARG D 59 -9.21 -13.95 -6.82
C ARG D 59 -9.91 -15.29 -6.65
N CYS D 60 -10.27 -15.94 -7.76
CA CYS D 60 -10.93 -17.23 -7.69
C CYS D 60 -9.94 -18.34 -7.33
N GLY D 61 -8.65 -18.10 -7.57
CA GLY D 61 -7.62 -19.09 -7.29
C GLY D 61 -7.26 -19.98 -8.48
N ILE D 62 -7.37 -19.45 -9.71
CA ILE D 62 -6.95 -20.16 -10.92
C ILE D 62 -5.50 -20.64 -10.71
N GLY D 63 -5.16 -21.80 -11.28
CA GLY D 63 -3.80 -22.34 -11.15
C GLY D 63 -2.74 -21.45 -11.78
N LYS D 64 -2.96 -20.97 -13.00
CA LYS D 64 -1.95 -20.15 -13.66
C LYS D 64 -2.62 -19.19 -14.64
N LEU D 65 -2.06 -17.97 -14.73
CA LEU D 65 -2.41 -17.03 -15.80
C LEU D 65 -1.18 -16.76 -16.67
N LEU D 66 -1.37 -16.72 -17.99
CA LEU D 66 -0.41 -16.23 -18.95
C LEU D 66 -0.94 -14.92 -19.51
N LEU D 67 -0.16 -13.85 -19.38
CA LEU D 67 -0.62 -12.55 -19.84
C LEU D 67 0.21 -12.12 -21.05
N PHE D 68 -0.48 -11.65 -22.09
CA PHE D 68 0.18 -11.10 -23.25
C PHE D 68 -0.35 -9.69 -23.47
N ASP D 69 0.55 -8.71 -23.49
CA ASP D 69 0.22 -7.35 -23.87
C ASP D 69 1.56 -6.69 -24.18
N TYR D 70 1.58 -5.72 -25.10
CA TYR D 70 2.82 -5.05 -25.42
C TYR D 70 2.75 -3.58 -25.00
N ASP D 71 1.60 -3.17 -24.46
CA ASP D 71 1.33 -1.78 -24.11
C ASP D 71 1.78 -1.41 -22.69
N LYS D 72 1.82 -0.11 -22.43
CA LYS D 72 2.14 0.47 -21.13
C LYS D 72 0.91 1.13 -20.51
N VAL D 73 0.87 1.19 -19.17
CA VAL D 73 -0.21 1.86 -18.46
C VAL D 73 -0.09 3.36 -18.73
N GLU D 74 -1.18 4.03 -19.05
CA GLU D 74 -1.20 5.48 -19.24
C GLU D 74 -2.30 6.05 -18.36
N LEU D 75 -2.24 7.36 -18.07
CA LEU D 75 -3.27 7.99 -17.27
C LEU D 75 -4.61 7.98 -18.00
N ALA D 76 -4.56 7.89 -19.34
CA ALA D 76 -5.76 7.90 -20.17
C ALA D 76 -6.53 6.60 -19.94
N ASN D 77 -5.88 5.58 -19.36
CA ASN D 77 -6.50 4.33 -18.99
C ASN D 77 -7.17 4.39 -17.61
N MET D 78 -7.07 5.51 -16.89
CA MET D 78 -7.51 5.60 -15.51
C MET D 78 -9.03 5.66 -15.38
N ASN D 79 -9.74 5.78 -16.52
CA ASN D 79 -11.19 5.75 -16.51
C ASN D 79 -11.68 4.30 -16.38
N ARG D 80 -10.75 3.36 -16.51
CA ARG D 80 -11.08 1.94 -16.39
C ARG D 80 -10.51 1.37 -15.10
N LEU D 81 -10.94 0.16 -14.75
CA LEU D 81 -10.62 -0.41 -13.46
C LEU D 81 -9.19 -0.95 -13.44
N PHE D 82 -8.80 -1.45 -12.28
CA PHE D 82 -7.55 -2.19 -12.08
C PHE D 82 -6.33 -1.28 -11.90
N PHE D 83 -5.77 -0.73 -12.98
CA PHE D 83 -4.51 -0.01 -12.86
C PHE D 83 -4.68 1.31 -12.12
N GLN D 84 -3.64 1.69 -11.37
CA GLN D 84 -3.67 2.91 -10.59
C GLN D 84 -2.72 3.95 -11.17
N PRO D 85 -2.94 5.25 -10.91
CA PRO D 85 -2.08 6.28 -11.51
C PRO D 85 -0.57 6.11 -11.30
N HIS D 86 -0.16 5.57 -10.15
CA HIS D 86 1.26 5.40 -9.87
C HIS D 86 1.89 4.36 -10.78
N GLN D 87 1.06 3.58 -11.49
CA GLN D 87 1.58 2.51 -12.34
C GLN D 87 1.80 3.02 -13.77
N ALA D 88 1.40 4.27 -14.04
CA ALA D 88 1.57 4.85 -15.36
C ALA D 88 3.03 4.73 -15.79
N GLY D 89 3.24 4.27 -17.02
CA GLY D 89 4.59 4.15 -17.55
C GLY D 89 5.10 2.72 -17.46
N LEU D 90 4.54 1.91 -16.56
CA LEU D 90 4.92 0.50 -16.48
C LEU D 90 4.28 -0.29 -17.62
N SER D 91 4.85 -1.44 -17.96
CA SER D 91 4.17 -2.32 -18.89
C SER D 91 2.94 -2.92 -18.19
N LYS D 92 1.84 -3.04 -18.92
CA LYS D 92 0.59 -3.56 -18.40
C LYS D 92 0.83 -4.93 -17.76
N VAL D 93 1.67 -5.78 -18.37
CA VAL D 93 1.82 -7.15 -17.88
C VAL D 93 2.67 -7.19 -16.61
N GLN D 94 3.61 -6.24 -16.48
CA GLN D 94 4.48 -6.19 -15.31
C GLN D 94 3.70 -5.61 -14.14
N ALA D 95 2.96 -4.52 -14.40
CA ALA D 95 2.08 -3.90 -13.42
C ALA D 95 1.05 -4.92 -12.92
N ALA D 96 0.45 -5.66 -13.87
CA ALA D 96 -0.60 -6.60 -13.53
C ALA D 96 -0.02 -7.74 -12.70
N GLU D 97 1.11 -8.29 -13.13
CA GLU D 97 1.71 -9.41 -12.43
C GLU D 97 2.01 -9.03 -10.98
N HIS D 98 2.55 -7.81 -10.78
CA HIS D 98 2.90 -7.39 -9.43
C HIS D 98 1.65 -7.32 -8.55
N THR D 99 0.61 -6.61 -9.00
CA THR D 99 -0.62 -6.44 -8.22
C THR D 99 -1.27 -7.81 -7.98
N LEU D 100 -1.32 -8.63 -9.02
CA LEU D 100 -2.04 -9.88 -8.92
C LEU D 100 -1.34 -10.85 -7.95
N ARG D 101 0.01 -10.89 -7.95
CA ARG D 101 0.76 -11.75 -7.03
CA ARG D 101 0.69 -11.78 -7.04
C ARG D 101 0.50 -11.32 -5.59
N ASN D 102 0.39 -10.00 -5.35
CA ASN D 102 0.05 -9.49 -4.03
C ASN D 102 -1.34 -9.97 -3.65
N ILE D 103 -2.28 -9.94 -4.60
CA ILE D 103 -3.66 -10.28 -4.30
C ILE D 103 -3.76 -11.76 -3.96
N ASN D 104 -3.12 -12.63 -4.74
CA ASN D 104 -3.18 -14.06 -4.46
C ASN D 104 -1.86 -14.75 -4.84
N PRO D 105 -0.94 -14.93 -3.87
CA PRO D 105 0.34 -15.58 -4.12
C PRO D 105 0.26 -17.06 -4.50
N ASP D 106 -0.95 -17.65 -4.49
CA ASP D 106 -1.10 -19.04 -4.89
C ASP D 106 -1.07 -19.20 -6.41
N VAL D 107 -1.29 -18.12 -7.16
CA VAL D 107 -1.50 -18.21 -8.60
C VAL D 107 -0.14 -18.08 -9.31
N LEU D 108 0.15 -18.96 -10.27
CA LEU D 108 1.37 -18.81 -11.06
C LEU D 108 1.15 -17.81 -12.19
N PHE D 109 2.17 -17.01 -12.50
CA PHE D 109 2.06 -16.07 -13.62
C PHE D 109 3.20 -16.29 -14.60
N GLU D 110 2.88 -16.18 -15.90
CA GLU D 110 3.89 -16.06 -16.95
C GLU D 110 3.44 -14.89 -17.82
N VAL D 111 4.28 -13.87 -17.96
CA VAL D 111 3.84 -12.70 -18.70
C VAL D 111 4.76 -12.48 -19.90
N HIS D 112 4.24 -11.87 -20.96
CA HIS D 112 4.98 -11.61 -22.17
C HIS D 112 4.60 -10.22 -22.67
N ASN D 113 5.63 -9.38 -22.77
CA ASN D 113 5.46 -8.00 -23.13
C ASN D 113 5.75 -7.87 -24.62
N TYR D 114 4.87 -8.43 -25.47
CA TYR D 114 5.09 -8.33 -26.91
C TYR D 114 3.77 -8.36 -27.70
N ASN D 115 3.88 -7.98 -28.98
CA ASN D 115 2.79 -7.96 -29.92
C ASN D 115 2.70 -9.33 -30.58
N ILE D 116 1.59 -10.03 -30.38
CA ILE D 116 1.46 -11.44 -30.71
C ILE D 116 1.32 -11.64 -32.22
N THR D 117 1.09 -10.57 -33.00
CA THR D 117 0.74 -10.72 -34.41
C THR D 117 1.97 -10.75 -35.33
N THR D 118 3.14 -10.35 -34.85
CA THR D 118 4.33 -10.29 -35.72
C THR D 118 4.92 -11.69 -35.94
N VAL D 119 5.65 -11.88 -37.06
CA VAL D 119 6.10 -13.20 -37.49
C VAL D 119 6.92 -13.88 -36.38
N GLU D 120 7.87 -13.11 -35.83
CA GLU D 120 8.74 -13.55 -34.75
C GLU D 120 7.95 -13.96 -33.51
N ASN D 121 6.88 -13.23 -33.16
CA ASN D 121 6.20 -13.49 -31.89
C ASN D 121 5.10 -14.52 -32.02
N PHE D 122 4.48 -14.59 -33.20
CA PHE D 122 3.41 -15.53 -33.44
C PHE D 122 3.80 -16.94 -33.07
N GLN D 123 5.02 -17.36 -33.41
CA GLN D 123 5.44 -18.74 -33.18
C GLN D 123 5.62 -19.00 -31.68
N HIS D 124 6.18 -17.98 -31.00
CA HIS D 124 6.38 -18.06 -29.55
C HIS D 124 5.02 -18.16 -28.86
N PHE D 125 4.11 -17.29 -29.28
CA PHE D 125 2.74 -17.27 -28.80
C PHE D 125 2.10 -18.65 -28.89
N MET D 126 2.18 -19.29 -30.06
CA MET D 126 1.60 -20.61 -30.26
C MET D 126 2.28 -21.65 -29.37
N ASP D 127 3.61 -21.53 -29.20
CA ASP D 127 4.37 -22.42 -28.35
CA ASP D 127 4.36 -22.44 -28.35
C ASP D 127 3.86 -22.32 -26.91
N ARG D 128 3.59 -21.08 -26.47
CA ARG D 128 3.14 -20.84 -25.11
C ARG D 128 1.71 -21.36 -24.89
N ILE D 129 0.84 -21.25 -25.91
CA ILE D 129 -0.52 -21.77 -25.83
CA ILE D 129 -0.52 -21.78 -25.84
C ILE D 129 -0.45 -23.29 -25.66
N SER D 130 0.44 -23.92 -26.44
CA SER D 130 0.59 -25.38 -26.51
C SER D 130 1.34 -25.95 -25.33
N ASN D 131 2.26 -25.19 -24.72
CA ASN D 131 3.16 -25.75 -23.72
C ASN D 131 3.11 -25.00 -22.39
N GLY D 132 2.35 -23.89 -22.34
CA GLY D 132 2.39 -22.99 -21.20
C GLY D 132 1.33 -23.30 -20.14
N GLY D 133 0.75 -24.51 -20.20
CA GLY D 133 -0.25 -24.93 -19.25
C GLY D 133 0.36 -25.09 -17.86
N LEU D 134 -0.45 -25.55 -16.90
CA LEU D 134 -0.03 -25.63 -15.52
C LEU D 134 1.22 -26.50 -15.42
N GLU D 135 1.21 -27.64 -16.11
CA GLU D 135 2.40 -28.46 -16.30
C GLU D 135 3.06 -28.05 -17.62
N GLU D 136 4.34 -27.68 -17.56
CA GLU D 136 5.09 -27.32 -18.77
C GLU D 136 4.99 -28.45 -19.79
N GLY D 137 4.69 -28.09 -21.04
CA GLY D 137 4.54 -29.06 -22.11
C GLY D 137 3.09 -29.45 -22.38
N LYS D 138 2.19 -29.09 -21.45
CA LYS D 138 0.76 -29.29 -21.66
C LYS D 138 0.16 -27.95 -22.10
N PRO D 139 -0.93 -27.94 -22.89
CA PRO D 139 -1.55 -26.68 -23.32
C PRO D 139 -2.34 -25.98 -22.22
N VAL D 140 -2.61 -24.69 -22.43
CA VAL D 140 -3.48 -23.95 -21.55
C VAL D 140 -4.91 -24.48 -21.72
N ASP D 141 -5.71 -24.36 -20.67
CA ASP D 141 -7.09 -24.83 -20.71
C ASP D 141 -7.96 -23.89 -21.54
N LEU D 142 -7.63 -22.59 -21.59
CA LEU D 142 -8.48 -21.65 -22.30
C LEU D 142 -7.65 -20.45 -22.71
N VAL D 143 -7.93 -19.88 -23.88
CA VAL D 143 -7.35 -18.60 -24.24
C VAL D 143 -8.49 -17.59 -24.17
N LEU D 144 -8.22 -16.41 -23.59
CA LEU D 144 -9.20 -15.35 -23.57
C LEU D 144 -8.67 -14.19 -24.38
N SER D 145 -9.46 -13.76 -25.34
CA SER D 145 -9.09 -12.65 -26.19
C SER D 145 -9.76 -11.41 -25.63
N CYS D 146 -8.96 -10.50 -25.08
CA CYS D 146 -9.45 -9.22 -24.60
C CYS D 146 -8.72 -8.08 -25.32
N VAL D 147 -8.56 -8.22 -26.64
CA VAL D 147 -7.83 -7.22 -27.42
C VAL D 147 -8.83 -6.24 -28.02
N ASP D 148 -8.32 -5.19 -28.68
CA ASP D 148 -9.17 -4.09 -29.15
C ASP D 148 -9.11 -3.90 -30.67
N ASN D 149 -8.66 -4.91 -31.43
CA ASN D 149 -8.50 -4.83 -32.87
C ASN D 149 -8.69 -6.20 -33.51
N PHE D 150 -9.15 -6.20 -34.78
CA PHE D 150 -9.42 -7.43 -35.53
C PHE D 150 -8.16 -8.20 -35.89
N GLU D 151 -7.04 -7.49 -36.13
CA GLU D 151 -5.83 -8.19 -36.49
C GLU D 151 -5.42 -9.16 -35.39
N ALA D 152 -5.45 -8.68 -34.13
CA ALA D 152 -5.07 -9.54 -33.01
C ALA D 152 -6.08 -10.67 -32.83
N ARG D 153 -7.38 -10.38 -33.00
CA ARG D 153 -8.42 -11.42 -32.94
C ARG D 153 -8.19 -12.48 -34.03
N MET D 154 -7.92 -12.04 -35.26
CA MET D 154 -7.66 -12.99 -36.35
C MET D 154 -6.42 -13.84 -36.06
N THR D 155 -5.41 -13.24 -35.41
CA THR D 155 -4.22 -13.97 -35.04
C THR D 155 -4.54 -15.07 -34.05
N ILE D 156 -5.33 -14.75 -33.01
CA ILE D 156 -5.69 -15.75 -32.01
C ILE D 156 -6.53 -16.83 -32.69
N ASN D 157 -7.45 -16.39 -33.55
CA ASN D 157 -8.31 -17.28 -34.31
C ASN D 157 -7.48 -18.30 -35.09
N THR D 158 -6.49 -17.80 -35.84
CA THR D 158 -5.65 -18.64 -36.71
C THR D 158 -4.92 -19.67 -35.86
N ALA D 159 -4.34 -19.19 -34.76
CA ALA D 159 -3.58 -20.02 -33.85
C ALA D 159 -4.44 -21.14 -33.27
N CYS D 160 -5.67 -20.79 -32.84
CA CYS D 160 -6.50 -21.73 -32.12
C CYS D 160 -7.15 -22.75 -33.07
N ASN D 161 -7.49 -22.31 -34.27
CA ASN D 161 -7.99 -23.24 -35.28
C ASN D 161 -6.91 -24.27 -35.58
N GLU D 162 -5.65 -23.83 -35.72
CA GLU D 162 -4.54 -24.72 -35.96
C GLU D 162 -4.34 -25.69 -34.81
N LEU D 163 -4.41 -25.23 -33.56
CA LEU D 163 -4.07 -26.08 -32.43
C LEU D 163 -5.27 -26.88 -31.96
N GLY D 164 -6.47 -26.53 -32.44
CA GLY D 164 -7.69 -27.08 -31.86
C GLY D 164 -7.90 -26.59 -30.43
N GLN D 165 -7.54 -25.33 -30.17
CA GLN D 165 -7.60 -24.76 -28.83
C GLN D 165 -8.94 -24.04 -28.62
N THR D 166 -9.66 -24.43 -27.56
CA THR D 166 -10.87 -23.69 -27.16
C THR D 166 -10.50 -22.31 -26.62
N TRP D 167 -11.27 -21.28 -27.01
CA TRP D 167 -11.03 -19.94 -26.53
C TRP D 167 -12.33 -19.16 -26.41
N MET D 168 -12.28 -18.06 -25.65
CA MET D 168 -13.41 -17.15 -25.57
C MET D 168 -12.91 -15.77 -25.98
N GLU D 169 -13.76 -15.05 -26.68
CA GLU D 169 -13.46 -13.73 -27.18
C GLU D 169 -14.41 -12.73 -26.53
N SER D 170 -13.89 -11.54 -26.20
CA SER D 170 -14.69 -10.48 -25.64
C SER D 170 -14.45 -9.21 -26.44
N GLY D 171 -15.44 -8.32 -26.45
CA GLY D 171 -15.25 -7.06 -27.10
C GLY D 171 -16.20 -6.04 -26.48
N VAL D 172 -15.80 -4.78 -26.60
CA VAL D 172 -16.60 -3.67 -26.17
C VAL D 172 -16.63 -2.66 -27.32
N SER D 173 -17.78 -2.02 -27.54
CA SER D 173 -17.94 -1.11 -28.67
C SER D 173 -17.20 0.22 -28.45
N GLU D 174 -16.99 0.94 -29.55
CA GLU D 174 -16.26 2.20 -29.59
C GLU D 174 -17.05 3.30 -28.87
N ASN D 175 -18.36 3.14 -28.76
CA ASN D 175 -19.21 4.12 -28.09
C ASN D 175 -19.45 3.73 -26.62
N ALA D 176 -18.78 2.67 -26.14
CA ALA D 176 -18.65 2.34 -24.72
C ALA D 176 -19.88 1.61 -24.15
N VAL D 177 -20.99 1.57 -24.89
CA VAL D 177 -22.26 1.16 -24.29
C VAL D 177 -22.74 -0.21 -24.78
N SER D 178 -21.90 -0.99 -25.44
CA SER D 178 -22.25 -2.36 -25.75
CA SER D 178 -22.23 -2.35 -25.84
C SER D 178 -21.00 -3.24 -25.70
N GLY D 179 -21.23 -4.55 -25.51
CA GLY D 179 -20.13 -5.48 -25.49
C GLY D 179 -20.68 -6.89 -25.68
N HIS D 180 -19.78 -7.88 -25.76
CA HIS D 180 -20.21 -9.25 -25.95
C HIS D 180 -19.10 -10.20 -25.52
N ILE D 181 -19.47 -11.47 -25.33
CA ILE D 181 -18.50 -12.55 -25.21
C ILE D 181 -18.95 -13.67 -26.14
N GLN D 182 -18.01 -14.52 -26.52
CA GLN D 182 -18.31 -15.59 -27.46
C GLN D 182 -17.41 -16.77 -27.11
N LEU D 183 -17.95 -17.98 -27.15
CA LEU D 183 -17.14 -19.18 -26.95
C LEU D 183 -16.85 -19.83 -28.31
N ILE D 184 -15.56 -20.04 -28.61
CA ILE D 184 -15.14 -20.66 -29.85
C ILE D 184 -14.52 -22.01 -29.52
N ILE D 185 -15.25 -23.08 -29.85
CA ILE D 185 -14.67 -24.42 -29.83
C ILE D 185 -14.43 -24.80 -31.30
N PRO D 186 -13.17 -24.73 -31.82
CA PRO D 186 -12.95 -24.87 -33.27
C PRO D 186 -13.55 -26.18 -33.74
N GLY D 187 -14.40 -26.10 -34.77
CA GLY D 187 -15.06 -27.25 -35.34
C GLY D 187 -16.50 -27.40 -34.87
N GLU D 188 -16.73 -27.03 -33.60
CA GLU D 188 -18.04 -27.18 -32.98
C GLU D 188 -18.86 -25.89 -33.05
N SER D 189 -18.27 -24.72 -32.69
CA SER D 189 -19.00 -23.46 -32.86
C SER D 189 -18.26 -22.57 -33.86
N ALA D 190 -18.91 -21.51 -34.34
CA ALA D 190 -18.29 -20.57 -35.27
C ALA D 190 -16.95 -20.05 -34.75
N CYS D 191 -15.93 -20.02 -35.63
CA CYS D 191 -14.68 -19.32 -35.36
C CYS D 191 -14.88 -17.87 -35.81
N PHE D 192 -13.89 -17.01 -35.53
CA PHE D 192 -14.00 -15.58 -35.86
CA PHE D 192 -14.00 -15.59 -35.85
C PHE D 192 -14.05 -15.40 -37.37
N ALA D 193 -13.48 -16.34 -38.11
CA ALA D 193 -13.44 -16.26 -39.57
C ALA D 193 -14.73 -16.78 -40.19
N CYS D 194 -15.44 -17.71 -39.52
CA CYS D 194 -16.74 -18.14 -39.98
C CYS D 194 -17.69 -16.99 -40.35
N ALA D 195 -17.72 -15.93 -39.55
CA ALA D 195 -18.61 -14.82 -39.83
C ALA D 195 -17.86 -13.53 -39.59
N PRO D 196 -16.97 -13.13 -40.52
CA PRO D 196 -16.11 -11.98 -40.28
C PRO D 196 -16.89 -10.67 -40.32
N PRO D 197 -16.49 -9.66 -39.52
CA PRO D 197 -17.08 -8.34 -39.63
C PRO D 197 -16.73 -7.73 -40.99
N LEU D 198 -17.45 -6.67 -41.35
CA LEU D 198 -17.34 -6.03 -42.65
C LEU D 198 -15.89 -5.70 -43.00
N VAL D 199 -15.14 -5.05 -42.08
CA VAL D 199 -13.77 -4.62 -42.37
C VAL D 199 -12.88 -5.80 -42.72
N VAL D 200 -12.95 -6.90 -41.96
CA VAL D 200 -12.15 -8.09 -42.27
C VAL D 200 -12.54 -8.65 -43.64
N ALA D 201 -13.85 -8.79 -43.89
CA ALA D 201 -14.37 -9.36 -45.13
C ALA D 201 -13.95 -8.52 -46.34
N ALA D 202 -14.04 -7.18 -46.23
CA ALA D 202 -13.68 -6.25 -47.30
C ALA D 202 -12.18 -6.01 -47.39
N ASN D 203 -11.35 -6.73 -46.61
CA ASN D 203 -9.90 -6.61 -46.59
C ASN D 203 -9.42 -5.16 -46.41
N ILE D 204 -10.14 -4.38 -45.61
CA ILE D 204 -9.76 -3.00 -45.34
C ILE D 204 -8.80 -3.00 -44.15
N ASP D 205 -7.70 -2.23 -44.27
CA ASP D 205 -6.77 -2.03 -43.17
C ASP D 205 -7.49 -1.25 -42.08
N GLU D 206 -7.62 -1.87 -40.89
CA GLU D 206 -8.40 -1.27 -39.81
C GLU D 206 -7.75 0.03 -39.34
N LYS D 207 -6.44 0.17 -39.57
CA LYS D 207 -5.68 1.38 -39.26
C LYS D 207 -6.28 2.60 -39.94
N THR D 208 -6.82 2.41 -41.15
CA THR D 208 -7.40 3.48 -41.96
C THR D 208 -8.64 4.07 -41.30
N LEU D 209 -9.27 3.30 -40.39
CA LEU D 209 -10.45 3.78 -39.68
C LEU D 209 -10.07 4.74 -38.55
N LYS D 210 -8.79 4.74 -38.14
CA LYS D 210 -8.37 5.50 -36.97
C LYS D 210 -7.91 6.91 -37.35
N ARG D 211 -8.70 7.91 -36.93
CA ARG D 211 -8.38 9.32 -37.09
C ARG D 211 -7.56 9.79 -35.88
N GLU D 212 -6.45 10.50 -36.15
CA GLU D 212 -5.56 10.96 -35.08
CA GLU D 212 -5.53 11.04 -35.14
C GLU D 212 -6.25 12.02 -34.23
N GLY D 213 -5.99 11.96 -32.92
CA GLY D 213 -6.59 12.87 -31.96
C GLY D 213 -8.04 12.51 -31.59
N VAL D 214 -8.49 11.30 -31.95
CA VAL D 214 -9.75 10.77 -31.45
C VAL D 214 -9.54 9.34 -30.95
N CYS D 215 -10.19 9.03 -29.83
CA CYS D 215 -10.09 7.74 -29.17
C CYS D 215 -11.49 7.13 -29.08
N ALA D 216 -11.55 5.81 -28.84
CA ALA D 216 -12.77 5.13 -28.48
C ALA D 216 -13.23 5.63 -27.11
N ALA D 217 -14.55 5.74 -26.91
CA ALA D 217 -15.08 5.97 -25.57
C ALA D 217 -15.01 4.67 -24.77
N SER D 218 -14.80 4.77 -23.44
CA SER D 218 -14.87 3.58 -22.60
C SER D 218 -15.38 3.94 -21.22
N LEU D 219 -16.06 2.99 -20.57
CA LEU D 219 -16.65 3.20 -19.25
C LEU D 219 -16.22 2.05 -18.34
N PRO D 220 -15.92 2.35 -17.05
CA PRO D 220 -15.55 1.29 -16.10
C PRO D 220 -16.71 0.32 -15.84
N THR D 221 -17.94 0.81 -16.05
CA THR D 221 -19.16 0.02 -15.88
C THR D 221 -19.20 -1.14 -16.87
N THR D 222 -19.12 -0.78 -18.16
CA THR D 222 -19.12 -1.75 -19.25
C THR D 222 -18.00 -2.78 -19.11
N MET D 223 -16.79 -2.34 -18.73
CA MET D 223 -15.62 -3.19 -18.54
C MET D 223 -15.94 -4.24 -17.48
N GLY D 224 -16.50 -3.77 -16.36
CA GLY D 224 -16.87 -4.61 -15.24
C GLY D 224 -17.91 -5.65 -15.62
N VAL D 225 -18.96 -5.21 -16.33
CA VAL D 225 -19.98 -6.13 -16.80
C VAL D 225 -19.39 -7.18 -17.73
N VAL D 226 -18.66 -6.72 -18.76
CA VAL D 226 -18.14 -7.63 -19.77
C VAL D 226 -17.13 -8.63 -19.16
N ALA D 227 -16.23 -8.13 -18.28
CA ALA D 227 -15.26 -9.02 -17.64
C ALA D 227 -15.99 -10.03 -16.76
N GLY D 228 -17.00 -9.55 -16.05
CA GLY D 228 -17.78 -10.37 -15.14
C GLY D 228 -18.49 -11.50 -15.89
N ILE D 229 -19.19 -11.15 -16.98
CA ILE D 229 -19.82 -12.21 -17.76
C ILE D 229 -18.79 -13.14 -18.41
N LEU D 230 -17.65 -12.57 -18.87
CA LEU D 230 -16.61 -13.42 -19.47
C LEU D 230 -16.13 -14.45 -18.45
N VAL D 231 -15.77 -13.99 -17.24
CA VAL D 231 -15.17 -14.89 -16.26
C VAL D 231 -16.24 -15.83 -15.70
N GLN D 232 -17.48 -15.36 -15.61
CA GLN D 232 -18.57 -16.25 -15.22
C GLN D 232 -18.65 -17.43 -16.21
N ASN D 233 -18.60 -17.12 -17.51
CA ASN D 233 -18.59 -18.15 -18.55
C ASN D 233 -17.39 -19.10 -18.37
N VAL D 234 -16.23 -18.54 -18.01
CA VAL D 234 -15.03 -19.33 -17.80
C VAL D 234 -15.24 -20.33 -16.65
N LEU D 235 -15.83 -19.86 -15.54
CA LEU D 235 -16.02 -20.71 -14.37
C LEU D 235 -17.02 -21.82 -14.70
N LYS D 236 -18.12 -21.45 -15.35
CA LYS D 236 -19.15 -22.39 -15.75
C LYS D 236 -18.52 -23.47 -16.64
N PHE D 237 -17.64 -23.06 -17.56
CA PHE D 237 -16.99 -23.96 -18.50
C PHE D 237 -16.01 -24.87 -17.77
N LEU D 238 -15.11 -24.31 -16.95
CA LEU D 238 -14.05 -25.08 -16.35
C LEU D 238 -14.57 -25.96 -15.21
N LEU D 239 -15.57 -25.48 -14.46
CA LEU D 239 -16.02 -26.16 -13.25
C LEU D 239 -17.35 -26.87 -13.46
N ASN D 240 -17.88 -26.86 -14.69
CA ASN D 240 -19.07 -27.60 -15.07
C ASN D 240 -20.24 -27.29 -14.15
N PHE D 241 -20.74 -26.06 -14.19
CA PHE D 241 -21.97 -25.75 -13.49
C PHE D 241 -22.70 -24.74 -14.35
N GLY D 242 -24.03 -24.65 -14.19
CA GLY D 242 -24.86 -23.76 -14.98
C GLY D 242 -24.75 -24.07 -16.47
N THR D 243 -25.27 -23.16 -17.28
CA THR D 243 -25.27 -23.30 -18.72
C THR D 243 -24.23 -22.33 -19.30
N VAL D 244 -23.24 -22.89 -20.00
CA VAL D 244 -22.24 -22.11 -20.73
C VAL D 244 -22.92 -21.39 -21.88
N SER D 245 -22.62 -20.10 -22.06
CA SER D 245 -23.11 -19.36 -23.24
C SER D 245 -22.08 -19.44 -24.37
N PHE D 246 -22.56 -19.61 -25.61
CA PHE D 246 -21.73 -19.60 -26.80
C PHE D 246 -21.61 -18.17 -27.33
N TYR D 247 -22.62 -17.34 -27.06
CA TYR D 247 -22.55 -15.91 -27.34
C TYR D 247 -23.48 -15.21 -26.37
N LEU D 248 -22.99 -14.16 -25.70
CA LEU D 248 -23.80 -13.35 -24.82
C LEU D 248 -23.44 -11.89 -25.06
N GLY D 249 -24.41 -11.12 -25.51
CA GLY D 249 -24.25 -9.69 -25.73
C GLY D 249 -24.71 -8.86 -24.54
N TYR D 250 -24.33 -7.59 -24.59
CA TYR D 250 -24.70 -6.64 -23.58
C TYR D 250 -24.94 -5.31 -24.26
N ASN D 251 -26.18 -4.83 -24.17
CA ASN D 251 -26.58 -3.53 -24.68
CA ASN D 251 -26.57 -3.53 -24.68
C ASN D 251 -27.01 -2.69 -23.48
N ALA D 252 -26.12 -1.78 -23.09
CA ALA D 252 -26.28 -1.00 -21.88
C ALA D 252 -27.42 0.02 -22.02
N MET D 253 -27.68 0.46 -23.25
CA MET D 253 -28.65 1.54 -23.44
C MET D 253 -30.04 1.07 -22.99
N GLN D 254 -30.35 -0.21 -23.24
CA GLN D 254 -31.68 -0.74 -23.00
C GLN D 254 -31.63 -1.96 -22.08
N ASP D 255 -30.46 -2.28 -21.52
CA ASP D 255 -30.29 -3.41 -20.60
C ASP D 255 -30.74 -4.72 -21.24
N PHE D 256 -30.30 -4.95 -22.47
CA PHE D 256 -30.67 -6.12 -23.23
C PHE D 256 -29.44 -7.03 -23.32
N PHE D 257 -29.63 -8.31 -23.03
CA PHE D 257 -28.52 -9.22 -22.98
C PHE D 257 -28.79 -10.43 -23.84
N PRO D 258 -28.74 -10.33 -25.18
CA PRO D 258 -29.09 -11.45 -26.04
C PRO D 258 -28.10 -12.62 -26.00
N THR D 259 -28.64 -13.84 -25.91
CA THR D 259 -27.85 -15.06 -26.05
CA THR D 259 -27.89 -15.08 -26.03
C THR D 259 -28.11 -15.62 -27.44
N MET D 260 -27.08 -16.24 -28.02
CA MET D 260 -27.14 -16.86 -29.35
C MET D 260 -26.17 -18.02 -29.35
N SER D 261 -26.26 -18.80 -30.42
CA SER D 261 -25.31 -19.85 -30.68
C SER D 261 -24.86 -19.69 -32.12
N MET D 262 -23.57 -19.42 -32.32
CA MET D 262 -23.04 -19.24 -33.65
C MET D 262 -22.49 -20.60 -34.11
N LYS D 263 -22.97 -21.02 -35.28
CA LYS D 263 -22.59 -22.32 -35.83
CA LYS D 263 -22.62 -22.32 -35.84
C LYS D 263 -21.55 -22.13 -36.93
N PRO D 264 -20.63 -23.12 -37.09
CA PRO D 264 -19.56 -23.00 -38.08
C PRO D 264 -20.09 -22.87 -39.50
N ASN D 265 -19.36 -22.06 -40.27
CA ASN D 265 -19.56 -21.88 -41.69
C ASN D 265 -18.85 -23.03 -42.40
N PRO D 266 -19.55 -23.88 -43.18
CA PRO D 266 -18.89 -25.05 -43.77
C PRO D 266 -17.88 -24.64 -44.83
N GLN D 267 -18.04 -23.41 -45.36
CA GLN D 267 -17.10 -22.85 -46.32
C GLN D 267 -16.29 -21.73 -45.67
N CYS D 268 -15.97 -21.88 -44.39
CA CYS D 268 -15.18 -20.86 -43.70
C CYS D 268 -13.83 -20.68 -44.40
N ASP D 269 -13.44 -19.41 -44.54
CA ASP D 269 -12.17 -19.04 -45.14
C ASP D 269 -10.97 -19.73 -44.48
N ASP D 270 -11.07 -20.11 -43.20
CA ASP D 270 -9.93 -20.73 -42.54
C ASP D 270 -10.02 -22.24 -42.71
N ARG D 271 -9.07 -22.81 -43.41
CA ARG D 271 -9.06 -24.23 -43.77
C ARG D 271 -8.95 -25.12 -42.53
N ASN D 272 -8.27 -24.64 -41.49
CA ASN D 272 -8.17 -25.39 -40.24
C ASN D 272 -9.53 -25.48 -39.53
N CYS D 273 -10.32 -24.41 -39.64
CA CYS D 273 -11.68 -24.41 -39.13
C CYS D 273 -12.44 -25.52 -39.84
N ARG D 274 -12.38 -25.52 -41.19
CA ARG D 274 -13.02 -26.53 -42.03
C ARG D 274 -12.57 -27.93 -41.61
N LYS D 275 -11.26 -28.13 -41.46
CA LYS D 275 -10.75 -29.41 -40.99
C LYS D 275 -11.31 -29.78 -39.63
N GLN D 276 -11.38 -28.81 -38.71
CA GLN D 276 -11.89 -29.06 -37.36
C GLN D 276 -13.36 -29.45 -37.43
N GLN D 277 -14.14 -28.78 -38.28
CA GLN D 277 -15.55 -29.11 -38.49
C GLN D 277 -15.66 -30.58 -38.92
N GLU D 278 -14.82 -31.01 -39.86
CA GLU D 278 -14.80 -32.38 -40.37
C GLU D 278 -14.53 -33.37 -39.23
N GLU D 279 -13.48 -33.12 -38.43
CA GLU D 279 -13.15 -34.00 -37.33
C GLU D 279 -14.29 -34.07 -36.33
N TYR D 280 -15.00 -32.95 -36.17
CA TYR D 280 -16.02 -32.85 -35.13
C TYR D 280 -17.22 -33.70 -35.53
N LYS D 281 -17.70 -33.54 -36.77
CA LYS D 281 -18.83 -34.28 -37.32
C LYS D 281 -18.57 -35.79 -37.33
N LYS D 282 -17.31 -36.20 -37.54
CA LYS D 282 -16.91 -37.59 -37.47
C LYS D 282 -17.00 -38.11 -36.04
N LYS D 283 -16.44 -37.37 -35.09
CA LYS D 283 -16.42 -37.74 -33.67
C LYS D 283 -17.84 -37.78 -33.10
N VAL D 284 -18.76 -37.01 -33.69
CA VAL D 284 -20.16 -36.95 -33.25
C VAL D 284 -20.91 -38.21 -33.70
N ALA D 285 -20.71 -38.59 -34.97
CA ALA D 285 -21.36 -39.76 -35.56
C ALA D 285 -20.86 -41.06 -34.93
N ALA D 286 -19.75 -40.98 -34.17
CA ALA D 286 -19.13 -42.12 -33.51
C ALA D 286 -19.36 -42.10 -31.99
N LEU D 287 -20.32 -41.32 -31.48
CA LEU D 287 -20.58 -41.26 -30.04
C LEU D 287 -21.92 -41.93 -29.73
N GLU D 298 -39.85 -34.96 -7.15
CA GLU D 298 -40.31 -33.58 -7.06
C GLU D 298 -40.11 -33.05 -5.62
N ILE D 299 -40.75 -31.91 -5.31
CA ILE D 299 -40.35 -31.05 -4.21
C ILE D 299 -40.94 -31.54 -2.88
N ILE D 300 -40.08 -31.57 -1.85
CA ILE D 300 -40.49 -31.94 -0.50
C ILE D 300 -40.57 -30.69 0.38
N HIS D 301 -41.72 -30.54 1.05
CA HIS D 301 -41.99 -29.47 2.00
C HIS D 301 -42.03 -30.03 3.42
N GLU D 302 -41.02 -29.70 4.22
CA GLU D 302 -40.94 -30.20 5.59
C GLU D 302 -42.02 -29.58 6.47
N ASP D 303 -42.37 -28.31 6.21
CA ASP D 303 -43.35 -27.61 7.02
C ASP D 303 -44.49 -27.15 6.13
N ASN D 304 -45.65 -27.81 6.26
CA ASN D 304 -46.88 -27.49 5.58
C ASN D 304 -48.05 -27.73 6.53
N GLU D 305 -48.14 -26.87 7.54
CA GLU D 305 -49.13 -27.03 8.58
C GLU D 305 -50.45 -26.38 8.19
N TRP D 306 -50.46 -25.59 7.10
CA TRP D 306 -51.68 -24.87 6.69
C TRP D 306 -52.40 -25.62 5.57
N GLY D 307 -51.88 -26.79 5.19
CA GLY D 307 -52.52 -27.66 4.22
C GLY D 307 -52.64 -27.03 2.84
N ILE D 308 -51.57 -26.36 2.39
CA ILE D 308 -51.50 -25.85 1.02
C ILE D 308 -51.25 -27.05 0.12
N GLU D 309 -51.93 -27.08 -1.03
CA GLU D 309 -51.69 -28.15 -2.01
C GLU D 309 -51.43 -27.62 -3.42
N LEU D 310 -50.55 -28.33 -4.13
CA LEU D 310 -50.16 -28.05 -5.50
C LEU D 310 -51.12 -28.75 -6.46
N VAL D 311 -51.86 -27.98 -7.27
CA VAL D 311 -52.87 -28.46 -8.19
C VAL D 311 -52.19 -29.18 -9.36
N MET E 1 67.77 -5.06 2.03
CA MET E 1 68.68 -4.39 2.97
C MET E 1 67.83 -3.69 4.03
N SER E 2 67.44 -2.43 3.76
CA SER E 2 66.87 -1.53 4.75
C SER E 2 65.47 -1.98 5.19
N LYS E 3 65.18 -1.76 6.48
CA LYS E 3 63.83 -1.87 7.01
C LYS E 3 63.29 -0.51 7.46
N VAL E 4 61.96 -0.34 7.35
CA VAL E 4 61.26 0.80 7.91
C VAL E 4 60.24 0.34 8.95
N SER E 5 60.01 1.20 9.95
CA SER E 5 59.04 0.93 11.01
C SER E 5 57.83 1.86 10.91
N PHE E 6 56.65 1.27 11.10
CA PHE E 6 55.43 2.07 11.17
C PHE E 6 54.71 1.80 12.48
N LYS E 7 54.23 2.89 13.11
CA LYS E 7 53.30 2.83 14.23
C LYS E 7 51.89 3.14 13.70
N ILE E 8 51.06 2.09 13.66
CA ILE E 8 49.74 2.18 13.04
C ILE E 8 48.70 2.16 14.16
N THR E 9 47.90 3.24 14.25
CA THR E 9 46.80 3.30 15.22
C THR E 9 45.43 2.93 14.60
N LEU E 10 44.67 2.10 15.32
CA LEU E 10 43.31 1.72 14.96
C LEU E 10 42.32 2.80 15.42
N THR E 11 41.74 3.52 14.47
CA THR E 11 40.91 4.69 14.73
C THR E 11 39.49 4.34 15.18
N SER E 12 39.10 3.06 15.12
CA SER E 12 37.72 2.65 15.33
C SER E 12 37.52 2.06 16.73
N ASP E 13 38.60 1.98 17.51
CA ASP E 13 38.57 1.49 18.88
C ASP E 13 38.76 2.68 19.82
N PRO E 14 37.90 2.86 20.87
CA PRO E 14 38.03 3.99 21.79
C PRO E 14 39.37 4.03 22.52
N ARG E 15 40.02 2.87 22.71
CA ARG E 15 41.33 2.78 23.32
C ARG E 15 42.44 3.30 22.39
N LEU E 16 42.14 3.48 21.10
CA LEU E 16 43.11 3.85 20.07
C LEU E 16 44.38 3.00 20.19
N PRO E 17 44.30 1.65 20.13
CA PRO E 17 45.51 0.82 20.25
C PRO E 17 46.37 0.98 18.99
N TYR E 18 47.68 0.71 19.15
CA TYR E 18 48.59 0.78 18.02
C TYR E 18 49.36 -0.53 17.89
N LYS E 19 49.93 -0.73 16.70
CA LYS E 19 50.86 -1.82 16.42
C LYS E 19 52.07 -1.20 15.72
N VAL E 20 53.27 -1.63 16.13
CA VAL E 20 54.50 -1.22 15.46
C VAL E 20 54.93 -2.37 14.55
N LEU E 21 55.10 -2.06 13.27
CA LEU E 21 55.47 -3.04 12.27
C LEU E 21 56.84 -2.70 11.69
N SER E 22 57.71 -3.73 11.62
CA SER E 22 58.98 -3.64 10.91
C SER E 22 58.83 -4.23 9.52
N VAL E 23 59.16 -3.43 8.51
CA VAL E 23 58.86 -3.77 7.12
C VAL E 23 60.09 -3.60 6.23
N PRO E 24 60.49 -4.63 5.44
CA PRO E 24 61.50 -4.43 4.38
C PRO E 24 61.00 -3.35 3.41
N GLU E 25 61.88 -2.40 3.08
CA GLU E 25 61.47 -1.16 2.47
C GLU E 25 60.85 -1.35 1.09
N SER E 26 61.10 -2.51 0.46
CA SER E 26 60.63 -2.74 -0.90
C SER E 26 59.24 -3.36 -0.91
N THR E 27 58.76 -3.82 0.26
CA THR E 27 57.41 -4.33 0.42
C THR E 27 56.39 -3.29 -0.06
N PRO E 28 55.41 -3.69 -0.91
CA PRO E 28 54.35 -2.77 -1.31
C PRO E 28 53.52 -2.50 -0.06
N PHE E 29 53.18 -1.22 0.14
CA PHE E 29 52.49 -0.82 1.36
C PHE E 29 51.14 -1.53 1.51
N THR E 30 50.50 -1.90 0.39
CA THR E 30 49.27 -2.70 0.42
C THR E 30 49.42 -3.93 1.31
N ALA E 31 50.60 -4.54 1.35
CA ALA E 31 50.82 -5.73 2.17
C ALA E 31 50.92 -5.36 3.65
N VAL E 32 51.36 -4.12 3.93
CA VAL E 32 51.48 -3.63 5.30
C VAL E 32 50.07 -3.38 5.85
N LEU E 33 49.25 -2.70 5.04
CA LEU E 33 47.85 -2.40 5.34
C LEU E 33 47.12 -3.69 5.72
N LYS E 34 47.29 -4.71 4.87
CA LYS E 34 46.72 -6.03 5.10
C LYS E 34 47.17 -6.59 6.45
N PHE E 35 48.49 -6.54 6.70
CA PHE E 35 49.05 -7.10 7.92
C PHE E 35 48.48 -6.41 9.15
N ALA E 36 48.42 -5.06 9.10
CA ALA E 36 47.88 -4.23 10.16
C ALA E 36 46.41 -4.58 10.42
N ALA E 37 45.63 -4.65 9.35
CA ALA E 37 44.21 -4.97 9.46
C ALA E 37 44.05 -6.32 10.16
N GLU E 38 44.83 -7.32 9.75
CA GLU E 38 44.74 -8.66 10.32
C GLU E 38 45.07 -8.61 11.81
N GLU E 39 46.07 -7.80 12.17
CA GLU E 39 46.49 -7.61 13.55
C GLU E 39 45.37 -7.02 14.39
N PHE E 40 44.59 -6.11 13.79
CA PHE E 40 43.52 -5.44 14.52
C PHE E 40 42.18 -6.17 14.38
N LYS E 41 42.16 -7.26 13.61
CA LYS E 41 40.97 -8.08 13.35
C LYS E 41 39.87 -7.25 12.70
N VAL E 42 40.24 -6.41 11.74
CA VAL E 42 39.28 -5.66 10.94
C VAL E 42 39.48 -6.10 9.50
N PRO E 43 38.45 -6.09 8.63
CA PRO E 43 38.60 -6.57 7.25
C PRO E 43 39.65 -5.82 6.43
N ALA E 44 40.66 -6.56 5.94
CA ALA E 44 41.74 -5.99 5.17
C ALA E 44 41.20 -5.23 3.95
N ALA E 45 40.31 -5.88 3.19
CA ALA E 45 39.90 -5.43 1.86
C ALA E 45 39.35 -4.00 1.90
N THR E 46 38.61 -3.67 2.96
CA THR E 46 37.87 -2.42 3.07
C THR E 46 38.64 -1.34 3.86
N SER E 47 39.80 -1.69 4.46
CA SER E 47 40.61 -0.75 5.24
C SER E 47 41.37 0.24 4.35
N ALA E 48 41.49 1.49 4.84
CA ALA E 48 42.31 2.53 4.24
C ALA E 48 43.31 3.04 5.27
N ILE E 49 44.28 3.85 4.80
CA ILE E 49 45.35 4.34 5.67
C ILE E 49 45.58 5.84 5.45
N ILE E 50 45.74 6.58 6.56
CA ILE E 50 46.03 8.02 6.53
C ILE E 50 47.20 8.31 7.47
N THR E 51 47.78 9.51 7.35
CA THR E 51 48.85 9.94 8.25
C THR E 51 48.24 10.39 9.57
N ASN E 52 49.09 10.51 10.60
CA ASN E 52 48.68 10.98 11.91
CA ASN E 52 48.67 10.98 11.91
C ASN E 52 47.94 12.32 11.79
N ASP E 53 48.32 13.14 10.81
CA ASP E 53 47.71 14.44 10.58
C ASP E 53 46.49 14.37 9.66
N GLY E 54 46.13 13.17 9.18
CA GLY E 54 44.91 12.96 8.42
C GLY E 54 45.05 13.03 6.90
N ILE E 55 46.28 13.03 6.36
CA ILE E 55 46.48 13.07 4.92
C ILE E 55 46.26 11.66 4.37
N GLY E 56 45.47 11.59 3.28
CA GLY E 56 45.26 10.32 2.61
C GLY E 56 46.54 9.78 1.98
N ILE E 57 46.79 8.48 2.17
CA ILE E 57 47.88 7.75 1.54
C ILE E 57 47.31 6.75 0.53
N ASN E 58 47.89 6.73 -0.66
CA ASN E 58 47.66 5.63 -1.60
C ASN E 58 48.65 4.52 -1.28
N PRO E 59 48.20 3.34 -0.80
CA PRO E 59 49.12 2.29 -0.37
C PRO E 59 49.76 1.44 -1.47
N ALA E 60 49.47 1.78 -2.74
CA ALA E 60 50.09 1.12 -3.89
C ALA E 60 51.41 1.80 -4.22
N GLN E 61 52.36 1.68 -3.30
CA GLN E 61 53.74 2.15 -3.39
C GLN E 61 54.51 1.37 -2.34
N THR E 62 55.85 1.45 -2.37
CA THR E 62 56.67 0.69 -1.44
C THR E 62 56.56 1.30 -0.04
N ALA E 63 56.74 0.43 0.98
CA ALA E 63 56.85 0.85 2.38
C ALA E 63 57.82 2.03 2.50
N GLY E 64 59.00 1.86 1.88
CA GLY E 64 60.07 2.83 1.88
C GLY E 64 59.62 4.22 1.42
N ASN E 65 58.84 4.27 0.33
CA ASN E 65 58.36 5.56 -0.17
C ASN E 65 57.31 6.17 0.75
N VAL E 66 56.48 5.30 1.36
CA VAL E 66 55.47 5.77 2.30
C VAL E 66 56.20 6.43 3.47
N PHE E 67 57.17 5.67 4.05
CA PHE E 67 58.00 6.17 5.11
C PHE E 67 58.61 7.53 4.77
N LEU E 68 59.20 7.66 3.57
CA LEU E 68 59.90 8.88 3.21
C LEU E 68 58.91 10.05 3.09
N LYS E 69 57.71 9.78 2.56
CA LYS E 69 56.77 10.87 2.34
C LYS E 69 56.05 11.25 3.63
N HIS E 70 55.86 10.30 4.57
CA HIS E 70 54.87 10.48 5.62
C HIS E 70 55.39 10.18 7.02
N GLY E 71 56.54 9.54 7.13
CA GLY E 71 57.02 9.14 8.44
C GLY E 71 56.41 7.82 8.87
N SER E 72 56.52 7.52 10.16
CA SER E 72 56.18 6.20 10.66
C SER E 72 54.81 6.17 11.33
N GLU E 73 54.20 7.35 11.56
CA GLU E 73 53.01 7.42 12.40
C GLU E 73 51.75 7.49 11.53
N LEU E 74 51.00 6.38 11.53
CA LEU E 74 49.86 6.26 10.62
C LEU E 74 48.62 5.76 11.36
N ARG E 75 47.46 5.95 10.70
CA ARG E 75 46.14 5.60 11.23
CA ARG E 75 46.15 5.60 11.24
C ARG E 75 45.36 4.80 10.19
N ILE E 76 44.91 3.61 10.61
CA ILE E 76 44.10 2.75 9.76
C ILE E 76 42.60 3.06 10.00
N ILE E 77 41.89 3.32 8.91
CA ILE E 77 40.46 3.58 8.86
C ILE E 77 39.79 2.31 8.35
N PRO E 78 39.19 1.46 9.23
CA PRO E 78 38.61 0.19 8.77
C PRO E 78 37.32 0.47 7.97
N MET F 1 -62.97 -25.95 5.07
CA MET F 1 -63.46 -24.54 4.77
C MET F 1 -63.15 -24.14 3.32
N SER F 2 -63.49 -22.88 3.01
CA SER F 2 -63.37 -22.29 1.69
C SER F 2 -61.91 -22.16 1.24
N LYS F 3 -61.64 -22.45 -0.04
CA LYS F 3 -60.29 -22.42 -0.58
C LYS F 3 -60.14 -21.37 -1.67
N VAL F 4 -58.94 -20.77 -1.77
CA VAL F 4 -58.58 -19.89 -2.87
C VAL F 4 -57.39 -20.47 -3.63
N SER F 5 -57.34 -20.16 -4.94
CA SER F 5 -56.30 -20.66 -5.82
C SER F 5 -55.40 -19.53 -6.31
N PHE F 6 -54.09 -19.76 -6.32
CA PHE F 6 -53.15 -18.78 -6.87
C PHE F 6 -52.29 -19.44 -7.95
N LYS F 7 -52.11 -18.69 -9.04
CA LYS F 7 -51.14 -19.02 -10.10
C LYS F 7 -49.92 -18.13 -9.91
N ILE F 8 -48.82 -18.74 -9.45
CA ILE F 8 -47.63 -17.99 -9.08
C ILE F 8 -46.56 -18.25 -10.14
N THR F 9 -46.11 -17.18 -10.81
CA THR F 9 -45.01 -17.30 -11.79
C THR F 9 -43.64 -16.90 -11.19
N LEU F 10 -42.62 -17.73 -11.47
CA LEU F 10 -41.24 -17.47 -11.08
C LEU F 10 -40.57 -16.54 -12.09
N THR F 11 -40.27 -15.31 -11.67
CA THR F 11 -39.78 -14.25 -12.55
C THR F 11 -38.30 -14.38 -12.88
N SER F 12 -37.57 -15.29 -12.23
CA SER F 12 -36.12 -15.34 -12.32
C SER F 12 -35.64 -16.45 -13.26
N ASP F 13 -36.60 -17.19 -13.82
CA ASP F 13 -36.32 -18.28 -14.75
C ASP F 13 -36.80 -17.85 -16.14
N PRO F 14 -35.96 -17.98 -17.20
CA PRO F 14 -36.35 -17.54 -18.54
C PRO F 14 -37.59 -18.24 -19.07
N ARG F 15 -37.85 -19.47 -18.61
CA ARG F 15 -39.05 -20.23 -18.98
C ARG F 15 -40.33 -19.65 -18.35
N LEU F 16 -40.18 -18.76 -17.35
CA LEU F 16 -41.28 -18.22 -16.56
C LEU F 16 -42.24 -19.32 -16.12
N PRO F 17 -41.78 -20.38 -15.40
CA PRO F 17 -42.69 -21.46 -15.01
C PRO F 17 -43.66 -20.98 -13.94
N TYR F 18 -44.83 -21.64 -13.83
CA TYR F 18 -45.80 -21.28 -12.81
C TYR F 18 -46.18 -22.51 -12.00
N LYS F 19 -46.76 -22.24 -10.82
CA LYS F 19 -47.35 -23.25 -9.96
C LYS F 19 -48.72 -22.75 -9.54
N VAL F 20 -49.71 -23.65 -9.60
CA VAL F 20 -51.04 -23.33 -9.10
C VAL F 20 -51.20 -23.96 -7.72
N LEU F 21 -51.52 -23.11 -6.73
CA LEU F 21 -51.65 -23.55 -5.35
C LEU F 21 -53.09 -23.38 -4.87
N SER F 22 -53.62 -24.42 -4.22
CA SER F 22 -54.90 -24.36 -3.52
C SER F 22 -54.66 -24.12 -2.04
N VAL F 23 -55.28 -23.05 -1.52
CA VAL F 23 -54.98 -22.55 -0.18
C VAL F 23 -56.26 -22.33 0.63
N PRO F 24 -56.39 -22.91 1.85
CA PRO F 24 -57.46 -22.52 2.78
C PRO F 24 -57.37 -21.02 3.07
N GLU F 25 -58.51 -20.33 2.99
CA GLU F 25 -58.55 -18.88 2.88
C GLU F 25 -57.97 -18.18 4.12
N SER F 26 -57.90 -18.89 5.25
CA SER F 26 -57.46 -18.29 6.49
C SER F 26 -55.94 -18.38 6.66
N THR F 27 -55.28 -19.19 5.81
CA THR F 27 -53.83 -19.31 5.79
C THR F 27 -53.19 -17.94 5.61
N PRO F 28 -52.19 -17.56 6.44
CA PRO F 28 -51.48 -16.30 6.25
C PRO F 28 -50.69 -16.46 4.95
N PHE F 29 -50.73 -15.41 4.11
CA PHE F 29 -50.13 -15.49 2.79
C PHE F 29 -48.61 -15.77 2.87
N THR F 30 -47.96 -15.35 3.96
CA THR F 30 -46.56 -15.68 4.20
C THR F 30 -46.29 -17.17 4.03
N ALA F 31 -47.24 -18.03 4.41
CA ALA F 31 -47.05 -19.47 4.28
C ALA F 31 -47.18 -19.92 2.84
N VAL F 32 -47.95 -19.15 2.04
CA VAL F 32 -48.12 -19.46 0.62
C VAL F 32 -46.82 -19.12 -0.13
N LEU F 33 -46.28 -17.94 0.17
CA LEU F 33 -45.01 -17.45 -0.37
C LEU F 33 -43.92 -18.49 -0.14
N LYS F 34 -43.84 -18.98 1.10
CA LYS F 34 -42.90 -20.01 1.51
C LYS F 34 -43.09 -21.26 0.66
N PHE F 35 -44.34 -21.71 0.52
CA PHE F 35 -44.65 -22.94 -0.20
C PHE F 35 -44.21 -22.81 -1.66
N ALA F 36 -44.55 -21.64 -2.28
CA ALA F 36 -44.22 -21.34 -3.65
C ALA F 36 -42.70 -21.36 -3.84
N ALA F 37 -41.99 -20.66 -2.94
CA ALA F 37 -40.54 -20.59 -3.02
C ALA F 37 -39.94 -22.00 -2.99
N GLU F 38 -40.43 -22.85 -2.07
CA GLU F 38 -39.93 -24.20 -1.92
C GLU F 38 -40.17 -24.99 -3.20
N GLU F 39 -41.34 -24.78 -3.82
CA GLU F 39 -41.70 -25.43 -5.08
C GLU F 39 -40.75 -25.03 -6.20
N PHE F 40 -40.31 -23.76 -6.19
CA PHE F 40 -39.43 -23.27 -7.24
C PHE F 40 -37.95 -23.42 -6.88
N LYS F 41 -37.65 -23.94 -5.69
CA LYS F 41 -36.30 -24.17 -5.19
C LYS F 41 -35.52 -22.86 -5.10
N VAL F 42 -36.18 -21.80 -4.63
CA VAL F 42 -35.51 -20.54 -4.37
C VAL F 42 -35.67 -20.26 -2.89
N PRO F 43 -34.75 -19.53 -2.22
CA PRO F 43 -34.86 -19.26 -0.78
C PRO F 43 -36.14 -18.54 -0.35
N ALA F 44 -36.92 -19.20 0.51
CA ALA F 44 -38.17 -18.66 1.00
C ALA F 44 -37.97 -17.28 1.63
N ALA F 45 -37.00 -17.19 2.55
CA ALA F 45 -36.83 -16.05 3.44
C ALA F 45 -36.69 -14.73 2.67
N THR F 46 -36.01 -14.79 1.52
CA THR F 46 -35.64 -13.60 0.75
C THR F 46 -36.63 -13.32 -0.40
N SER F 47 -37.59 -14.21 -0.65
CA SER F 47 -38.59 -14.04 -1.71
C SER F 47 -39.65 -13.00 -1.35
N ALA F 48 -40.08 -12.22 -2.36
CA ALA F 48 -41.19 -11.29 -2.27
C ALA F 48 -42.23 -11.63 -3.33
N ILE F 49 -43.41 -10.99 -3.24
CA ILE F 49 -44.53 -11.31 -4.12
C ILE F 49 -45.18 -10.03 -4.64
N ILE F 50 -45.47 -10.02 -5.96
CA ILE F 50 -46.16 -8.91 -6.61
C ILE F 50 -47.31 -9.46 -7.45
N THR F 51 -48.23 -8.57 -7.88
CA THR F 51 -49.33 -8.94 -8.77
C THR F 51 -48.80 -9.06 -10.19
N ASN F 52 -49.59 -9.69 -11.06
CA ASN F 52 -49.23 -9.83 -12.47
CA ASN F 52 -49.25 -9.82 -12.48
C ASN F 52 -48.91 -8.46 -13.08
N ASP F 53 -49.56 -7.40 -12.60
CA ASP F 53 -49.36 -6.04 -13.08
C ASP F 53 -48.19 -5.33 -12.38
N GLY F 54 -47.55 -6.00 -11.41
CA GLY F 54 -46.37 -5.44 -10.77
C GLY F 54 -46.60 -4.69 -9.46
N ILE F 55 -47.80 -4.77 -8.88
CA ILE F 55 -48.09 -4.08 -7.62
C ILE F 55 -47.52 -4.91 -6.48
N GLY F 56 -46.80 -4.24 -5.58
CA GLY F 56 -46.32 -4.89 -4.36
C GLY F 56 -47.46 -5.37 -3.47
N ILE F 57 -47.33 -6.60 -2.96
CA ILE F 57 -48.22 -7.19 -1.98
C ILE F 57 -47.47 -7.37 -0.66
N ASN F 58 -48.12 -6.98 0.44
CA ASN F 58 -47.62 -7.36 1.76
C ASN F 58 -48.20 -8.72 2.10
N PRO F 59 -47.39 -9.80 2.21
CA PRO F 59 -47.91 -11.14 2.46
C PRO F 59 -48.34 -11.47 3.89
N ALA F 60 -48.24 -10.49 4.80
CA ALA F 60 -48.70 -10.63 6.17
C ALA F 60 -50.19 -10.30 6.28
N GLN F 61 -51.01 -11.12 5.60
CA GLN F 61 -52.46 -11.05 5.56
C GLN F 61 -52.91 -12.43 5.11
N THR F 62 -54.21 -12.72 5.22
CA THR F 62 -54.72 -14.05 4.88
C THR F 62 -54.71 -14.22 3.36
N ALA F 63 -54.57 -15.48 2.92
CA ALA F 63 -54.71 -15.87 1.52
C ALA F 63 -55.97 -15.24 0.94
N GLY F 64 -57.08 -15.41 1.67
CA GLY F 64 -58.39 -14.91 1.33
C GLY F 64 -58.38 -13.43 0.97
N ASN F 65 -57.74 -12.61 1.81
CA ASN F 65 -57.69 -11.17 1.56
C ASN F 65 -56.79 -10.83 0.37
N VAL F 66 -55.70 -11.60 0.18
CA VAL F 66 -54.84 -11.39 -0.98
C VAL F 66 -55.66 -11.65 -2.24
N PHE F 67 -56.31 -12.81 -2.27
CA PHE F 67 -57.20 -13.18 -3.36
C PHE F 67 -58.21 -12.08 -3.65
N LEU F 68 -58.88 -11.55 -2.62
CA LEU F 68 -59.94 -10.57 -2.83
C LEU F 68 -59.36 -9.27 -3.38
N LYS F 69 -58.16 -8.89 -2.94
CA LYS F 69 -57.62 -7.60 -3.35
C LYS F 69 -56.99 -7.71 -4.74
N HIS F 70 -56.48 -8.91 -5.12
CA HIS F 70 -55.55 -8.99 -6.24
C HIS F 70 -55.88 -10.08 -7.25
N GLY F 71 -56.75 -11.01 -6.90
CA GLY F 71 -57.00 -12.14 -7.76
C GLY F 71 -55.96 -13.24 -7.57
N SER F 72 -55.90 -14.16 -8.52
CA SER F 72 -55.12 -15.37 -8.35
C SER F 72 -53.74 -15.30 -9.04
N GLU F 73 -53.50 -14.24 -9.84
CA GLU F 73 -52.33 -14.24 -10.71
C GLU F 73 -51.21 -13.40 -10.11
N LEU F 74 -50.16 -14.11 -9.65
CA LEU F 74 -49.07 -13.46 -8.93
C LEU F 74 -47.70 -13.88 -9.45
N ARG F 75 -46.70 -13.07 -9.08
CA ARG F 75 -45.31 -13.25 -9.49
CA ARG F 75 -45.31 -13.25 -9.49
C ARG F 75 -44.40 -13.19 -8.27
N ILE F 76 -43.60 -14.24 -8.09
CA ILE F 76 -42.63 -14.31 -7.02
C ILE F 76 -41.28 -13.75 -7.51
N ILE F 77 -40.74 -12.79 -6.75
CA ILE F 77 -39.43 -12.18 -6.96
C ILE F 77 -38.48 -12.79 -5.95
N PRO F 78 -37.61 -13.77 -6.34
CA PRO F 78 -36.71 -14.41 -5.37
C PRO F 78 -35.61 -13.42 -4.94
N MET G 1 -30.04 -7.32 -63.91
CA MET G 1 -31.46 -7.72 -64.14
C MET G 1 -32.06 -8.22 -62.83
N SER G 2 -31.76 -9.49 -62.50
CA SER G 2 -32.35 -10.27 -61.42
C SER G 2 -32.08 -9.68 -60.04
N LYS G 3 -33.09 -9.68 -59.17
CA LYS G 3 -32.98 -9.15 -57.82
C LYS G 3 -33.24 -10.25 -56.78
N VAL G 4 -32.57 -10.15 -55.62
CA VAL G 4 -32.86 -11.00 -54.47
C VAL G 4 -33.29 -10.13 -53.29
N SER G 5 -34.13 -10.73 -52.43
CA SER G 5 -34.64 -10.06 -51.25
C SER G 5 -34.12 -10.72 -49.97
N PHE G 6 -33.74 -9.86 -49.01
CA PHE G 6 -33.32 -10.35 -47.71
C PHE G 6 -34.15 -9.67 -46.63
N LYS G 7 -34.56 -10.48 -45.64
CA LYS G 7 -35.09 -9.98 -44.37
C LYS G 7 -33.99 -10.06 -43.32
N ILE G 8 -33.49 -8.88 -42.92
CA ILE G 8 -32.36 -8.79 -42.00
C ILE G 8 -32.87 -8.33 -40.63
N THR G 9 -32.68 -9.18 -39.61
CA THR G 9 -33.05 -8.79 -38.24
C THR G 9 -31.85 -8.28 -37.42
N LEU G 10 -32.06 -7.18 -36.69
CA LEU G 10 -31.06 -6.61 -35.78
C LEU G 10 -31.13 -7.33 -34.42
N THR G 11 -30.08 -8.10 -34.11
CA THR G 11 -30.05 -8.98 -32.95
C THR G 11 -29.77 -8.23 -31.63
N SER G 12 -29.39 -6.95 -31.69
CA SER G 12 -28.90 -6.24 -30.53
C SER G 12 -29.99 -5.34 -29.92
N ASP G 13 -31.17 -5.31 -30.55
CA ASP G 13 -32.31 -4.53 -30.08
C ASP G 13 -33.35 -5.49 -29.53
N PRO G 14 -33.89 -5.24 -28.30
CA PRO G 14 -34.87 -6.14 -27.70
C PRO G 14 -36.13 -6.33 -28.54
N ARG G 15 -36.48 -5.31 -29.36
CA ARG G 15 -37.63 -5.37 -30.26
CA ARG G 15 -37.63 -5.37 -30.26
C ARG G 15 -37.38 -6.31 -31.45
N LEU G 16 -36.11 -6.71 -31.67
CA LEU G 16 -35.68 -7.49 -32.83
C LEU G 16 -36.28 -6.94 -34.14
N PRO G 17 -36.06 -5.65 -34.49
CA PRO G 17 -36.66 -5.09 -35.70
C PRO G 17 -35.97 -5.70 -36.93
N TYR G 18 -36.69 -5.70 -38.06
CA TYR G 18 -36.12 -6.20 -39.31
C TYR G 18 -36.25 -5.16 -40.41
N LYS G 19 -35.44 -5.34 -41.46
CA LYS G 19 -35.51 -4.56 -42.69
C LYS G 19 -35.49 -5.54 -43.84
N VAL G 20 -36.40 -5.34 -44.82
CA VAL G 20 -36.39 -6.12 -46.05
C VAL G 20 -35.69 -5.31 -47.14
N LEU G 21 -34.63 -5.90 -47.71
CA LEU G 21 -33.82 -5.23 -48.72
C LEU G 21 -33.94 -5.97 -50.06
N SER G 22 -34.20 -5.19 -51.12
CA SER G 22 -34.17 -5.67 -52.49
C SER G 22 -32.82 -5.33 -53.10
N VAL G 23 -32.13 -6.38 -53.59
CA VAL G 23 -30.73 -6.25 -53.96
C VAL G 23 -30.50 -6.84 -55.37
N PRO G 24 -29.90 -6.08 -56.32
CA PRO G 24 -29.41 -6.68 -57.56
C PRO G 24 -28.41 -7.79 -57.25
N GLU G 25 -28.59 -8.95 -57.88
CA GLU G 25 -27.97 -10.19 -57.44
C GLU G 25 -26.44 -10.14 -57.52
N SER G 26 -25.90 -9.21 -58.32
CA SER G 26 -24.47 -9.17 -58.53
C SER G 26 -23.78 -8.25 -57.52
N THR G 27 -24.57 -7.49 -56.74
CA THR G 27 -24.05 -6.68 -55.65
C THR G 27 -23.25 -7.53 -54.68
N PRO G 28 -22.02 -7.11 -54.29
CA PRO G 28 -21.26 -7.85 -53.28
C PRO G 28 -22.02 -7.69 -51.98
N PHE G 29 -22.17 -8.80 -51.24
CA PHE G 29 -22.98 -8.80 -50.03
C PHE G 29 -22.44 -7.81 -48.98
N THR G 30 -21.13 -7.55 -48.98
CA THR G 30 -20.52 -6.52 -48.14
C THR G 30 -21.28 -5.19 -48.24
N ALA G 31 -21.78 -4.85 -49.43
CA ALA G 31 -22.51 -3.60 -49.61
C ALA G 31 -23.91 -3.68 -49.00
N VAL G 32 -24.46 -4.90 -48.92
CA VAL G 32 -25.78 -5.12 -48.32
C VAL G 32 -25.66 -4.95 -46.80
N LEU G 33 -24.64 -5.61 -46.23
CA LEU G 33 -24.30 -5.53 -44.81
C LEU G 33 -24.19 -4.07 -44.39
N LYS G 34 -23.44 -3.29 -45.17
CA LYS G 34 -23.25 -1.86 -44.96
C LYS G 34 -24.61 -1.15 -44.96
N PHE G 35 -25.43 -1.43 -45.97
CA PHE G 35 -26.71 -0.76 -46.13
C PHE G 35 -27.60 -1.05 -44.92
N ALA G 36 -27.65 -2.34 -44.52
CA ALA G 36 -28.43 -2.80 -43.38
C ALA G 36 -27.97 -2.11 -42.11
N ALA G 37 -26.65 -2.09 -41.89
CA ALA G 37 -26.08 -1.47 -40.71
C ALA G 37 -26.50 -0.01 -40.64
N GLU G 38 -26.39 0.71 -41.77
CA GLU G 38 -26.75 2.13 -41.80
C GLU G 38 -28.22 2.31 -41.47
N GLU G 39 -29.07 1.39 -41.97
CA GLU G 39 -30.51 1.38 -41.71
C GLU G 39 -30.78 1.23 -40.21
N PHE G 40 -29.98 0.40 -39.54
CA PHE G 40 -30.19 0.12 -38.13
C PHE G 40 -29.39 1.06 -37.22
N LYS G 41 -28.61 1.97 -37.82
CA LYS G 41 -27.79 2.96 -37.14
C LYS G 41 -26.75 2.28 -36.24
N VAL G 42 -26.13 1.19 -36.74
CA VAL G 42 -25.05 0.53 -36.04
C VAL G 42 -23.82 0.61 -36.94
N PRO G 43 -22.58 0.65 -36.41
CA PRO G 43 -21.39 0.77 -37.25
C PRO G 43 -21.21 -0.36 -38.28
N ALA G 44 -21.18 0.02 -39.56
CA ALA G 44 -21.03 -0.92 -40.65
C ALA G 44 -19.77 -1.78 -40.48
N ALA G 45 -18.63 -1.12 -40.21
CA ALA G 45 -17.31 -1.72 -40.25
C ALA G 45 -17.22 -2.95 -39.34
N THR G 46 -17.88 -2.89 -38.17
CA THR G 46 -17.75 -3.90 -37.13
C THR G 46 -18.89 -4.93 -37.17
N SER G 47 -19.90 -4.73 -38.03
CA SER G 47 -21.05 -5.64 -38.14
C SER G 47 -20.68 -6.93 -38.88
N ALA G 48 -21.26 -8.05 -38.42
CA ALA G 48 -21.19 -9.34 -39.08
C ALA G 48 -22.61 -9.83 -39.39
N ILE G 49 -22.73 -10.92 -40.17
CA ILE G 49 -24.02 -11.43 -40.59
C ILE G 49 -24.05 -12.95 -40.46
N ILE G 50 -25.18 -13.48 -39.94
CA ILE G 50 -25.40 -14.91 -39.82
C ILE G 50 -26.79 -15.26 -40.35
N THR G 51 -27.05 -16.56 -40.58
CA THR G 51 -28.37 -17.02 -41.00
C THR G 51 -29.31 -17.07 -39.81
N ASN G 52 -30.62 -17.17 -40.07
CA ASN G 52 -31.61 -17.29 -39.02
CA ASN G 52 -31.63 -17.29 -39.03
C ASN G 52 -31.28 -18.44 -38.08
N ASP G 53 -30.65 -19.50 -38.61
CA ASP G 53 -30.28 -20.68 -37.84
C ASP G 53 -28.90 -20.54 -37.18
N GLY G 54 -28.22 -19.39 -37.39
CA GLY G 54 -26.99 -19.07 -36.69
C GLY G 54 -25.69 -19.43 -37.43
N ILE G 55 -25.78 -19.78 -38.71
CA ILE G 55 -24.58 -20.15 -39.48
C ILE G 55 -23.88 -18.87 -39.91
N GLY G 56 -22.57 -18.83 -39.69
CA GLY G 56 -21.77 -17.68 -40.13
C GLY G 56 -21.73 -17.56 -41.67
N ILE G 57 -21.89 -16.33 -42.16
CA ILE G 57 -21.80 -16.00 -43.57
C ILE G 57 -20.57 -15.11 -43.80
N ASN G 58 -19.78 -15.47 -44.82
CA ASN G 58 -18.74 -14.59 -45.31
C ASN G 58 -19.38 -13.65 -46.34
N PRO G 59 -19.45 -12.33 -46.06
CA PRO G 59 -20.16 -11.40 -46.97
C PRO G 59 -19.41 -10.95 -48.21
N ALA G 60 -18.20 -11.48 -48.41
CA ALA G 60 -17.37 -11.19 -49.58
C ALA G 60 -17.71 -12.16 -50.70
N GLN G 61 -18.96 -12.05 -51.18
CA GLN G 61 -19.55 -12.82 -52.27
C GLN G 61 -20.77 -12.03 -52.71
N THR G 62 -21.35 -12.40 -53.85
CA THR G 62 -22.50 -11.67 -54.38
C THR G 62 -23.74 -11.95 -53.54
N ALA G 63 -24.66 -10.97 -53.50
CA ALA G 63 -25.97 -11.12 -52.89
C ALA G 63 -26.62 -12.42 -53.36
N GLY G 64 -26.59 -12.64 -54.68
CA GLY G 64 -27.15 -13.81 -55.34
C GLY G 64 -26.63 -15.12 -54.75
N ASN G 65 -25.32 -15.22 -54.52
CA ASN G 65 -24.76 -16.43 -53.94
C ASN G 65 -25.11 -16.59 -52.47
N VAL G 66 -25.22 -15.47 -51.75
CA VAL G 66 -25.66 -15.51 -50.37
C VAL G 66 -27.06 -16.08 -50.33
N PHE G 67 -27.95 -15.49 -51.13
CA PHE G 67 -29.32 -15.98 -51.28
C PHE G 67 -29.37 -17.48 -51.56
N LEU G 68 -28.54 -17.96 -52.51
CA LEU G 68 -28.57 -19.36 -52.92
C LEU G 68 -28.13 -20.26 -51.77
N LYS G 69 -27.11 -19.81 -51.03
CA LYS G 69 -26.54 -20.68 -50.02
C LYS G 69 -27.36 -20.63 -48.73
N HIS G 70 -28.05 -19.51 -48.46
CA HIS G 70 -28.52 -19.23 -47.10
C HIS G 70 -29.99 -18.80 -47.03
N GLY G 71 -30.59 -18.47 -48.16
CA GLY G 71 -31.95 -17.99 -48.15
C GLY G 71 -32.01 -16.49 -47.85
N SER G 72 -33.22 -16.01 -47.53
CA SER G 72 -33.44 -14.58 -47.42
C SER G 72 -33.45 -14.11 -45.96
N GLU G 73 -33.46 -15.06 -45.00
CA GLU G 73 -33.70 -14.68 -43.60
C GLU G 73 -32.38 -14.63 -42.85
N LEU G 74 -31.94 -13.41 -42.54
CA LEU G 74 -30.60 -13.22 -41.95
C LEU G 74 -30.64 -12.31 -40.73
N ARG G 75 -29.54 -12.37 -39.94
CA ARG G 75 -29.41 -11.67 -38.67
C ARG G 75 -28.06 -10.96 -38.64
N ILE G 76 -28.12 -9.64 -38.41
CA ILE G 76 -26.94 -8.81 -38.30
C ILE G 76 -26.49 -8.75 -36.83
N ILE G 77 -25.21 -9.06 -36.60
CA ILE G 77 -24.56 -9.02 -35.30
C ILE G 77 -23.69 -7.77 -35.28
N PRO G 78 -24.11 -6.65 -34.66
CA PRO G 78 -23.31 -5.42 -34.70
C PRO G 78 -22.05 -5.59 -33.83
N MET H 1 25.63 34.17 56.29
CA MET H 1 26.58 33.37 57.15
C MET H 1 27.47 32.48 56.30
N SER H 2 27.60 31.19 56.66
CA SER H 2 28.55 30.24 56.08
C SER H 2 28.23 29.95 54.60
N LYS H 3 29.29 29.82 53.78
CA LYS H 3 29.14 29.54 52.36
C LYS H 3 29.76 28.18 52.00
N VAL H 4 29.17 27.51 50.99
CA VAL H 4 29.76 26.32 50.40
C VAL H 4 30.03 26.57 48.91
N SER H 5 31.06 25.87 48.40
CA SER H 5 31.45 25.98 47.01
C SER H 5 31.22 24.68 46.26
N PHE H 6 30.71 24.80 45.02
CA PHE H 6 30.54 23.63 44.16
C PHE H 6 31.25 23.87 42.84
N LYS H 7 31.92 22.83 42.35
CA LYS H 7 32.42 22.75 40.97
C LYS H 7 31.47 21.86 40.18
N ILE H 8 30.70 22.51 39.28
CA ILE H 8 29.67 21.82 38.51
C ILE H 8 30.16 21.67 37.07
N THR H 9 30.27 20.42 36.60
CA THR H 9 30.66 20.15 35.21
C THR H 9 29.43 19.84 34.32
N LEU H 10 29.41 20.46 33.12
CA LEU H 10 28.40 20.21 32.10
C LEU H 10 28.78 18.96 31.29
N THR H 11 28.00 17.89 31.46
CA THR H 11 28.30 16.57 30.90
C THR H 11 27.99 16.44 29.41
N SER H 12 27.29 17.40 28.82
CA SER H 12 26.74 17.27 27.49
C SER H 12 27.59 18.01 26.45
N ASP H 13 28.65 18.68 26.92
CA ASP H 13 29.57 19.43 26.07
C ASP H 13 30.88 18.66 26.00
N PRO H 14 31.46 18.41 24.79
CA PRO H 14 32.70 17.63 24.67
C PRO H 14 33.86 18.26 25.44
N ARG H 15 33.86 19.59 25.64
CA ARG H 15 34.90 20.28 26.39
CA ARG H 15 34.94 20.22 26.39
C ARG H 15 34.78 20.00 27.89
N LEU H 16 33.65 19.44 28.34
CA LEU H 16 33.33 19.25 29.77
C LEU H 16 33.64 20.51 30.57
N PRO H 17 33.05 21.69 30.24
CA PRO H 17 33.38 22.92 30.97
C PRO H 17 32.76 22.86 32.37
N TYR H 18 33.35 23.62 33.31
CA TYR H 18 32.83 23.67 34.66
C TYR H 18 32.58 25.11 35.09
N LYS H 19 31.76 25.26 36.13
CA LYS H 19 31.54 26.53 36.81
C LYS H 19 31.68 26.27 38.30
N VAL H 20 32.40 27.17 38.99
CA VAL H 20 32.51 27.12 40.45
C VAL H 20 31.53 28.14 41.03
N LEU H 21 30.64 27.64 41.89
CA LEU H 21 29.60 28.46 42.49
C LEU H 21 29.78 28.57 44.00
N SER H 22 29.71 29.80 44.51
CA SER H 22 29.71 30.08 45.94
C SER H 22 28.26 30.28 46.39
N VAL H 23 27.86 29.48 47.39
CA VAL H 23 26.46 29.40 47.77
C VAL H 23 26.29 29.55 49.28
N PRO H 24 25.43 30.47 49.78
CA PRO H 24 25.03 30.45 51.19
C PRO H 24 24.40 29.11 51.54
N GLU H 25 24.83 28.51 52.65
CA GLU H 25 24.61 27.10 52.93
C GLU H 25 23.11 26.76 53.06
N SER H 26 22.28 27.77 53.33
CA SER H 26 20.86 27.52 53.57
C SER H 26 20.05 27.59 52.28
N THR H 27 20.67 28.04 51.18
CA THR H 27 20.04 28.06 49.87
C THR H 27 19.59 26.65 49.50
N PRO H 28 18.33 26.48 49.01
CA PRO H 28 17.87 25.17 48.54
C PRO H 28 18.69 24.87 47.28
N PHE H 29 19.17 23.63 47.20
CA PHE H 29 20.03 23.25 46.08
C PHE H 29 19.33 23.41 44.73
N THR H 30 18.00 23.29 44.69
CA THR H 30 17.23 23.55 43.48
C THR H 30 17.59 24.90 42.86
N ALA H 31 17.89 25.91 43.69
CA ALA H 31 18.26 27.22 43.17
C ALA H 31 19.66 27.22 42.58
N VAL H 32 20.52 26.32 43.08
CA VAL H 32 21.89 26.19 42.59
C VAL H 32 21.84 25.53 41.20
N LEU H 33 21.06 24.45 41.10
CA LEU H 33 20.83 23.72 39.85
C LEU H 33 20.39 24.68 38.77
N LYS H 34 19.39 25.51 39.10
CA LYS H 34 18.86 26.54 38.23
C LYS H 34 19.98 27.50 37.78
N PHE H 35 20.76 27.99 38.74
CA PHE H 35 21.81 28.96 38.46
C PHE H 35 22.84 28.35 37.51
N ALA H 36 23.24 27.10 37.79
CA ALA H 36 24.22 26.37 36.99
C ALA H 36 23.69 26.19 35.58
N ALA H 37 22.43 25.75 35.46
CA ALA H 37 21.82 25.52 34.17
C ALA H 37 21.85 26.82 33.36
N GLU H 38 21.47 27.94 33.98
CA GLU H 38 21.43 29.23 33.31
C GLU H 38 22.83 29.61 32.83
N GLU H 39 23.85 29.31 33.65
CA GLU H 39 25.24 29.57 33.34
C GLU H 39 25.67 28.78 32.11
N PHE H 40 25.17 27.55 31.98
CA PHE H 40 25.56 26.67 30.89
C PHE H 40 24.63 26.80 29.69
N LYS H 41 23.58 27.64 29.81
CA LYS H 41 22.59 27.89 28.76
C LYS H 41 21.86 26.59 28.40
N VAL H 42 21.51 25.78 29.41
CA VAL H 42 20.69 24.60 29.19
C VAL H 42 19.41 24.80 30.02
N PRO H 43 18.26 24.23 29.61
CA PRO H 43 17.01 24.43 30.37
C PRO H 43 17.06 23.94 31.82
N ALA H 44 16.81 24.87 32.74
CA ALA H 44 16.85 24.59 34.17
C ALA H 44 15.89 23.44 34.51
N ALA H 45 14.64 23.55 34.05
CA ALA H 45 13.54 22.71 34.49
C ALA H 45 13.82 21.23 34.27
N THR H 46 14.53 20.90 33.18
CA THR H 46 14.76 19.51 32.78
C THR H 46 16.13 18.98 33.24
N SER H 47 16.98 19.84 33.83
CA SER H 47 18.31 19.44 34.32
C SER H 47 18.22 18.63 35.61
N ALA H 48 19.11 17.64 35.73
CA ALA H 48 19.34 16.91 36.97
C ALA H 48 20.81 17.03 37.39
N ILE H 49 21.12 16.58 38.61
CA ILE H 49 22.47 16.71 39.16
C ILE H 49 22.91 15.38 39.80
N ILE H 50 24.16 14.99 39.52
CA ILE H 50 24.77 13.80 40.10
C ILE H 50 26.15 14.16 40.66
N THR H 51 26.71 13.27 41.48
CA THR H 51 28.06 13.45 42.02
C THR H 51 29.08 13.07 40.93
N ASN H 52 30.33 13.47 41.13
CA ASN H 52 31.43 13.13 40.25
C ASN H 52 31.49 11.62 40.01
N ASP H 53 31.11 10.84 41.01
CA ASP H 53 31.13 9.38 40.92
C ASP H 53 29.83 8.81 40.34
N GLY H 54 28.86 9.68 40.02
CA GLY H 54 27.64 9.23 39.35
C GLY H 54 26.45 8.92 40.26
N ILE H 55 26.52 9.28 41.55
CA ILE H 55 25.39 9.06 42.46
C ILE H 55 24.35 10.16 42.23
N GLY H 56 23.09 9.73 42.09
CA GLY H 56 21.99 10.67 41.97
C GLY H 56 21.78 11.48 43.25
N ILE H 57 21.58 12.78 43.07
CA ILE H 57 21.27 13.73 44.14
C ILE H 57 19.84 14.24 43.95
N ASN H 58 19.06 14.25 45.01
CA ASN H 58 17.80 14.99 45.04
C ASN H 58 18.11 16.41 45.45
N PRO H 59 17.90 17.43 44.57
CA PRO H 59 18.28 18.80 44.90
C PRO H 59 17.33 19.60 45.79
N ALA H 60 16.26 18.93 46.27
CA ALA H 60 15.33 19.54 47.22
C ALA H 60 15.87 19.38 48.66
N GLN H 61 17.00 20.03 48.93
CA GLN H 61 17.74 20.00 50.18
C GLN H 61 18.61 21.26 50.16
N THR H 62 19.16 21.66 51.32
CA THR H 62 20.01 22.85 51.36
C THR H 62 21.34 22.57 50.67
N ALA H 63 21.96 23.62 50.11
CA ALA H 63 23.30 23.55 49.56
C ALA H 63 24.25 22.86 50.55
N GLY H 64 24.17 23.33 51.81
CA GLY H 64 24.95 22.84 52.93
C GLY H 64 24.88 21.32 53.08
N ASN H 65 23.66 20.76 53.01
CA ASN H 65 23.49 19.32 53.16
C ASN H 65 24.01 18.56 51.94
N VAL H 66 23.87 19.16 50.75
CA VAL H 66 24.39 18.55 49.54
C VAL H 66 25.91 18.45 49.69
N PHE H 67 26.52 19.60 50.02
CA PHE H 67 27.96 19.67 50.28
C PHE H 67 28.41 18.59 51.27
N LEU H 68 27.69 18.43 52.39
CA LEU H 68 28.10 17.52 53.43
C LEU H 68 28.01 16.08 52.94
N LYS H 69 26.96 15.78 52.16
CA LYS H 69 26.76 14.39 51.77
C LYS H 69 27.63 14.02 50.58
N HIS H 70 28.02 15.00 49.73
CA HIS H 70 28.51 14.67 48.40
C HIS H 70 29.80 15.40 48.03
N GLY H 71 30.16 16.43 48.78
CA GLY H 71 31.33 17.20 48.41
C GLY H 71 30.99 18.28 47.39
N SER H 72 32.03 18.86 46.79
CA SER H 72 31.85 20.05 45.97
C SER H 72 31.85 19.71 44.48
N GLU H 73 32.20 18.47 44.12
CA GLU H 73 32.39 18.10 42.71
C GLU H 73 31.14 17.43 42.16
N LEU H 74 30.43 18.16 41.29
CA LEU H 74 29.15 17.67 40.78
C LEU H 74 29.06 17.81 39.26
N ARG H 75 28.08 17.08 38.69
CA ARG H 75 27.88 17.01 37.25
C ARG H 75 26.40 17.22 36.95
N ILE H 76 26.13 18.20 36.09
CA ILE H 76 24.78 18.51 35.64
C ILE H 76 24.47 17.71 34.36
N ILE H 77 23.35 16.98 34.41
CA ILE H 77 22.82 16.20 33.30
C ILE H 77 21.64 16.98 32.72
N PRO H 78 21.82 17.71 31.59
CA PRO H 78 20.74 18.57 31.08
C PRO H 78 19.63 17.69 30.48
PG ATP I . 4.27 16.68 19.68
O1G ATP I . 5.02 16.85 20.95
O2G ATP I . 4.97 17.27 18.51
O3G ATP I . 2.84 17.09 19.77
PB ATP I . 3.38 14.06 20.27
O1B ATP I . 3.24 14.56 21.62
O2B ATP I . 2.14 13.60 19.60
O3B ATP I . 4.22 15.11 19.40
PA ATP I . 5.79 12.60 20.81
O1A ATP I . 6.17 13.97 21.33
O2A ATP I . 6.63 12.12 19.69
O3A ATP I . 4.26 12.71 20.31
O5' ATP I . 5.72 11.76 22.19
C5' ATP I . 5.58 10.38 22.17
C4' ATP I . 4.30 9.82 22.77
O4' ATP I . 4.33 9.58 24.16
C3' ATP I . 3.01 10.58 22.49
O3' ATP I . 2.43 9.76 21.48
C2' ATP I . 2.27 10.42 23.80
O2' ATP I . 0.85 10.24 23.63
C1' ATP I . 3.00 9.28 24.52
N9 ATP I . 2.66 9.45 25.94
C8 ATP I . 2.95 10.49 26.74
N7 ATP I . 2.43 10.32 27.96
C5 ATP I . 1.77 9.16 27.96
C6 ATP I . 0.96 8.39 28.91
N6 ATP I . 0.76 8.82 30.15
N1 ATP I . 0.46 7.22 28.50
C2 ATP I . 0.68 6.72 27.25
N3 ATP I . 1.38 7.38 26.32
C4 ATP I . 1.94 8.58 26.62
MG MG J . 4.99 15.33 22.46
ZN ZN K . 15.94 5.71 43.18
MG MG L . 0.13 14.40 19.77
C1 EDO M . 7.08 2.72 7.63
O1 EDO M . 8.15 1.86 7.27
C2 EDO M . 7.52 4.05 7.05
O2 EDO M . 6.26 4.70 6.86
C1 EDO N . 11.03 3.96 8.56
O1 EDO N . 12.15 4.41 7.79
C2 EDO N . 11.36 4.48 9.95
O2 EDO N . 10.27 4.35 10.85
C1 EDO O . 22.76 15.27 26.12
O1 EDO O . 23.82 14.34 26.35
C2 EDO O . 21.72 15.06 27.21
O2 EDO O . 20.48 15.50 26.68
C1 EDO P . 34.39 14.69 19.14
O1 EDO P . 33.70 13.90 20.14
C2 EDO P . 33.53 15.86 18.66
O2 EDO P . 32.59 16.28 19.67
C1 EDO Q . 32.13 10.78 22.42
O1 EDO Q . 31.54 11.37 21.25
C2 EDO Q . 33.14 9.72 22.00
O2 EDO Q . 32.39 8.72 21.31
C1 EDO R . 32.37 9.80 27.98
O1 EDO R . 32.07 9.17 26.75
C2 EDO R . 32.68 11.26 27.68
O2 EDO R . 32.19 11.99 28.80
C1 EDO S . 4.38 10.72 16.37
O1 EDO S . 4.60 11.71 17.37
C2 EDO S . 5.65 10.70 15.52
O2 EDO S . 5.98 9.37 15.07
C1 EDO T . -4.69 -5.13 12.61
O1 EDO T . -4.25 -5.35 11.25
C2 EDO T . -5.69 -3.98 12.67
O2 EDO T . -5.23 -3.08 13.68
C1 EDO U . -4.81 -1.04 43.02
O1 EDO U . -3.56 -0.45 42.67
C2 EDO U . -4.56 -2.09 44.09
O2 EDO U . -5.83 -2.63 44.47
C1 EDO V . -4.79 -7.98 27.61
O1 EDO V . -4.71 -9.06 26.68
C2 EDO V . -6.06 -7.20 27.31
O2 EDO V . -6.30 -6.37 28.44
PG ATP W . 21.73 -6.83 0.56
O1G ATP W . 21.26 -7.39 1.87
O2G ATP W . 23.15 -6.44 0.52
O3G ATP W . 21.38 -7.73 -0.56
PB ATP W . 20.89 -4.68 -1.01
O1B ATP W . 22.22 -4.87 -1.69
O2B ATP W . 19.68 -5.00 -1.82
O3B ATP W . 20.84 -5.52 0.33
PA ATP W . 21.76 -2.37 0.43
O1A ATP W . 20.97 -1.81 1.53
O2A ATP W . 22.83 -3.36 0.78
O3A ATP W . 20.71 -3.12 -0.57
O5' ATP W . 22.58 -1.48 -0.59
C5' ATP W . 22.11 -0.22 -0.88
C4' ATP W . 21.80 -0.06 -2.36
O4' ATP W . 22.89 0.48 -3.09
C3' ATP W . 21.22 -1.21 -3.17
O3' ATP W . 19.84 -0.87 -3.37
C2' ATP W . 22.00 -1.11 -4.46
O2' ATP W . 21.30 -1.54 -5.63
C1' ATP W . 22.49 0.36 -4.48
N9 ATP W . 23.52 0.46 -5.54
C8 ATP W . 24.70 -0.21 -5.48
N7 ATP W . 25.44 0.02 -6.58
C5 ATP W . 24.75 0.83 -7.40
C6 ATP W . 24.98 1.40 -8.77
N6 ATP W . 26.10 1.20 -9.45
N1 ATP W . 24.04 2.21 -9.27
C2 ATP W . 22.89 2.45 -8.58
N3 ATP W . 22.62 1.95 -7.35
C4 ATP W . 23.49 1.13 -6.71
MG MG X . 23.98 -4.74 -0.47
ZN ZN Y . 41.83 12.80 -4.12
MG MG Z . 19.18 -6.31 -3.44
C1 EDO AA . 32.78 1.06 5.64
O1 EDO AA . 32.23 0.87 4.32
C2 EDO AA . 31.72 0.99 6.75
O2 EDO AA . 31.96 1.94 7.81
C1 EDO BA . 33.80 3.59 12.21
O1 EDO BA . 34.63 3.98 13.32
C2 EDO BA . 34.50 2.85 11.08
O2 EDO BA . 33.59 1.99 10.31
C1 EDO CA . 10.62 11.22 -12.78
O1 EDO CA . 11.74 10.68 -13.50
C2 EDO CA . 10.27 10.29 -11.63
O2 EDO CA . 8.88 9.96 -11.70
C1 EDO DA . 20.18 6.70 -19.08
O1 EDO DA . 21.18 6.34 -20.00
C2 EDO DA . 18.89 6.12 -19.61
O2 EDO DA . 17.92 6.94 -19.00
C1 EDO EA . 37.59 23.55 -3.07
O1 EDO EA . 37.89 23.73 -4.48
C2 EDO EA . 36.25 24.20 -2.73
O2 EDO EA . 36.15 24.31 -1.30
C1 EDO FA . 32.72 -3.25 0.07
O1 EDO FA . 31.70 -2.32 0.47
C2 EDO FA . 32.12 -4.32 -0.84
O2 EDO FA . 32.90 -4.37 -2.05
C1 EDO GA . 48.68 19.32 -4.87
O1 EDO GA . 48.16 18.81 -6.11
C2 EDO GA . 48.18 20.75 -4.74
O2 EDO GA . 48.13 21.06 -3.34
PG ATP HA . -19.19 -11.79 4.18
O1G ATP HA . -18.57 -12.07 5.53
O2G ATP HA . -18.56 -12.77 3.23
O3G ATP HA . -20.67 -11.79 4.13
PB ATP HA . -19.05 -8.94 4.37
O1B ATP HA . -17.89 -8.43 5.12
O2B ATP HA . -20.35 -9.13 5.10
O3B ATP HA . -18.72 -10.31 3.71
PA ATP HA . -20.34 -7.92 2.08
O1A ATP HA . -21.16 -9.08 2.43
O2A ATP HA . -19.63 -7.92 0.74
O3A ATP HA . -19.23 -7.80 3.27
O5' ATP HA . -21.46 -6.82 2.41
C5' ATP HA . -21.30 -5.48 2.15
C4' ATP HA . -21.25 -4.60 3.41
O4' ATP HA . -22.48 -4.00 3.84
C3' ATP HA . -20.50 -5.08 4.64
O3' ATP HA . -19.26 -4.37 4.55
C2' ATP HA . -21.32 -4.50 5.77
O2' ATP HA . -20.52 -4.02 6.85
C1' ATP HA . -22.15 -3.40 5.09
N9 ATP HA . -23.29 -3.15 6.01
C8 ATP HA . -24.23 -4.06 6.37
N7 ATP HA . -25.15 -3.53 7.22
C5 ATP HA . -24.74 -2.27 7.45
C6 ATP HA . -25.22 -1.20 8.30
N6 ATP HA . -26.33 -1.39 9.06
N1 ATP HA . -24.57 -0.03 8.25
C2 ATP HA . -23.47 0.15 7.50
N3 ATP HA . -22.97 -0.82 6.72
C4 ATP HA . -23.54 -2.03 6.66
MG MG IA . -21.99 -10.12 4.11
ZN ZN JA . -44.01 1.54 -0.19
MG MG KA . -17.17 -8.63 7.13
C1 EDO LA . -10.70 -3.47 -10.00
O1 EDO LA . -10.68 -4.57 -10.93
C2 EDO LA . -11.29 -3.95 -8.69
O2 EDO LA . -12.51 -3.21 -8.51
C1 EDO MA . -30.57 -10.83 -4.16
O1 EDO MA . -30.80 -10.93 -5.59
C2 EDO MA . -31.82 -11.15 -3.38
O2 EDO MA . -31.87 -12.56 -3.31
C1 EDO NA . -33.12 -11.99 -10.11
O1 EDO NA . -33.65 -12.52 -11.32
C2 EDO NA . -32.94 -13.12 -9.12
O2 EDO NA . -32.63 -12.36 -7.94
C1 EDO OA . -15.34 -7.28 -0.37
O1 EDO OA . -15.03 -6.29 -1.35
C2 EDO OA . -15.43 -6.58 0.97
O2 EDO OA . -16.46 -7.29 1.63
C1 EDO PA . -32.86 -10.31 -22.34
O1 EDO PA . -31.99 -9.33 -21.77
C2 EDO PA . -32.34 -11.68 -21.99
O2 EDO PA . -32.28 -11.72 -20.57
C1 EDO QA . -51.70 9.24 3.51
O1 EDO QA . -52.13 9.77 2.26
C2 EDO QA . -52.43 7.92 3.70
O2 EDO QA . -52.29 7.56 5.07
C1 PEG RA . -26.78 -12.87 2.88
O1 PEG RA . -26.85 -14.27 2.59
C2 PEG RA . -27.01 -12.10 1.59
O2 PEG RA . -28.01 -12.73 0.77
C3 PEG RA . -29.21 -11.97 0.57
C4 PEG RA . -28.96 -10.48 0.48
O4 PEG RA . -29.57 -9.84 1.61
PG ATP SA . -7.32 3.02 -25.35
O1G ATP SA . -8.28 3.90 -24.60
O2G ATP SA . -8.03 2.37 -26.49
O3G ATP SA . -6.05 3.70 -25.74
PB ATP SA . -5.81 0.79 -24.69
O1B ATP SA . -4.61 1.22 -23.99
O2B ATP SA . -5.73 0.54 -26.15
O3B ATP SA . -6.90 1.85 -24.34
PA ATP SA . -7.70 -1.28 -24.19
O1A ATP SA . -8.50 -1.18 -22.92
O2A ATP SA . -8.37 -0.60 -25.37
O3A ATP SA . -6.27 -0.59 -23.97
O5' ATP SA . -7.36 -2.67 -24.89
C5' ATP SA . -6.86 -3.80 -24.29
C4' ATP SA . -5.41 -4.20 -24.74
O4' ATP SA . -5.27 -5.08 -25.84
C3' ATP SA . -4.39 -3.09 -24.94
O3' ATP SA . -3.67 -3.15 -23.73
C2' ATP SA . -3.55 -3.64 -26.08
O2' ATP SA . -2.16 -3.36 -25.94
C1' ATP SA . -3.89 -5.14 -26.10
N9 ATP SA . -3.53 -5.67 -27.45
C8 ATP SA . -4.09 -5.31 -28.61
N7 ATP SA . -3.51 -5.94 -29.65
C5 ATP SA . -2.55 -6.73 -29.15
C6 ATP SA . -1.52 -7.62 -29.71
N6 ATP SA . -1.42 -7.82 -31.03
N1 ATP SA . -0.68 -8.24 -28.86
C2 ATP SA . -0.79 -8.03 -27.52
N3 ATP SA . -1.66 -7.22 -26.94
C4 ATP SA . -2.56 -6.54 -27.71
MG MG TA . -7.57 0.38 -27.15
ZN ZN UA . -14.48 -20.78 -39.20
MG MG VA . -2.76 2.12 -24.62
C1 EDO WA . -6.88 -3.48 -7.94
O1 EDO WA . -7.95 -3.85 -7.03
C2 EDO WA . -6.80 -1.96 -8.09
O2 EDO WA . -8.13 -1.40 -8.16
C1 EDO XA . -5.98 -0.39 -19.18
O1 EDO XA . -6.14 -0.33 -20.59
C2 EDO XA . -7.35 -0.28 -18.51
O2 EDO XA . -7.43 -1.15 -17.36
C1 EDO YA . 9.20 -13.56 -28.71
O1 EDO YA . 9.45 -14.27 -29.92
C2 EDO YA . 10.50 -13.54 -27.91
O2 EDO YA . 10.07 -13.46 -26.54
C1 EDO ZA . 0.96 -14.67 -38.86
O1 EDO ZA . 2.36 -14.41 -38.91
C2 EDO ZA . 0.29 -13.62 -37.97
O2 EDO ZA . -1.04 -14.09 -37.79
C1 EDO AB . -15.79 -28.83 -44.17
O1 EDO AB . -16.59 -27.66 -43.95
C2 EDO AB . -16.61 -30.04 -43.76
O2 EDO AB . -17.62 -29.69 -42.81
C1 EDO BB . -18.30 -5.37 -30.62
O1 EDO BB . -18.45 -4.54 -31.75
C2 EDO BB . -19.38 -4.92 -29.66
O2 EDO BB . -19.59 -5.98 -28.72
C1 EDO CB . -23.43 -6.78 -29.35
O1 EDO CB . -22.41 -5.78 -29.38
C2 EDO CB . -24.69 -6.19 -28.73
O2 EDO CB . -25.57 -7.29 -28.40
C1 EDO DB . -7.48 -7.11 -39.75
O1 EDO DB . -8.30 -7.31 -40.89
C2 EDO DB . -6.41 -6.08 -40.08
O2 EDO DB . -7.05 -4.82 -40.39
C1 EDO EB . -28.92 -18.79 -33.57
O1 EDO EB . -28.51 -18.09 -32.38
C2 EDO EB . -29.91 -17.93 -34.35
O2 EDO EB . -29.73 -16.52 -34.14
C1 EDO FB . -8.78 -21.80 -49.14
O1 EDO FB . -8.56 -23.11 -48.61
C2 EDO FB . -9.45 -20.96 -48.08
O2 EDO FB . -9.03 -19.63 -48.41
C1 PEG GB . 3.92 7.40 -7.54
O1 PEG GB . 3.13 8.57 -7.21
C2 PEG GB . 5.06 7.78 -8.46
O2 PEG GB . 4.93 7.07 -9.69
C3 PEG GB . 4.80 7.96 -10.84
C4 PEG GB . 5.22 7.24 -12.13
O4 PEG GB . 4.07 6.80 -12.90
C1 PEG HB . -11.09 -3.55 -23.97
O1 PEG HB . -10.25 -4.06 -22.96
C2 PEG HB . -10.78 -4.43 -25.17
O2 PEG HB . -11.99 -4.75 -25.87
C3 PEG HB . -12.31 -3.76 -26.85
C4 PEG HB . -13.16 -4.41 -27.93
O4 PEG HB . -12.95 -3.77 -29.20
C1 EDO IB . -53.77 -5.92 -18.48
O1 EDO IB . -53.01 -6.84 -19.31
C2 EDO IB . -54.24 -6.62 -17.22
O2 EDO IB . -53.23 -7.60 -16.88
C1 EDO JB . 30.23 8.64 36.33
O1 EDO JB . 29.43 8.22 35.19
C2 EDO JB . 30.09 10.14 36.58
O2 EDO JB . 29.60 10.93 35.46
#